data_2EEO
# 
_entry.id   2EEO 
# 
_audit_conform.dict_name       mmcif_pdbx.dic 
_audit_conform.dict_version    5.381 
_audit_conform.dict_location   http://mmcif.pdb.org/dictionaries/ascii/mmcif_pdbx.dic 
# 
loop_
_database_2.database_id 
_database_2.database_code 
_database_2.pdbx_database_accession 
_database_2.pdbx_DOI 
PDB   2EEO         pdb_00002eeo 10.2210/pdb2eeo/pdb 
RCSB  RCSB026571   ?            ?                   
WWPDB D_1000026571 ?            ?                   
# 
_pdbx_database_status.status_code                     REL 
_pdbx_database_status.entry_id                        2EEO 
_pdbx_database_status.recvd_initial_deposition_date   2007-02-16 
_pdbx_database_status.deposit_site                    PDBJ 
_pdbx_database_status.process_site                    PDBJ 
_pdbx_database_status.status_code_sf                  REL 
_pdbx_database_status.status_code_mr                  ? 
_pdbx_database_status.SG_entry                        ? 
_pdbx_database_status.status_code_cs                  ? 
_pdbx_database_status.methods_development_category    ? 
_pdbx_database_status.pdb_format_compatible           Y 
_pdbx_database_status.status_code_nmr_data            ? 
# 
_audit_author.name           'Goto, M.' 
_audit_author.pdbx_ordinal   1 
# 
_citation.id                        primary 
_citation.title                     'Crystal Structure of T.th. HB8 L-Aspartate-alpha-Decarboxylase' 
_citation.journal_abbrev            'To be Published' 
_citation.journal_volume            ? 
_citation.page_first                ? 
_citation.page_last                 ? 
_citation.year                      ? 
_citation.journal_id_ASTM           ? 
_citation.country                   ? 
_citation.journal_id_ISSN           ? 
_citation.journal_id_CSD            0353 
_citation.book_publisher            ? 
_citation.pdbx_database_id_PubMed   ? 
_citation.pdbx_database_id_DOI      ? 
# 
loop_
_citation_author.citation_id 
_citation_author.name 
_citation_author.ordinal 
_citation_author.identifier_ORCID 
primary 'Goto, M.'     1 ? 
primary 'Omi, R.'      2 ? 
primary 'Nakajima, O.' 3 ? 
primary 'Miyahara, I.' 4 ? 
primary 'Hirotsu, K.'  5 ? 
# 
_cell.entry_id           2EEO 
_cell.length_a           68.118 
_cell.length_b           68.118 
_cell.length_c           48.562 
_cell.angle_alpha        90.00 
_cell.angle_beta         90.00 
_cell.angle_gamma        90.00 
_cell.Z_PDB              8 
_cell.pdbx_unique_axis   ? 
_cell.length_a_esd       ? 
_cell.length_b_esd       ? 
_cell.length_c_esd       ? 
_cell.angle_alpha_esd    ? 
_cell.angle_beta_esd     ? 
_cell.angle_gamma_esd    ? 
# 
_symmetry.entry_id                         2EEO 
_symmetry.space_group_name_H-M             'I 4' 
_symmetry.pdbx_full_space_group_name_H-M   ? 
_symmetry.cell_setting                     ? 
_symmetry.Int_Tables_number                79 
_symmetry.space_group_name_Hall            ? 
# 
loop_
_entity.id 
_entity.type 
_entity.src_method 
_entity.pdbx_description 
_entity.formula_weight 
_entity.pdbx_number_of_molecules 
_entity.pdbx_ec 
_entity.pdbx_mutation 
_entity.pdbx_fragment 
_entity.details 
1 polymer     man 'Aspartate 1-decarboxylase' 2817.360  1   4.1.1.11 ? 'Aspartate 1-decarboxylase beta chain'  ? 
2 polymer     man 'Aspartate 1-decarboxylase' 10225.583 1   4.1.1.11 ? 'Aspartate 1-decarboxylase alpha chain' ? 
3 non-polymer syn 'PYRUVIC ACID'              88.062    1   ?        ? ?                                       ? 
4 non-polymer syn 'FUMARIC ACID'              116.072   1   ?        ? ?                                       ? 
5 water       nat water                       18.015    122 ?        ? ?                                       ? 
# 
loop_
_entity_name_com.entity_id 
_entity_name_com.name 
1 'L-Aspartate-alpha-Decarboxylase, Aspartate alpha-decarboxylase' 
2 'L-Aspartate-alpha-Decarboxylase, Aspartate alpha-decarboxylase' 
# 
loop_
_entity_poly.entity_id 
_entity_poly.type 
_entity_poly.nstd_linkage 
_entity_poly.nstd_monomer 
_entity_poly.pdbx_seq_one_letter_code 
_entity_poly.pdbx_seq_one_letter_code_can 
_entity_poly.pdbx_strand_id 
_entity_poly.pdbx_target_identifier 
1 'polypeptide(L)' no no MKRVMFHAKIHRATVTQADLHYVG                                                                           
MKRVMFHAKIHRATVTQADLHYVG                                                                           A ? 
2 'polypeptide(L)' no no 
;VTVDQDLLDAAGILPFEQVDIYDITNGARLTTYALPGERGSGVIGINGAAAHLVKPGDLVILVAYGVFDEEEARNLKPTV
VLVDERNRILEVRKG
;
;VTVDQDLLDAAGILPFEQVDIYDITNGARLTTYALPGERGSGVIGINGAAAHLVKPGDLVILVAYGVFDEEEARNLKPTV
VLVDERNRILEVRKG
;
B ? 
# 
loop_
_entity_poly_seq.entity_id 
_entity_poly_seq.num 
_entity_poly_seq.mon_id 
_entity_poly_seq.hetero 
1 1  MET n 
1 2  LYS n 
1 3  ARG n 
1 4  VAL n 
1 5  MET n 
1 6  PHE n 
1 7  HIS n 
1 8  ALA n 
1 9  LYS n 
1 10 ILE n 
1 11 HIS n 
1 12 ARG n 
1 13 ALA n 
1 14 THR n 
1 15 VAL n 
1 16 THR n 
1 17 GLN n 
1 18 ALA n 
1 19 ASP n 
1 20 LEU n 
1 21 HIS n 
1 22 TYR n 
1 23 VAL n 
1 24 GLY n 
2 1  VAL n 
2 2  THR n 
2 3  VAL n 
2 4  ASP n 
2 5  GLN n 
2 6  ASP n 
2 7  LEU n 
2 8  LEU n 
2 9  ASP n 
2 10 ALA n 
2 11 ALA n 
2 12 GLY n 
2 13 ILE n 
2 14 LEU n 
2 15 PRO n 
2 16 PHE n 
2 17 GLU n 
2 18 GLN n 
2 19 VAL n 
2 20 ASP n 
2 21 ILE n 
2 22 TYR n 
2 23 ASP n 
2 24 ILE n 
2 25 THR n 
2 26 ASN n 
2 27 GLY n 
2 28 ALA n 
2 29 ARG n 
2 30 LEU n 
2 31 THR n 
2 32 THR n 
2 33 TYR n 
2 34 ALA n 
2 35 LEU n 
2 36 PRO n 
2 37 GLY n 
2 38 GLU n 
2 39 ARG n 
2 40 GLY n 
2 41 SER n 
2 42 GLY n 
2 43 VAL n 
2 44 ILE n 
2 45 GLY n 
2 46 ILE n 
2 47 ASN n 
2 48 GLY n 
2 49 ALA n 
2 50 ALA n 
2 51 ALA n 
2 52 HIS n 
2 53 LEU n 
2 54 VAL n 
2 55 LYS n 
2 56 PRO n 
2 57 GLY n 
2 58 ASP n 
2 59 LEU n 
2 60 VAL n 
2 61 ILE n 
2 62 LEU n 
2 63 VAL n 
2 64 ALA n 
2 65 TYR n 
2 66 GLY n 
2 67 VAL n 
2 68 PHE n 
2 69 ASP n 
2 70 GLU n 
2 71 GLU n 
2 72 GLU n 
2 73 ALA n 
2 74 ARG n 
2 75 ASN n 
2 76 LEU n 
2 77 LYS n 
2 78 PRO n 
2 79 THR n 
2 80 VAL n 
2 81 VAL n 
2 82 LEU n 
2 83 VAL n 
2 84 ASP n 
2 85 GLU n 
2 86 ARG n 
2 87 ASN n 
2 88 ARG n 
2 89 ILE n 
2 90 LEU n 
2 91 GLU n 
2 92 VAL n 
2 93 ARG n 
2 94 LYS n 
2 95 GLY n 
# 
loop_
_entity_src_gen.entity_id 
_entity_src_gen.pdbx_src_id 
_entity_src_gen.pdbx_alt_source_flag 
_entity_src_gen.pdbx_seq_type 
_entity_src_gen.pdbx_beg_seq_num 
_entity_src_gen.pdbx_end_seq_num 
_entity_src_gen.gene_src_common_name 
_entity_src_gen.gene_src_genus 
_entity_src_gen.pdbx_gene_src_gene 
_entity_src_gen.gene_src_species 
_entity_src_gen.gene_src_strain 
_entity_src_gen.gene_src_tissue 
_entity_src_gen.gene_src_tissue_fraction 
_entity_src_gen.gene_src_details 
_entity_src_gen.pdbx_gene_src_fragment 
_entity_src_gen.pdbx_gene_src_scientific_name 
_entity_src_gen.pdbx_gene_src_ncbi_taxonomy_id 
_entity_src_gen.pdbx_gene_src_variant 
_entity_src_gen.pdbx_gene_src_cell_line 
_entity_src_gen.pdbx_gene_src_atcc 
_entity_src_gen.pdbx_gene_src_organ 
_entity_src_gen.pdbx_gene_src_organelle 
_entity_src_gen.pdbx_gene_src_cell 
_entity_src_gen.pdbx_gene_src_cellular_location 
_entity_src_gen.host_org_common_name 
_entity_src_gen.pdbx_host_org_scientific_name 
_entity_src_gen.pdbx_host_org_ncbi_taxonomy_id 
_entity_src_gen.host_org_genus 
_entity_src_gen.pdbx_host_org_gene 
_entity_src_gen.pdbx_host_org_organ 
_entity_src_gen.host_org_species 
_entity_src_gen.pdbx_host_org_tissue 
_entity_src_gen.pdbx_host_org_tissue_fraction 
_entity_src_gen.pdbx_host_org_strain 
_entity_src_gen.pdbx_host_org_variant 
_entity_src_gen.pdbx_host_org_cell_line 
_entity_src_gen.pdbx_host_org_atcc 
_entity_src_gen.pdbx_host_org_culture_collection 
_entity_src_gen.pdbx_host_org_cell 
_entity_src_gen.pdbx_host_org_organelle 
_entity_src_gen.pdbx_host_org_cellular_location 
_entity_src_gen.pdbx_host_org_vector_type 
_entity_src_gen.pdbx_host_org_vector 
_entity_src_gen.host_org_details 
_entity_src_gen.expression_system_id 
_entity_src_gen.plasmid_name 
_entity_src_gen.plasmid_details 
_entity_src_gen.pdbx_description 
1 1 sample ? ? ? ? Thermus ? 'Thermus thermophilus' HB8 ? ? ? ? 'Thermus thermophilus' 300852 ? ? ? ? ? ? ? ? 
'Escherichia coli BL21(DE3)' 469008 Escherichia ? ? 'Escherichia coli' ? ? 'BL21(DE3)' ? ? ? ? ? ? ? plasmid ? ? ? pET-11a ? ? 
2 1 sample ? ? ? ? Thermus ? 'Thermus thermophilus' HB8 ? ? ? ? 'Thermus thermophilus' 300852 ? ? ? ? ? ? ? ? 
'Escherichia coli BL21(DE3)' 469008 Escherichia ? ? 'Escherichia coli' ? ? 'BL21(DE3)' ? ? ? ? ? ? ? plasmid ? ? ? pET-11a ? ? 
# 
loop_
_struct_ref.id 
_struct_ref.db_name 
_struct_ref.db_code 
_struct_ref.pdbx_db_accession 
_struct_ref.entity_id 
_struct_ref.pdbx_seq_one_letter_code 
_struct_ref.pdbx_align_begin 
_struct_ref.pdbx_db_isoform 
1 UNP PAND_THET8 Q5SKN7 1 MKRVMFHAKIHRATVTQADLHYVG                                                                           1  ? 
2 UNP PAND_THET8 Q5SKN7 2 
;VTVDQDLLDAAGILPFEQVDIYDITNGARLTTYALPGERGSGVIGINGAAAHLVKPGDLVILVAYGVFDEEEARNLKPTV
VLVDERNRILEVRKG
;
26 ? 
# 
loop_
_struct_ref_seq.align_id 
_struct_ref_seq.ref_id 
_struct_ref_seq.pdbx_PDB_id_code 
_struct_ref_seq.pdbx_strand_id 
_struct_ref_seq.seq_align_beg 
_struct_ref_seq.pdbx_seq_align_beg_ins_code 
_struct_ref_seq.seq_align_end 
_struct_ref_seq.pdbx_seq_align_end_ins_code 
_struct_ref_seq.pdbx_db_accession 
_struct_ref_seq.db_align_beg 
_struct_ref_seq.pdbx_db_align_beg_ins_code 
_struct_ref_seq.db_align_end 
_struct_ref_seq.pdbx_db_align_end_ins_code 
_struct_ref_seq.pdbx_auth_seq_align_beg 
_struct_ref_seq.pdbx_auth_seq_align_end 
1 1 2EEO A 1 ? 24 ? Q5SKN7 1  ? 24  ? 1  24  
2 2 2EEO B 1 ? 95 ? Q5SKN7 26 ? 120 ? 26 120 
# 
loop_
_chem_comp.id 
_chem_comp.type 
_chem_comp.mon_nstd_flag 
_chem_comp.name 
_chem_comp.pdbx_synonyms 
_chem_comp.formula 
_chem_comp.formula_weight 
ALA 'L-peptide linking' y ALANINE         ? 'C3 H7 N O2'     89.093  
ARG 'L-peptide linking' y ARGININE        ? 'C6 H15 N4 O2 1' 175.209 
ASN 'L-peptide linking' y ASPARAGINE      ? 'C4 H8 N2 O3'    132.118 
ASP 'L-peptide linking' y 'ASPARTIC ACID' ? 'C4 H7 N O4'     133.103 
FUM non-polymer         . 'FUMARIC ACID'  ? 'C4 H4 O4'       116.072 
GLN 'L-peptide linking' y GLUTAMINE       ? 'C5 H10 N2 O3'   146.144 
GLU 'L-peptide linking' y 'GLUTAMIC ACID' ? 'C5 H9 N O4'     147.129 
GLY 'peptide linking'   y GLYCINE         ? 'C2 H5 N O2'     75.067  
HIS 'L-peptide linking' y HISTIDINE       ? 'C6 H10 N3 O2 1' 156.162 
HOH non-polymer         . WATER           ? 'H2 O'           18.015  
ILE 'L-peptide linking' y ISOLEUCINE      ? 'C6 H13 N O2'    131.173 
LEU 'L-peptide linking' y LEUCINE         ? 'C6 H13 N O2'    131.173 
LYS 'L-peptide linking' y LYSINE          ? 'C6 H15 N2 O2 1' 147.195 
MET 'L-peptide linking' y METHIONINE      ? 'C5 H11 N O2 S'  149.211 
PHE 'L-peptide linking' y PHENYLALANINE   ? 'C9 H11 N O2'    165.189 
PRO 'L-peptide linking' y PROLINE         ? 'C5 H9 N O2'     115.130 
PYR non-polymer         . 'PYRUVIC ACID'  ? 'C3 H4 O3'       88.062  
SER 'L-peptide linking' y SERINE          ? 'C3 H7 N O3'     105.093 
THR 'L-peptide linking' y THREONINE       ? 'C4 H9 N O3'     119.119 
TYR 'L-peptide linking' y TYROSINE        ? 'C9 H11 N O3'    181.189 
VAL 'L-peptide linking' y VALINE          ? 'C5 H11 N O2'    117.146 
# 
_exptl.entry_id          2EEO 
_exptl.method            'X-RAY DIFFRACTION' 
_exptl.crystals_number   1 
# 
_exptl_crystal.id                    1 
_exptl_crystal.density_meas          ? 
_exptl_crystal.density_Matthews      2.16 
_exptl_crystal.density_percent_sol   43.02 
_exptl_crystal.description           ? 
_exptl_crystal.F_000                 ? 
_exptl_crystal.preparation           ? 
# 
_exptl_crystal_grow.crystal_id      1 
_exptl_crystal_grow.method          'VAPOR DIFFUSION, HANGING DROP' 
_exptl_crystal_grow.temp            293 
_exptl_crystal_grow.temp_details    ? 
_exptl_crystal_grow.pH              7.0 
_exptl_crystal_grow.pdbx_details    'Na-,K-tartrate, Hepes-NaOH, pH 7.0, VAPOR DIFFUSION, HANGING DROP, temperature 293K' 
_exptl_crystal_grow.pdbx_pH_range   . 
# 
_diffrn.id                     1 
_diffrn.ambient_temp           100 
_diffrn.ambient_temp_details   ? 
_diffrn.crystal_id             1 
# 
_diffrn_detector.diffrn_id              1 
_diffrn_detector.detector               'IMAGE PLATE' 
_diffrn_detector.type                   'RIGAKU RAXIS IV' 
_diffrn_detector.pdbx_collection_date   2003-09-27 
_diffrn_detector.details                mirrors 
# 
_diffrn_radiation.diffrn_id                        1 
_diffrn_radiation.wavelength_id                    1 
_diffrn_radiation.pdbx_monochromatic_or_laue_m_l   M 
_diffrn_radiation.monochromator                    ? 
_diffrn_radiation.pdbx_diffrn_protocol             'SINGLE WAVELENGTH' 
_diffrn_radiation.pdbx_scattering_type             x-ray 
# 
_diffrn_radiation_wavelength.id           1 
_diffrn_radiation_wavelength.wavelength   1.5418 
_diffrn_radiation_wavelength.wt           1.0 
# 
_diffrn_source.diffrn_id                   1 
_diffrn_source.source                      'ROTATING ANODE' 
_diffrn_source.type                        RIGAKU 
_diffrn_source.pdbx_synchrotron_site       ? 
_diffrn_source.pdbx_synchrotron_beamline   ? 
_diffrn_source.pdbx_wavelength             ? 
_diffrn_source.pdbx_wavelength_list        1.5418 
# 
_reflns.entry_id                     2EEO 
_reflns.observed_criterion_sigma_I   ? 
_reflns.observed_criterion_sigma_F   ? 
_reflns.d_resolution_low             48.17 
_reflns.d_resolution_high            1.60 
_reflns.number_obs                   14405 
_reflns.number_all                   14772 
_reflns.percent_possible_obs         97.3 
_reflns.pdbx_Rmerge_I_obs            ? 
_reflns.pdbx_Rsym_value              ? 
_reflns.pdbx_netI_over_sigmaI        ? 
_reflns.B_iso_Wilson_estimate        13.9 
_reflns.pdbx_redundancy              ? 
_reflns.R_free_details               ? 
_reflns.limit_h_max                  ? 
_reflns.limit_h_min                  ? 
_reflns.limit_k_max                  ? 
_reflns.limit_k_min                  ? 
_reflns.limit_l_max                  ? 
_reflns.limit_l_min                  ? 
_reflns.observed_criterion_F_max     ? 
_reflns.observed_criterion_F_min     ? 
_reflns.pdbx_chi_squared             ? 
_reflns.pdbx_scaling_rejects         ? 
_reflns.pdbx_ordinal                 1 
_reflns.pdbx_diffrn_id               1 
# 
_reflns_shell.d_res_high             1.60 
_reflns_shell.d_res_low              1.65 
_reflns_shell.percent_possible_all   93.8 
_reflns_shell.Rmerge_I_obs           ? 
_reflns_shell.pdbx_Rsym_value        ? 
_reflns_shell.meanI_over_sigI_obs    ? 
_reflns_shell.pdbx_redundancy        ? 
_reflns_shell.percent_possible_obs   ? 
_reflns_shell.number_unique_all      ? 
_reflns_shell.number_measured_all    ? 
_reflns_shell.number_measured_obs    ? 
_reflns_shell.number_unique_obs      ? 
_reflns_shell.pdbx_chi_squared       ? 
_reflns_shell.pdbx_ordinal           1 
_reflns_shell.pdbx_diffrn_id         1 
# 
_refine.entry_id                                 2EEO 
_refine.ls_number_reflns_obs                     14405 
_refine.ls_number_reflns_all                     14772 
_refine.pdbx_ls_sigma_I                          ? 
_refine.pdbx_ls_sigma_F                          0.0 
_refine.pdbx_data_cutoff_high_absF               1257259.88 
_refine.pdbx_data_cutoff_low_absF                0.000000 
_refine.pdbx_data_cutoff_high_rms_absF           ? 
_refine.ls_d_res_low                             24.28 
_refine.ls_d_res_high                            1.60 
_refine.ls_percent_reflns_obs                    97.4 
_refine.ls_R_factor_obs                          0.18 
_refine.ls_R_factor_all                          ? 
_refine.ls_R_factor_R_work                       0.18 
_refine.ls_R_factor_R_free                       0.2 
_refine.ls_R_factor_R_free_error                 0.005 
_refine.ls_R_factor_R_free_error_details         ? 
_refine.ls_percent_reflns_R_free                 10.2 
_refine.ls_number_reflns_R_free                  1466 
_refine.ls_number_parameters                     ? 
_refine.ls_number_restraints                     ? 
_refine.occupancy_min                            ? 
_refine.occupancy_max                            ? 
_refine.correlation_coeff_Fo_to_Fc               ? 
_refine.correlation_coeff_Fo_to_Fc_free          ? 
_refine.B_iso_mean                               13.2 
_refine.aniso_B[1][1]                            -0.61 
_refine.aniso_B[2][2]                            -0.61 
_refine.aniso_B[3][3]                            1.21 
_refine.aniso_B[1][2]                            0.00 
_refine.aniso_B[1][3]                            0.00 
_refine.aniso_B[2][3]                            0.00 
_refine.solvent_model_details                    'FLAT MODEL' 
_refine.solvent_model_param_ksol                 0.389282 
_refine.solvent_model_param_bsol                 45.63 
_refine.pdbx_solvent_vdw_probe_radii             ? 
_refine.pdbx_solvent_ion_probe_radii             ? 
_refine.pdbx_solvent_shrinkage_radii             ? 
_refine.pdbx_ls_cross_valid_method               THROUGHOUT 
_refine.details                                  ? 
_refine.pdbx_starting_model                      'PDB ID: 1VC3' 
_refine.pdbx_method_to_determine_struct          'MOLECULAR REPLACEMENT' 
_refine.pdbx_isotropic_thermal_model             RESTRAINED 
_refine.pdbx_stereochemistry_target_values       ? 
_refine.pdbx_stereochem_target_val_spec_case     ? 
_refine.pdbx_R_Free_selection_details            RANDOM 
_refine.pdbx_overall_ESU_R                       ? 
_refine.pdbx_overall_ESU_R_Free                  ? 
_refine.overall_SU_ML                            ? 
_refine.overall_SU_B                             ? 
_refine.ls_redundancy_reflns_obs                 ? 
_refine.B_iso_min                                ? 
_refine.B_iso_max                                ? 
_refine.overall_SU_R_Cruickshank_DPI             ? 
_refine.overall_SU_R_free                        ? 
_refine.ls_wR_factor_R_free                      ? 
_refine.ls_wR_factor_R_work                      ? 
_refine.overall_FOM_free_R_set                   ? 
_refine.overall_FOM_work_R_set                   ? 
_refine.pdbx_overall_phase_error                 ? 
_refine.pdbx_refine_id                           'X-RAY DIFFRACTION' 
_refine.pdbx_diffrn_id                           1 
_refine.pdbx_TLS_residual_ADP_flag               ? 
_refine.pdbx_overall_SU_R_free_Cruickshank_DPI   ? 
_refine.pdbx_overall_SU_R_Blow_DPI               ? 
_refine.pdbx_overall_SU_R_free_Blow_DPI          ? 
# 
_refine_analyze.entry_id                        2EEO 
_refine_analyze.Luzzati_coordinate_error_obs    0.16 
_refine_analyze.Luzzati_sigma_a_obs             0.07 
_refine_analyze.Luzzati_d_res_low_obs           5.00 
_refine_analyze.Luzzati_coordinate_error_free   0.19 
_refine_analyze.Luzzati_sigma_a_free            0.12 
_refine_analyze.Luzzati_d_res_low_free          ? 
_refine_analyze.number_disordered_residues      ? 
_refine_analyze.occupancy_sum_hydrogen          ? 
_refine_analyze.occupancy_sum_non_hydrogen      ? 
_refine_analyze.pdbx_Luzzati_d_res_high_obs     ? 
_refine_analyze.pdbx_refine_id                  'X-RAY DIFFRACTION' 
# 
_refine_hist.pdbx_refine_id                   'X-RAY DIFFRACTION' 
_refine_hist.cycle_id                         LAST 
_refine_hist.pdbx_number_atoms_protein        912 
_refine_hist.pdbx_number_atoms_nucleic_acid   0 
_refine_hist.pdbx_number_atoms_ligand         13 
_refine_hist.number_atoms_solvent             122 
_refine_hist.number_atoms_total               1047 
_refine_hist.d_res_high                       1.60 
_refine_hist.d_res_low                        24.28 
# 
loop_
_refine_ls_restr.type 
_refine_ls_restr.dev_ideal 
_refine_ls_restr.dev_ideal_target 
_refine_ls_restr.weight 
_refine_ls_restr.number 
_refine_ls_restr.pdbx_refine_id 
_refine_ls_restr.pdbx_restraint_function 
c_bond_d           0.004 ?    ? ? 'X-RAY DIFFRACTION' ? 
c_angle_deg        1.4   ?    ? ? 'X-RAY DIFFRACTION' ? 
c_dihedral_angle_d 25.9  ?    ? ? 'X-RAY DIFFRACTION' ? 
c_improper_angle_d 0.74  ?    ? ? 'X-RAY DIFFRACTION' ? 
c_mcbond_it        1.07  1.50 ? ? 'X-RAY DIFFRACTION' ? 
c_mcangle_it       1.63  2.00 ? ? 'X-RAY DIFFRACTION' ? 
c_scbond_it        15.64 2.00 ? ? 'X-RAY DIFFRACTION' ? 
c_scangle_it       7.81  2.50 ? ? 'X-RAY DIFFRACTION' ? 
# 
_refine_ls_shell.pdbx_total_number_of_bins_used   6 
_refine_ls_shell.d_res_high                       1.60 
_refine_ls_shell.d_res_low                        1.70 
_refine_ls_shell.number_reflns_R_work             2140 
_refine_ls_shell.R_factor_R_work                  0.223 
_refine_ls_shell.percent_reflns_obs               97.0 
_refine_ls_shell.R_factor_R_free                  0.256 
_refine_ls_shell.R_factor_R_free_error            0.017 
_refine_ls_shell.percent_reflns_R_free            9.9 
_refine_ls_shell.number_reflns_R_free             236 
_refine_ls_shell.number_reflns_all                ? 
_refine_ls_shell.R_factor_all                     ? 
_refine_ls_shell.number_reflns_obs                ? 
_refine_ls_shell.redundancy_reflns_obs            ? 
_refine_ls_shell.pdbx_refine_id                   'X-RAY DIFFRACTION' 
# 
loop_
_pdbx_xplor_file.serial_no 
_pdbx_xplor_file.param_file 
_pdbx_xplor_file.topol_file 
_pdbx_xplor_file.pdbx_refine_id 
1 protein_rep.param protein.top   'X-RAY DIFFRACTION' 
2 water_rep.param   wat.top       'X-RAY DIFFRACTION' 
3 ion.param         ion.top       'X-RAY DIFFRACTION' 
4 pvl.param         pvl.top       'X-RAY DIFFRACTION' 
5 pvl_patch.param   pvl_patch.top 'X-RAY DIFFRACTION' 
6 fmr.param         fmr.top       'X-RAY DIFFRACTION' 
# 
_struct.entry_id                  2EEO 
_struct.title                     'Crystal Structure of T.th. HB8 L-Aspartate-alpha-Decarboxylase Complexed with Fumarate' 
_struct.pdbx_model_details        ? 
_struct.pdbx_CASP_flag            ? 
_struct.pdbx_model_type_details   ? 
# 
_struct_keywords.entry_id        2EEO 
_struct_keywords.pdbx_keywords   LYASE 
_struct_keywords.text            'Pyruvoyl group dependent enzyme, Lyase' 
# 
loop_
_struct_asym.id 
_struct_asym.pdbx_blank_PDB_chainid_flag 
_struct_asym.pdbx_modified 
_struct_asym.entity_id 
_struct_asym.details 
A N N 1 ? 
B N N 2 ? 
C N N 3 ? 
D N N 4 ? 
E N N 5 ? 
F N N 5 ? 
# 
_struct_biol.id        1 
_struct_biol.details   ? 
# 
loop_
_struct_conf.conf_type_id 
_struct_conf.id 
_struct_conf.pdbx_PDB_helix_id 
_struct_conf.beg_label_comp_id 
_struct_conf.beg_label_asym_id 
_struct_conf.beg_label_seq_id 
_struct_conf.pdbx_beg_PDB_ins_code 
_struct_conf.end_label_comp_id 
_struct_conf.end_label_asym_id 
_struct_conf.end_label_seq_id 
_struct_conf.pdbx_end_PDB_ins_code 
_struct_conf.beg_auth_comp_id 
_struct_conf.beg_auth_asym_id 
_struct_conf.beg_auth_seq_id 
_struct_conf.end_auth_comp_id 
_struct_conf.end_auth_asym_id 
_struct_conf.end_auth_seq_id 
_struct_conf.pdbx_PDB_helix_class 
_struct_conf.details 
_struct_conf.pdbx_PDB_helix_length 
HELX_P HELX_P1 1 GLN B 5  ? GLY B 12 ? GLN B 30 GLY B 37  1 ? 8 
HELX_P HELX_P2 2 ALA B 49 ? LEU B 53 ? ALA B 74 LEU B 78  5 ? 5 
HELX_P HELX_P3 3 ASP B 69 ? LEU B 76 ? ASP B 94 LEU B 101 1 ? 8 
# 
_struct_conf_type.id          HELX_P 
_struct_conf_type.criteria    ? 
_struct_conf_type.reference   ? 
# 
_struct_conn.id                            covale1 
_struct_conn.conn_type_id                  covale 
_struct_conn.pdbx_leaving_atom_flag        both 
_struct_conn.pdbx_PDB_id                   ? 
_struct_conn.ptnr1_label_asym_id           C 
_struct_conn.ptnr1_label_comp_id           PYR 
_struct_conn.ptnr1_label_seq_id            . 
_struct_conn.ptnr1_label_atom_id           C 
_struct_conn.pdbx_ptnr1_label_alt_id       ? 
_struct_conn.pdbx_ptnr1_PDB_ins_code       ? 
_struct_conn.pdbx_ptnr1_standard_comp_id   ? 
_struct_conn.ptnr1_symmetry                1_555 
_struct_conn.ptnr2_label_asym_id           B 
_struct_conn.ptnr2_label_comp_id           VAL 
_struct_conn.ptnr2_label_seq_id            1 
_struct_conn.ptnr2_label_atom_id           N 
_struct_conn.pdbx_ptnr2_label_alt_id       ? 
_struct_conn.pdbx_ptnr2_PDB_ins_code       ? 
_struct_conn.ptnr1_auth_asym_id            B 
_struct_conn.ptnr1_auth_comp_id            PYR 
_struct_conn.ptnr1_auth_seq_id             25 
_struct_conn.ptnr2_auth_asym_id            B 
_struct_conn.ptnr2_auth_comp_id            VAL 
_struct_conn.ptnr2_auth_seq_id             26 
_struct_conn.ptnr2_symmetry                1_555 
_struct_conn.pdbx_ptnr3_label_atom_id      ? 
_struct_conn.pdbx_ptnr3_label_seq_id       ? 
_struct_conn.pdbx_ptnr3_label_comp_id      ? 
_struct_conn.pdbx_ptnr3_label_asym_id      ? 
_struct_conn.pdbx_ptnr3_label_alt_id       ? 
_struct_conn.pdbx_ptnr3_PDB_ins_code       ? 
_struct_conn.details                       ? 
_struct_conn.pdbx_dist_value               1.345 
_struct_conn.pdbx_value_order              ? 
_struct_conn.pdbx_role                     ? 
# 
_struct_conn_type.id          covale 
_struct_conn_type.criteria    ? 
_struct_conn_type.reference   ? 
# 
loop_
_struct_sheet.id 
_struct_sheet.type 
_struct_sheet.number_strands 
_struct_sheet.details 
A ? 6 ? 
B ? 4 ? 
# 
loop_
_struct_sheet_order.sheet_id 
_struct_sheet_order.range_id_1 
_struct_sheet_order.range_id_2 
_struct_sheet_order.offset 
_struct_sheet_order.sense 
A 1 2 ? anti-parallel 
A 2 3 ? anti-parallel 
A 3 4 ? anti-parallel 
A 4 5 ? parallel      
A 5 6 ? anti-parallel 
B 1 2 ? parallel      
B 2 3 ? anti-parallel 
B 3 4 ? parallel      
# 
loop_
_struct_sheet_range.sheet_id 
_struct_sheet_range.id 
_struct_sheet_range.beg_label_comp_id 
_struct_sheet_range.beg_label_asym_id 
_struct_sheet_range.beg_label_seq_id 
_struct_sheet_range.pdbx_beg_PDB_ins_code 
_struct_sheet_range.end_label_comp_id 
_struct_sheet_range.end_label_asym_id 
_struct_sheet_range.end_label_seq_id 
_struct_sheet_range.pdbx_end_PDB_ins_code 
_struct_sheet_range.beg_auth_comp_id 
_struct_sheet_range.beg_auth_asym_id 
_struct_sheet_range.beg_auth_seq_id 
_struct_sheet_range.end_auth_comp_id 
_struct_sheet_range.end_auth_asym_id 
_struct_sheet_range.end_auth_seq_id 
A 1 ARG B 29 ? TYR B 33 ? ARG B 54  TYR B 58  
A 2 GLN B 18 ? ASP B 23 ? GLN B 43  ASP B 48  
A 3 LEU B 59 ? PHE B 68 ? LEU B 84  PHE B 93  
A 4 ARG A 3  ? THR A 14 ? ARG A 3   THR A 14  
A 5 THR B 79 ? VAL B 83 ? THR B 104 VAL B 108 
A 6 ILE B 89 ? LYS B 94 ? ILE B 114 LYS B 119 
B 1 GLN A 17 ? ASP A 19 ? GLN A 17  ASP A 19  
B 2 ILE B 44 ? ASN B 47 ? ILE B 69  ASN B 72  
B 3 THR B 2  ? ASP B 4  ? THR B 27  ASP B 29  
B 4 LEU B 35 ? GLY B 37 ? LEU B 60  GLY B 62  
# 
loop_
_pdbx_struct_sheet_hbond.sheet_id 
_pdbx_struct_sheet_hbond.range_id_1 
_pdbx_struct_sheet_hbond.range_id_2 
_pdbx_struct_sheet_hbond.range_1_label_atom_id 
_pdbx_struct_sheet_hbond.range_1_label_comp_id 
_pdbx_struct_sheet_hbond.range_1_label_asym_id 
_pdbx_struct_sheet_hbond.range_1_label_seq_id 
_pdbx_struct_sheet_hbond.range_1_PDB_ins_code 
_pdbx_struct_sheet_hbond.range_1_auth_atom_id 
_pdbx_struct_sheet_hbond.range_1_auth_comp_id 
_pdbx_struct_sheet_hbond.range_1_auth_asym_id 
_pdbx_struct_sheet_hbond.range_1_auth_seq_id 
_pdbx_struct_sheet_hbond.range_2_label_atom_id 
_pdbx_struct_sheet_hbond.range_2_label_comp_id 
_pdbx_struct_sheet_hbond.range_2_label_asym_id 
_pdbx_struct_sheet_hbond.range_2_label_seq_id 
_pdbx_struct_sheet_hbond.range_2_PDB_ins_code 
_pdbx_struct_sheet_hbond.range_2_auth_atom_id 
_pdbx_struct_sheet_hbond.range_2_auth_comp_id 
_pdbx_struct_sheet_hbond.range_2_auth_asym_id 
_pdbx_struct_sheet_hbond.range_2_auth_seq_id 
A 1 2 O LEU B 30 ? O LEU B 55  N ILE B 21 ? N ILE B 46  
A 2 3 N ASP B 20 ? N ASP B 45  O VAL B 63 ? O VAL B 88  
A 3 4 O PHE B 68 ? O PHE B 93  N ARG A 3  ? N ARG A 3   
A 4 5 N HIS A 11 ? N HIS A 11  O VAL B 81 ? O VAL B 106 
A 5 6 N LEU B 82 ? N LEU B 107 O GLU B 91 ? O GLU B 116 
B 1 2 N ASP A 19 ? N ASP A 19  O ILE B 46 ? O ILE B 71  
B 2 3 O GLY B 45 ? O GLY B 70  N THR B 2  ? N THR B 27  
B 3 4 N VAL B 3  ? N VAL B 28  O LEU B 35 ? O LEU B 60  
# 
loop_
_struct_site.id 
_struct_site.pdbx_evidence_code 
_struct_site.pdbx_auth_asym_id 
_struct_site.pdbx_auth_comp_id 
_struct_site.pdbx_auth_seq_id 
_struct_site.pdbx_auth_ins_code 
_struct_site.pdbx_num_residues 
_struct_site.details 
AC1 Software B PYR 25  ? 8  'BINDING SITE FOR RESIDUE PYR B 25'  
AC2 Software B FUM 501 ? 10 'BINDING SITE FOR RESIDUE FUM B 501' 
# 
loop_
_struct_site_gen.id 
_struct_site_gen.site_id 
_struct_site_gen.pdbx_num_res 
_struct_site_gen.label_comp_id 
_struct_site_gen.label_asym_id 
_struct_site_gen.label_seq_id 
_struct_site_gen.pdbx_auth_ins_code 
_struct_site_gen.auth_comp_id 
_struct_site_gen.auth_asym_id 
_struct_site_gen.auth_seq_id 
_struct_site_gen.label_atom_id 
_struct_site_gen.label_alt_id 
_struct_site_gen.symmetry 
_struct_site_gen.details 
1  AC1 8  HOH E .  ? HOH A 38  . ? 1_555 ? 
2  AC1 8  VAL B 1  ? VAL B 26  . ? 1_555 ? 
3  AC1 8  THR B 2  ? THR B 27  . ? 1_555 ? 
4  AC1 8  THR B 32 ? THR B 57  . ? 1_555 ? 
5  AC1 8  TYR B 33 ? TYR B 58  . ? 1_555 ? 
6  AC1 8  GLY B 45 ? GLY B 70  . ? 1_555 ? 
7  AC1 8  ASN B 47 ? ASN B 72  . ? 1_555 ? 
8  AC1 8  HOH F .  ? HOH B 581 . ? 1_555 ? 
9  AC2 10 LYS A 9  ? LYS A 9   . ? 4_665 ? 
10 AC2 10 TYR A 22 ? TYR A 22  . ? 1_555 ? 
11 AC2 10 TYR B 22 ? TYR B 47  . ? 4_665 ? 
12 AC2 10 ARG B 29 ? ARG B 54  . ? 4_665 ? 
13 AC2 10 THR B 32 ? THR B 57  . ? 1_555 ? 
14 AC2 10 TYR B 33 ? TYR B 58  . ? 1_555 ? 
15 AC2 10 ASN B 47 ? ASN B 72  . ? 1_555 ? 
16 AC2 10 ALA B 49 ? ALA B 74  . ? 1_555 ? 
17 AC2 10 ALA B 50 ? ALA B 75  . ? 1_555 ? 
18 AC2 10 ILE B 61 ? ILE B 86  . ? 4_665 ? 
# 
_atom_sites.entry_id                    2EEO 
_atom_sites.fract_transf_matrix[1][1]   0.00158070 
_atom_sites.fract_transf_matrix[1][2]   0.01185089 
_atom_sites.fract_transf_matrix[1][3]   -0.00851823 
_atom_sites.fract_transf_matrix[2][1]   0.00108009 
_atom_sites.fract_transf_matrix[2][2]   0.00844956 
_atom_sites.fract_transf_matrix[2][3]   0.01195578 
_atom_sites.fract_transf_matrix[3][1]   0.02041614 
_atom_sites.fract_transf_matrix[3][2]   -0.00268495 
_atom_sites.fract_transf_matrix[3][3]   0.00005314 
_atom_sites.fract_transf_vector[1]      0.850686 
_atom_sites.fract_transf_vector[2]      0.187053 
_atom_sites.fract_transf_vector[3]      0.010475 
# 
loop_
_atom_type.symbol 
C 
N 
O 
S 
# 
loop_
_atom_site.group_PDB 
_atom_site.id 
_atom_site.type_symbol 
_atom_site.label_atom_id 
_atom_site.label_alt_id 
_atom_site.label_comp_id 
_atom_site.label_asym_id 
_atom_site.label_entity_id 
_atom_site.label_seq_id 
_atom_site.pdbx_PDB_ins_code 
_atom_site.Cartn_x 
_atom_site.Cartn_y 
_atom_site.Cartn_z 
_atom_site.occupancy 
_atom_site.B_iso_or_equiv 
_atom_site.pdbx_formal_charge 
_atom_site.auth_seq_id 
_atom_site.auth_comp_id 
_atom_site.auth_asym_id 
_atom_site.auth_atom_id 
_atom_site.pdbx_PDB_model_num 
ATOM   1    N N   . MET A 1 1  ? 16.471  -10.372 -19.955 1.00 13.60 ? 1   MET A N   1 
ATOM   2    C CA  . MET A 1 1  ? 15.142  -9.745  -19.699 1.00 12.16 ? 1   MET A CA  1 
ATOM   3    C C   . MET A 1 1  ? 14.941  -9.468  -18.216 1.00 12.07 ? 1   MET A C   1 
ATOM   4    O O   . MET A 1 1  ? 15.326  -10.271 -17.363 1.00 13.91 ? 1   MET A O   1 
ATOM   5    C CB  . MET A 1 1  ? 14.007  -10.660 -20.181 1.00 12.66 ? 1   MET A CB  1 
ATOM   6    C CG  . MET A 1 1  ? 12.612  -10.076 -19.952 1.00 13.83 ? 1   MET A CG  1 
ATOM   7    S SD  . MET A 1 1  ? 11.231  -11.232 -20.224 1.00 16.04 ? 1   MET A SD  1 
ATOM   8    C CE  . MET A 1 1  ? 10.979  -11.855 -18.595 1.00 14.15 ? 1   MET A CE  1 
ATOM   9    N N   . LYS A 1 2  ? 14.340  -8.324  -17.915 1.00 12.06 ? 2   LYS A N   1 
ATOM   10   C CA  . LYS A 1 2  ? 14.051  -7.962  -16.538 1.00 11.84 ? 2   LYS A CA  1 
ATOM   11   C C   . LYS A 1 2  ? 12.570  -8.252  -16.354 1.00 11.64 ? 2   LYS A C   1 
ATOM   12   O O   . LYS A 1 2  ? 11.784  -8.070  -17.281 1.00 11.24 ? 2   LYS A O   1 
ATOM   13   C CB  . LYS A 1 2  ? 14.324  -6.473  -16.302 1.00 14.19 ? 2   LYS A CB  1 
ATOM   14   C CG  . LYS A 1 2  ? 15.765  -6.055  -16.556 1.00 18.60 ? 2   LYS A CG  1 
ATOM   15   C CD  . LYS A 1 2  ? 16.735  -6.832  -15.681 1.00 22.94 ? 2   LYS A CD  1 
ATOM   16   C CE  . LYS A 1 2  ? 18.170  -6.390  -15.924 1.00 25.47 ? 2   LYS A CE  1 
ATOM   17   N NZ  . LYS A 1 2  ? 18.583  -6.582  -17.342 1.00 29.58 ? 2   LYS A NZ  1 
ATOM   18   N N   . ARG A 1 3  ? 12.194  -8.719  -15.170 1.00 10.87 ? 3   ARG A N   1 
ATOM   19   C CA  . ARG A 1 3  ? 10.796  -9.026  -14.895 1.00 12.14 ? 3   ARG A CA  1 
ATOM   20   C C   . ARG A 1 3  ? 10.203  -8.058  -13.892 1.00 12.05 ? 3   ARG A C   1 
ATOM   21   O O   . ARG A 1 3  ? 10.880  -7.616  -12.967 1.00 11.55 ? 3   ARG A O   1 
ATOM   22   C CB  . ARG A 1 3  ? 10.648  -10.449 -14.350 1.00 14.36 ? 3   ARG A CB  1 
ATOM   23   C CG  . ARG A 1 3  ? 10.990  -11.543 -15.346 1.00 18.17 ? 3   ARG A CG  1 
ATOM   24   C CD  . ARG A 1 3  ? 10.749  -12.921 -14.757 1.00 19.95 ? 3   ARG A CD  1 
ATOM   25   N NE  . ARG A 1 3  ? 11.278  -13.975 -15.618 1.00 18.77 ? 3   ARG A NE  1 
ATOM   26   C CZ  . ARG A 1 3  ? 10.544  -14.722 -16.437 1.00 17.93 ? 3   ARG A CZ  1 
ATOM   27   N NH1 . ARG A 1 3  ? 9.232   -14.544 -16.516 1.00 16.77 ? 3   ARG A NH1 1 
ATOM   28   N NH2 . ARG A 1 3  ? 11.129  -15.648 -17.186 1.00 17.38 ? 3   ARG A NH2 1 
ATOM   29   N N   . VAL A 1 4  ? 8.935   -7.715  -14.091 1.00 10.27 ? 4   VAL A N   1 
ATOM   30   C CA  . VAL A 1 4  ? 8.237   -6.836  -13.162 1.00 9.90  ? 4   VAL A CA  1 
ATOM   31   C C   . VAL A 1 4  ? 7.571   -7.816  -12.206 1.00 8.49  ? 4   VAL A C   1 
ATOM   32   O O   . VAL A 1 4  ? 6.783   -8.660  -12.631 1.00 8.59  ? 4   VAL A O   1 
ATOM   33   C CB  . VAL A 1 4  ? 7.172   -5.986  -13.879 1.00 9.42  ? 4   VAL A CB  1 
ATOM   34   C CG1 . VAL A 1 4  ? 6.408   -5.141  -12.867 1.00 10.12 ? 4   VAL A CG1 1 
ATOM   35   C CG2 . VAL A 1 4  ? 7.841   -5.094  -14.920 1.00 11.48 ? 4   VAL A CG2 1 
ATOM   36   N N   . MET A 1 5  ? 7.908   -7.715  -10.922 1.00 7.65  ? 5   MET A N   1 
ATOM   37   C CA  . MET A 1 5  ? 7.375   -8.631  -9.915  1.00 7.54  ? 5   MET A CA  1 
ATOM   38   C C   . MET A 1 5  ? 6.754   -7.931  -8.716  1.00 6.02  ? 5   MET A C   1 
ATOM   39   O O   . MET A 1 5  ? 7.206   -6.865  -8.304  1.00 6.26  ? 5   MET A O   1 
ATOM   40   C CB  . MET A 1 5  ? 8.502   -9.522  -9.382  1.00 9.83  ? 5   MET A CB  1 
ATOM   41   C CG  . MET A 1 5  ? 9.395   -10.144 -10.435 1.00 13.88 ? 5   MET A CG  1 
ATOM   42   S SD  . MET A 1 5  ? 8.670   -11.603 -11.161 1.00 16.82 ? 5   MET A SD  1 
ATOM   43   C CE  . MET A 1 5  ? 9.006   -12.826 -9.882  1.00 15.73 ? 5   MET A CE  1 
ATOM   44   N N   . PHE A 1 6  ? 5.721   -8.550  -8.154  1.00 6.25  ? 6   PHE A N   1 
ATOM   45   C CA  . PHE A 1 6  ? 5.070   -8.037  -6.953  1.00 6.54  ? 6   PHE A CA  1 
ATOM   46   C C   . PHE A 1 6  ? 6.098   -8.289  -5.843  1.00 5.99  ? 6   PHE A C   1 
ATOM   47   O O   . PHE A 1 6  ? 6.531   -9.424  -5.652  1.00 7.32  ? 6   PHE A O   1 
ATOM   48   C CB  . PHE A 1 6  ? 3.759   -8.818  -6.732  1.00 6.26  ? 6   PHE A CB  1 
ATOM   49   C CG  . PHE A 1 6  ? 3.476   -9.202  -5.296  1.00 5.86  ? 6   PHE A CG  1 
ATOM   50   C CD1 . PHE A 1 6  ? 3.297   -8.239  -4.310  1.00 4.80  ? 6   PHE A CD1 1 
ATOM   51   C CD2 . PHE A 1 6  ? 3.322   -10.541 -4.953  1.00 7.35  ? 6   PHE A CD2 1 
ATOM   52   C CE1 . PHE A 1 6  ? 2.967   -8.605  -3.004  1.00 7.24  ? 6   PHE A CE1 1 
ATOM   53   C CE2 . PHE A 1 6  ? 2.991   -10.921 -3.653  1.00 7.66  ? 6   PHE A CE2 1 
ATOM   54   C CZ  . PHE A 1 6  ? 2.813   -9.950  -2.674  1.00 8.13  ? 6   PHE A CZ  1 
ATOM   55   N N   . HIS A 1 7  ? 6.514   -7.239  -5.136  1.00 4.80  ? 7   HIS A N   1 
ATOM   56   C CA  . HIS A 1 7  ? 7.512   -7.425  -4.086  1.00 5.83  ? 7   HIS A CA  1 
ATOM   57   C C   . HIS A 1 7  ? 7.003   -7.168  -2.678  1.00 5.69  ? 7   HIS A C   1 
ATOM   58   O O   . HIS A 1 7  ? 7.612   -7.620  -1.708  1.00 6.59  ? 7   HIS A O   1 
ATOM   59   C CB  . HIS A 1 7  ? 8.769   -6.575  -4.381  1.00 5.52  ? 7   HIS A CB  1 
ATOM   60   C CG  . HIS A 1 7  ? 8.681   -5.143  -3.943  1.00 6.21  ? 7   HIS A CG  1 
ATOM   61   N ND1 . HIS A 1 7  ? 8.871   -4.748  -2.635  1.00 6.17  ? 7   HIS A ND1 1 
ATOM   62   C CD2 . HIS A 1 7  ? 8.493   -4.003  -4.654  1.00 4.98  ? 7   HIS A CD2 1 
ATOM   63   C CE1 . HIS A 1 7  ? 8.807   -3.429  -2.560  1.00 7.04  ? 7   HIS A CE1 1 
ATOM   64   N NE2 . HIS A 1 7  ? 8.579   -2.953  -3.771  1.00 6.95  ? 7   HIS A NE2 1 
ATOM   65   N N   . ALA A 1 8  ? 5.877   -6.470  -2.555  1.00 6.25  ? 8   ALA A N   1 
ATOM   66   C CA  . ALA A 1 8  ? 5.322   -6.182  -1.239  1.00 6.06  ? 8   ALA A CA  1 
ATOM   67   C C   . ALA A 1 8  ? 3.895   -5.677  -1.325  1.00 5.76  ? 8   ALA A C   1 
ATOM   68   O O   . ALA A 1 8  ? 3.489   -5.106  -2.335  1.00 6.33  ? 8   ALA A O   1 
ATOM   69   C CB  . ALA A 1 8  ? 6.177   -5.152  -0.534  1.00 7.22  ? 8   ALA A CB  1 
ATOM   70   N N   . LYS A 1 9  ? 3.137   -5.890  -0.255  1.00 6.75  ? 9   LYS A N   1 
ATOM   71   C CA  . LYS A 1 9  ? 1.757   -5.430  -0.204  1.00 7.06  ? 9   LYS A CA  1 
ATOM   72   C C   . LYS A 1 9  ? 1.265   -5.322  1.226   1.00 7.77  ? 9   LYS A C   1 
ATOM   73   O O   . LYS A 1 9  ? 1.787   -5.978  2.130   1.00 8.03  ? 9   LYS A O   1 
ATOM   74   C CB  . LYS A 1 9  ? 0.833   -6.393  -0.955  1.00 8.24  ? 9   LYS A CB  1 
ATOM   75   C CG  . LYS A 1 9  ? 0.795   -7.788  -0.348  1.00 9.39  ? 9   LYS A CG  1 
ATOM   76   C CD  . LYS A 1 9  ? -0.290  -8.666  -0.961  1.00 12.28 ? 9   LYS A CD  1 
ATOM   77   C CE  . LYS A 1 9  ? -1.656  -8.378  -0.367  1.00 13.59 ? 9   LYS A CE  1 
ATOM   78   N NZ  . LYS A 1 9  ? -2.648  -9.419  -0.777  1.00 12.01 ? 9   LYS A NZ  1 
ATOM   79   N N   . ILE A 1 10 ? 0.271   -4.463  1.417   1.00 7.79  ? 10  ILE A N   1 
ATOM   80   C CA  . ILE A 1 10 ? -0.377  -4.281  2.707   1.00 7.66  ? 10  ILE A CA  1 
ATOM   81   C C   . ILE A 1 10 ? -1.791  -4.744  2.368   1.00 7.04  ? 10  ILE A C   1 
ATOM   82   O O   . ILE A 1 10 ? -2.453  -4.162  1.504   1.00 6.71  ? 10  ILE A O   1 
ATOM   83   C CB  . ILE A 1 10 ? -0.355  -2.809  3.145   1.00 7.31  ? 10  ILE A CB  1 
ATOM   84   C CG1 . ILE A 1 10 ? 1.099   -2.365  3.357   1.00 8.49  ? 10  ILE A CG1 1 
ATOM   85   C CG2 . ILE A 1 10 ? -1.160  -2.634  4.422   1.00 9.22  ? 10  ILE A CG2 1 
ATOM   86   C CD1 . ILE A 1 10 ? 1.268   -0.891  3.656   1.00 8.23  ? 10  ILE A CD1 1 
ATOM   87   N N   . HIS A 1 11 ? -2.231  -5.809  3.033   1.00 6.51  ? 11  HIS A N   1 
ATOM   88   C CA  . HIS A 1 11 ? -3.522  -6.429  2.755   1.00 7.54  ? 11  HIS A CA  1 
ATOM   89   C C   . HIS A 1 11 ? -4.712  -6.032  3.624   1.00 7.55  ? 11  HIS A C   1 
ATOM   90   O O   . HIS A 1 11 ? -4.635  -6.038  4.850   1.00 7.84  ? 11  HIS A O   1 
ATOM   91   C CB  . HIS A 1 11 ? -3.346  -7.951  2.804   1.00 9.34  ? 11  HIS A CB  1 
ATOM   92   C CG  . HIS A 1 11 ? -4.518  -8.718  2.276   1.00 11.38 ? 11  HIS A CG  1 
ATOM   93   N ND1 . HIS A 1 11 ? -4.883  -8.694  0.947   1.00 11.73 ? 11  HIS A ND1 1 
ATOM   94   C CD2 . HIS A 1 11 ? -5.412  -9.523  2.898   1.00 11.81 ? 11  HIS A CD2 1 
ATOM   95   C CE1 . HIS A 1 11 ? -5.953  -9.448  0.774   1.00 12.00 ? 11  HIS A CE1 1 
ATOM   96   N NE2 . HIS A 1 11 ? -6.295  -9.963  1.942   1.00 12.27 ? 11  HIS A NE2 1 
ATOM   97   N N   . ARG A 1 12 ? -5.822  -5.718  2.960   1.00 7.76  ? 12  ARG A N   1 
ATOM   98   C CA  . ARG A 1 12 ? -7.066  -5.333  3.620   1.00 8.34  ? 12  ARG A CA  1 
ATOM   99   C C   . ARG A 1 12 ? -6.920  -4.213  4.644   1.00 7.84  ? 12  ARG A C   1 
ATOM   100  O O   . ARG A 1 12 ? -7.352  -4.339  5.790   1.00 8.21  ? 12  ARG A O   1 
ATOM   101  C CB  . ARG A 1 12 ? -7.724  -6.559  4.274   1.00 9.13  ? 12  ARG A CB  1 
ATOM   102  C CG  . ARG A 1 12 ? -8.211  -7.603  3.274   1.00 10.67 ? 12  ARG A CG  1 
ATOM   103  C CD  . ARG A 1 12 ? -8.835  -8.811  3.971   1.00 13.73 ? 12  ARG A CD  1 
ATOM   104  N NE  . ARG A 1 12 ? -10.114 -8.514  4.616   1.00 13.69 ? 12  ARG A NE  1 
ATOM   105  C CZ  . ARG A 1 12 ? -11.281 -8.425  3.979   1.00 14.89 ? 12  ARG A CZ  1 
ATOM   106  N NH1 . ARG A 1 12 ? -11.345 -8.608  2.665   1.00 14.33 ? 12  ARG A NH1 1 
ATOM   107  N NH2 . ARG A 1 12 ? -12.390 -8.164  4.658   1.00 14.19 ? 12  ARG A NH2 1 
ATOM   108  N N   . ALA A 1 13 ? -6.300  -3.116  4.227   1.00 7.58  ? 13  ALA A N   1 
ATOM   109  C CA  . ALA A 1 13 ? -6.144  -1.964  5.100   1.00 6.42  ? 13  ALA A CA  1 
ATOM   110  C C   . ALA A 1 13 ? -7.438  -1.165  4.997   1.00 7.09  ? 13  ALA A C   1 
ATOM   111  O O   . ALA A 1 13 ? -8.148  -1.245  3.994   1.00 8.44  ? 13  ALA A O   1 
ATOM   112  C CB  . ALA A 1 13 ? -4.960  -1.108  4.655   1.00 6.81  ? 13  ALA A CB  1 
ATOM   113  N N   . THR A 1 14 ? -7.749  -0.403  6.039   1.00 5.62  ? 14  THR A N   1 
ATOM   114  C CA  . THR A 1 14 ? -8.955  0.414   6.048   1.00 6.62  ? 14  THR A CA  1 
ATOM   115  C C   . THR A 1 14 ? -8.589  1.873   5.820   1.00 5.54  ? 14  THR A C   1 
ATOM   116  O O   . THR A 1 14 ? -7.722  2.417   6.501   1.00 6.28  ? 14  THR A O   1 
ATOM   117  C CB  . THR A 1 14 ? -9.699  0.292   7.392   1.00 7.38  ? 14  THR A CB  1 
ATOM   118  O OG1 . THR A 1 14 ? -10.195 -1.041  7.543   1.00 8.12  ? 14  THR A OG1 1 
ATOM   119  C CG2 . THR A 1 14 ? -10.866 1.269   7.448   1.00 8.64  ? 14  THR A CG2 1 
ATOM   120  N N   . VAL A 1 15 ? -9.246  2.502   4.850   1.00 6.03  ? 15  VAL A N   1 
ATOM   121  C CA  . VAL A 1 15 ? -8.990  3.905   4.550   1.00 5.91  ? 15  VAL A CA  1 
ATOM   122  C C   . VAL A 1 15 ? -9.559  4.717   5.707   1.00 6.54  ? 15  VAL A C   1 
ATOM   123  O O   . VAL A 1 15 ? -10.736 4.591   6.044   1.00 7.62  ? 15  VAL A O   1 
ATOM   124  C CB  . VAL A 1 15 ? -9.671  4.318   3.230   1.00 5.70  ? 15  VAL A CB  1 
ATOM   125  C CG1 . VAL A 1 15 ? -9.428  5.795   2.952   1.00 7.07  ? 15  VAL A CG1 1 
ATOM   126  C CG2 . VAL A 1 15 ? -9.123  3.463   2.085   1.00 6.25  ? 15  VAL A CG2 1 
ATOM   127  N N   . THR A 1 16 ? -8.719  5.550   6.311   1.00 7.21  ? 16  THR A N   1 
ATOM   128  C CA  . THR A 1 16 ? -9.135  6.342   7.462   1.00 8.19  ? 16  THR A CA  1 
ATOM   129  C C   . THR A 1 16 ? -9.472  7.793   7.170   1.00 8.51  ? 16  THR A C   1 
ATOM   130  O O   . THR A 1 16 ? -10.155 8.438   7.964   1.00 8.48  ? 16  THR A O   1 
ATOM   131  C CB  . THR A 1 16 ? -8.056  6.318   8.562   1.00 8.67  ? 16  THR A CB  1 
ATOM   132  O OG1 . THR A 1 16 ? -6.872  6.979   8.090   1.00 10.21 ? 16  THR A OG1 1 
ATOM   133  C CG2 . THR A 1 16 ? -7.713  4.883   8.932   1.00 9.28  ? 16  THR A CG2 1 
ATOM   134  N N   . GLN A 1 17 ? -8.995  8.313   6.042   1.00 9.27  ? 17  GLN A N   1 
ATOM   135  C CA  . GLN A 1 17 ? -9.271  9.702   5.698   1.00 8.64  ? 17  GLN A CA  1 
ATOM   136  C C   . GLN A 1 17 ? -9.033  9.967   4.217   1.00 8.51  ? 17  GLN A C   1 
ATOM   137  O O   . GLN A 1 17 ? -8.396  9.174   3.530   1.00 8.45  ? 17  GLN A O   1 
ATOM   138  C CB  . GLN A 1 17 ? -8.385  10.627  6.535   1.00 12.33 ? 17  GLN A CB  1 
ATOM   139  C CG  . GLN A 1 17 ? -6.910  10.579  6.149   1.00 14.96 ? 17  GLN A CG  1 
ATOM   140  C CD  . GLN A 1 17 ? -6.019  11.362  7.100   1.00 19.41 ? 17  GLN A CD  1 
ATOM   141  O OE1 . GLN A 1 17 ? -4.964  11.864  6.707   1.00 22.18 ? 17  GLN A OE1 1 
ATOM   142  N NE2 . GLN A 1 17 ? -6.430  11.455  8.359   1.00 18.93 ? 17  GLN A NE2 1 
ATOM   143  N N   . ALA A 1 18 ? -9.559  11.087  3.735   1.00 8.72  ? 18  ALA A N   1 
ATOM   144  C CA  . ALA A 1 18 ? -9.396  11.471  2.341   1.00 9.03  ? 18  ALA A CA  1 
ATOM   145  C C   . ALA A 1 18 ? -9.465  12.987  2.235   1.00 10.57 ? 18  ALA A C   1 
ATOM   146  O O   . ALA A 1 18 ? -10.167 13.642  3.007   1.00 11.26 ? 18  ALA A O   1 
ATOM   147  C CB  . ALA A 1 18 ? -10.481 10.832  1.485   1.00 10.31 ? 18  ALA A CB  1 
ATOM   148  N N   . ASP A 1 19 ? -8.730  13.542  1.279   1.00 9.17  ? 19  ASP A N   1 
ATOM   149  C CA  . ASP A 1 19 ? -8.707  14.985  1.080   1.00 10.59 ? 19  ASP A CA  1 
ATOM   150  C C   . ASP A 1 19 ? -8.478  15.287  -0.395  1.00 8.88  ? 19  ASP A C   1 
ATOM   151  O O   . ASP A 1 19 ? -7.343  15.486  -0.832  1.00 9.23  ? 19  ASP A O   1 
ATOM   152  C CB  . ASP A 1 19 ? -7.591  15.619  1.915   1.00 13.50 ? 19  ASP A CB  1 
ATOM   153  C CG  . ASP A 1 19 ? -7.676  17.137  1.955   1.00 16.34 ? 19  ASP A CG  1 
ATOM   154  O OD1 . ASP A 1 19 ? -8.377  17.725  1.103   1.00 20.40 ? 19  ASP A OD1 1 
ATOM   155  O OD2 . ASP A 1 19 ? -7.030  17.743  2.837   1.00 20.82 ? 19  ASP A OD2 1 
ATOM   156  N N   . LEU A 1 20 ? -9.566  15.317  -1.155  1.00 8.72  ? 20  LEU A N   1 
ATOM   157  C CA  . LEU A 1 20 ? -9.502  15.598  -2.584  1.00 8.61  ? 20  LEU A CA  1 
ATOM   158  C C   . LEU A 1 20 ? -8.799  16.907  -2.925  1.00 9.09  ? 20  LEU A C   1 
ATOM   159  O O   . LEU A 1 20 ? -8.060  16.985  -3.908  1.00 8.76  ? 20  LEU A O   1 
ATOM   160  C CB  . LEU A 1 20 ? -10.918 15.647  -3.169  1.00 7.85  ? 20  LEU A CB  1 
ATOM   161  C CG  . LEU A 1 20 ? -11.055 16.122  -4.620  1.00 8.30  ? 20  LEU A CG  1 
ATOM   162  C CD1 . LEU A 1 20 ? -10.344 15.157  -5.563  1.00 7.73  ? 20  LEU A CD1 1 
ATOM   163  C CD2 . LEU A 1 20 ? -12.530 16.209  -4.979  1.00 8.17  ? 20  LEU A CD2 1 
ATOM   164  N N   . HIS A 1 21 ? -9.022  17.934  -2.111  1.00 9.62  ? 21  HIS A N   1 
ATOM   165  C CA  . HIS A 1 21 ? -8.441  19.245  -2.391  1.00 11.70 ? 21  HIS A CA  1 
ATOM   166  C C   . HIS A 1 21 ? -7.246  19.682  -1.552  1.00 13.76 ? 21  HIS A C   1 
ATOM   167  O O   . HIS A 1 21 ? -7.049  20.877  -1.332  1.00 14.67 ? 21  HIS A O   1 
ATOM   168  C CB  . HIS A 1 21 ? -9.546  20.300  -2.308  1.00 12.63 ? 21  HIS A CB  1 
ATOM   169  C CG  . HIS A 1 21 ? -10.604 20.136  -3.355  1.00 11.80 ? 21  HIS A CG  1 
ATOM   170  N ND1 . HIS A 1 21 ? -10.395 20.463  -4.678  1.00 11.42 ? 21  HIS A ND1 1 
ATOM   171  C CD2 . HIS A 1 21 ? -11.859 19.632  -3.285  1.00 11.47 ? 21  HIS A CD2 1 
ATOM   172  C CE1 . HIS A 1 21 ? -11.476 20.165  -5.379  1.00 12.80 ? 21  HIS A CE1 1 
ATOM   173  N NE2 . HIS A 1 21 ? -12.378 19.659  -4.558  1.00 13.27 ? 21  HIS A NE2 1 
ATOM   174  N N   . TYR A 1 22 ? -6.440  18.724  -1.107  1.00 16.44 ? 22  TYR A N   1 
ATOM   175  C CA  . TYR A 1 22 ? -5.260  19.035  -0.302  1.00 20.92 ? 22  TYR A CA  1 
ATOM   176  C C   . TYR A 1 22 ? -4.226  19.749  -1.173  1.00 23.74 ? 22  TYR A C   1 
ATOM   177  O O   . TYR A 1 22 ? -4.452  19.974  -2.361  1.00 23.71 ? 22  TYR A O   1 
ATOM   178  C CB  . TYR A 1 22 ? -4.643  17.747  0.247   1.00 20.31 ? 22  TYR A CB  1 
ATOM   179  C CG  . TYR A 1 22 ? -3.631  17.125  -0.691  1.00 21.28 ? 22  TYR A CG  1 
ATOM   180  C CD1 . TYR A 1 22 ? -2.276  17.102  -0.364  1.00 22.15 ? 22  TYR A CD1 1 
ATOM   181  C CD2 . TYR A 1 22 ? -4.020  16.604  -1.924  1.00 20.08 ? 22  TYR A CD2 1 
ATOM   182  C CE1 . TYR A 1 22 ? -1.332  16.579  -1.243  1.00 21.92 ? 22  TYR A CE1 1 
ATOM   183  C CE2 . TYR A 1 22 ? -3.084  16.079  -2.811  1.00 19.78 ? 22  TYR A CE2 1 
ATOM   184  C CZ  . TYR A 1 22 ? -1.744  16.071  -2.463  1.00 21.42 ? 22  TYR A CZ  1 
ATOM   185  O OH  . TYR A 1 22 ? -0.812  15.566  -3.339  1.00 20.80 ? 22  TYR A OH  1 
ATOM   186  N N   . VAL A 1 23 ? -3.085  20.091  -0.581  1.00 27.03 ? 23  VAL A N   1 
ATOM   187  C CA  . VAL A 1 23 ? -2.018  20.762  -1.320  1.00 29.39 ? 23  VAL A CA  1 
ATOM   188  C C   . VAL A 1 23 ? -0.640  20.279  -0.877  1.00 31.03 ? 23  VAL A C   1 
ATOM   189  O O   . VAL A 1 23 ? 0.102   19.750  -1.733  1.00 32.02 ? 23  VAL A O   1 
ATOM   190  C CB  . VAL A 1 23 ? -2.084  22.290  -1.139  1.00 29.47 ? 23  VAL A CB  1 
ATOM   191  C CG1 . VAL A 1 23 ? -1.007  22.955  -1.981  1.00 30.31 ? 23  VAL A CG1 1 
ATOM   192  C CG2 . VAL A 1 23 ? -3.459  22.803  -1.533  1.00 29.15 ? 23  VAL A CG2 1 
ATOM   193  N N   . VAL B 2 1  ? -1.204  8.505   -1.405  1.00 8.00  ? 26  VAL B N   1 
ATOM   194  C CA  . VAL B 2 1  ? -1.742  7.730   -0.291  1.00 7.01  ? 26  VAL B CA  1 
ATOM   195  C C   . VAL B 2 1  ? -0.792  7.759   0.904   1.00 7.04  ? 26  VAL B C   1 
ATOM   196  O O   . VAL B 2 1  ? 0.315   7.224   0.857   1.00 6.78  ? 26  VAL B O   1 
ATOM   197  C CB  . VAL B 2 1  ? -2.034  6.258   -0.707  1.00 7.43  ? 26  VAL B CB  1 
ATOM   198  C CG1 . VAL B 2 1  ? -0.762  5.571   -1.168  1.00 9.30  ? 26  VAL B CG1 1 
ATOM   199  C CG2 . VAL B 2 1  ? -2.663  5.506   0.458   1.00 8.70  ? 26  VAL B CG2 1 
ATOM   200  N N   . THR B 2 2  ? -1.230  8.418   1.971   1.00 7.04  ? 27  THR B N   1 
ATOM   201  C CA  . THR B 2 2  ? -0.427  8.527   3.178   1.00 7.01  ? 27  THR B CA  1 
ATOM   202  C C   . THR B 2 2  ? -0.598  7.262   3.997   1.00 6.73  ? 27  THR B C   1 
ATOM   203  O O   . THR B 2 2  ? -1.720  6.885   4.350   1.00 7.72  ? 27  THR B O   1 
ATOM   204  C CB  . THR B 2 2  ? -0.848  9.750   3.994   1.00 8.38  ? 27  THR B CB  1 
ATOM   205  O OG1 . THR B 2 2  ? -0.623  10.924  3.206   1.00 10.81 ? 27  THR B OG1 1 
ATOM   206  C CG2 . THR B 2 2  ? -0.038  9.848   5.277   1.00 9.04  ? 27  THR B CG2 1 
ATOM   207  N N   . VAL B 2 3  ? 0.524   6.611   4.289   1.00 6.61  ? 28  VAL B N   1 
ATOM   208  C CA  . VAL B 2 3  ? 0.523   5.353   5.025   1.00 7.10  ? 28  VAL B CA  1 
ATOM   209  C C   . VAL B 2 3  ? 1.372   5.376   6.289   1.00 7.26  ? 28  VAL B C   1 
ATOM   210  O O   . VAL B 2 3  ? 2.546   5.744   6.243   1.00 7.29  ? 28  VAL B O   1 
ATOM   211  C CB  . VAL B 2 3  ? 1.058   4.207   4.135   1.00 5.54  ? 28  VAL B CB  1 
ATOM   212  C CG1 . VAL B 2 3  ? 1.036   2.888   4.903   1.00 8.03  ? 28  VAL B CG1 1 
ATOM   213  C CG2 . VAL B 2 3  ? 0.231   4.101   2.866   1.00 7.36  ? 28  VAL B CG2 1 
ATOM   214  N N   . ASP B 2 4  ? 0.769   4.977   7.406   1.00 7.29  ? 29  ASP B N   1 
ATOM   215  C CA  . ASP B 2 4  ? 1.461   4.890   8.692   1.00 8.74  ? 29  ASP B CA  1 
ATOM   216  C C   . ASP B 2 4  ? 2.834   4.313   8.348   1.00 8.73  ? 29  ASP B C   1 
ATOM   217  O O   . ASP B 2 4  ? 2.922   3.199   7.829   1.00 8.91  ? 29  ASP B O   1 
ATOM   218  C CB  . ASP B 2 4  ? 0.687   3.924   9.597   1.00 7.44  ? 29  ASP B CB  1 
ATOM   219  C CG  . ASP B 2 4  ? 1.302   3.767   10.971  1.00 7.80  ? 29  ASP B CG  1 
ATOM   220  O OD1 . ASP B 2 4  ? 2.545   3.809   11.091  1.00 6.76  ? 29  ASP B OD1 1 
ATOM   221  O OD2 . ASP B 2 4  ? 0.531   3.573   11.931  1.00 8.86  ? 29  ASP B OD2 1 
ATOM   222  N N   . GLN B 2 5  ? 3.903   5.053   8.627   1.00 8.54  ? 30  GLN B N   1 
ATOM   223  C CA  . GLN B 2 5  ? 5.226   4.567   8.262   1.00 8.88  ? 30  GLN B CA  1 
ATOM   224  C C   . GLN B 2 5  ? 5.606   3.222   8.878   1.00 8.86  ? 30  GLN B C   1 
ATOM   225  O O   . GLN B 2 5  ? 6.477   2.533   8.355   1.00 8.44  ? 30  GLN B O   1 
ATOM   226  C CB  . GLN B 2 5  ? 6.304   5.618   8.563   1.00 10.51 ? 30  GLN B CB  1 
ATOM   227  C CG  . GLN B 2 5  ? 7.620   5.309   7.860   1.00 10.93 ? 30  GLN B CG  1 
ATOM   228  C CD  . GLN B 2 5  ? 8.518   6.521   7.683   1.00 14.92 ? 30  GLN B CD  1 
ATOM   229  O OE1 . GLN B 2 5  ? 9.542   6.450   6.992   1.00 16.99 ? 30  GLN B OE1 1 
ATOM   230  N NE2 . GLN B 2 5  ? 8.148   7.635   8.301   1.00 15.45 ? 30  GLN B NE2 1 
ATOM   231  N N   . ASP B 2 6  ? 4.962   2.838   9.977   1.00 7.91  ? 31  ASP B N   1 
ATOM   232  C CA  . ASP B 2 6  ? 5.269   1.539   10.570  1.00 8.80  ? 31  ASP B CA  1 
ATOM   233  C C   . ASP B 2 6  ? 4.912   0.465   9.547   1.00 8.44  ? 31  ASP B C   1 
ATOM   234  O O   . ASP B 2 6  ? 5.587   -0.564  9.439   1.00 9.05  ? 31  ASP B O   1 
ATOM   235  C CB  . ASP B 2 6  ? 4.453   1.289   11.843  1.00 9.48  ? 31  ASP B CB  1 
ATOM   236  C CG  . ASP B 2 6  ? 4.963   2.071   13.039  1.00 13.27 ? 31  ASP B CG  1 
ATOM   237  O OD1 . ASP B 2 6  ? 6.132   2.508   13.025  1.00 14.41 ? 31  ASP B OD1 1 
ATOM   238  O OD2 . ASP B 2 6  ? 4.188   2.231   14.007  1.00 13.31 ? 31  ASP B OD2 1 
ATOM   239  N N   . LEU B 2 7  ? 3.840   0.713   8.799   1.00 9.30  ? 32  LEU B N   1 
ATOM   240  C CA  . LEU B 2 7  ? 3.379   -0.229  7.787   1.00 7.79  ? 32  LEU B CA  1 
ATOM   241  C C   . LEU B 2 7  ? 4.317   -0.234  6.586   1.00 8.01  ? 32  LEU B C   1 
ATOM   242  O O   . LEU B 2 7  ? 4.581   -1.283  6.000   1.00 7.55  ? 32  LEU B O   1 
ATOM   243  C CB  . LEU B 2 7  ? 1.953   0.119   7.342   1.00 8.25  ? 32  LEU B CB  1 
ATOM   244  C CG  . LEU B 2 7  ? 0.896   0.061   8.449   1.00 11.12 ? 32  LEU B CG  1 
ATOM   245  C CD1 . LEU B 2 7  ? -0.461  0.454   7.892   1.00 11.74 ? 32  LEU B CD1 1 
ATOM   246  C CD2 . LEU B 2 7  ? 0.845   -1.342  9.031   1.00 11.40 ? 32  LEU B CD2 1 
ATOM   247  N N   . LEU B 2 8  ? 4.817   0.939   6.212   1.00 6.96  ? 33  LEU B N   1 
ATOM   248  C CA  . LEU B 2 8  ? 5.746   1.013   5.092   1.00 7.73  ? 33  LEU B CA  1 
ATOM   249  C C   . LEU B 2 8  ? 7.022   0.269   5.477   1.00 8.33  ? 33  LEU B C   1 
ATOM   250  O O   . LEU B 2 8  ? 7.596   -0.454  4.664   1.00 7.48  ? 33  LEU B O   1 
ATOM   251  C CB  . LEU B 2 8  ? 6.064   2.472   4.743   1.00 6.58  ? 33  LEU B CB  1 
ATOM   252  C CG  . LEU B 2 8  ? 4.906   3.289   4.153   1.00 8.57  ? 33  LEU B CG  1 
ATOM   253  C CD1 . LEU B 2 8  ? 5.376   4.704   3.867   1.00 9.13  ? 33  LEU B CD1 1 
ATOM   254  C CD2 . LEU B 2 8  ? 4.408   2.638   2.873   1.00 7.58  ? 33  LEU B CD2 1 
ATOM   255  N N   . ASP B 2 9  ? 7.451   0.440   6.727   1.00 8.27  ? 34  ASP B N   1 
ATOM   256  C CA  . ASP B 2 9  ? 8.654   -0.229  7.224   1.00 9.56  ? 34  ASP B CA  1 
ATOM   257  C C   . ASP B 2 9  ? 8.497   -1.744  7.162   1.00 8.34  ? 34  ASP B C   1 
ATOM   258  O O   . ASP B 2 9  ? 9.388   -2.454  6.696   1.00 10.53 ? 34  ASP B O   1 
ATOM   259  C CB  . ASP B 2 9  ? 8.938   0.167   8.677   1.00 11.28 ? 34  ASP B CB  1 
ATOM   260  C CG  . ASP B 2 9  ? 9.611   1.523   8.805   1.00 14.56 ? 34  ASP B CG  1 
ATOM   261  O OD1 . ASP B 2 9  ? 9.954   2.133   7.772   1.00 16.08 ? 34  ASP B OD1 1 
ATOM   262  O OD2 . ASP B 2 9  ? 9.806   1.969   9.954   1.00 18.23 ? 34  ASP B OD2 1 
ATOM   263  N N   . ALA B 2 10 ? 7.357   -2.231  7.643   1.00 8.50  ? 35  ALA B N   1 
ATOM   264  C CA  . ALA B 2 10 ? 7.076   -3.663  7.660   1.00 8.17  ? 35  ALA B CA  1 
ATOM   265  C C   . ALA B 2 10 ? 6.940   -4.249  6.256   1.00 8.36  ? 35  ALA B C   1 
ATOM   266  O O   . ALA B 2 10 ? 7.299   -5.405  6.018   1.00 9.50  ? 35  ALA B O   1 
ATOM   267  C CB  . ALA B 2 10 ? 5.807   -3.929  8.466   1.00 8.75  ? 35  ALA B CB  1 
ATOM   268  N N   . ALA B 2 11 ? 6.427   -3.449  5.326   1.00 7.69  ? 36  ALA B N   1 
ATOM   269  C CA  . ALA B 2 11 ? 6.235   -3.909  3.953   1.00 7.43  ? 36  ALA B CA  1 
ATOM   270  C C   . ALA B 2 11 ? 7.492   -3.779  3.106   1.00 8.60  ? 36  ALA B C   1 
ATOM   271  O O   . ALA B 2 11 ? 7.669   -4.509  2.134   1.00 9.96  ? 36  ALA B O   1 
ATOM   272  C CB  . ALA B 2 11 ? 5.102   -3.127  3.299   1.00 6.00  ? 36  ALA B CB  1 
ATOM   273  N N   . GLY B 2 12 ? 8.367   -2.854  3.479   1.00 8.06  ? 37  GLY B N   1 
ATOM   274  C CA  . GLY B 2 12 ? 9.569   -2.651  2.700   1.00 7.45  ? 37  GLY B CA  1 
ATOM   275  C C   . GLY B 2 12 ? 9.252   -1.785  1.494   1.00 7.49  ? 37  GLY B C   1 
ATOM   276  O O   . GLY B 2 12 ? 9.892   -1.898  0.450   1.00 8.00  ? 37  GLY B O   1 
ATOM   277  N N   . ILE B 2 13 ? 8.241   -0.934  1.639   1.00 6.67  ? 38  ILE B N   1 
ATOM   278  C CA  . ILE B 2 13 ? 7.830   -0.012  0.583   1.00 7.88  ? 38  ILE B CA  1 
ATOM   279  C C   . ILE B 2 13 ? 8.381   1.351   0.991   1.00 8.66  ? 38  ILE B C   1 
ATOM   280  O O   . ILE B 2 13 ? 8.141   1.817   2.105   1.00 9.11  ? 38  ILE B O   1 
ATOM   281  C CB  . ILE B 2 13 ? 6.282   0.056   0.466   1.00 7.04  ? 38  ILE B CB  1 
ATOM   282  C CG1 . ILE B 2 13 ? 5.745   -1.280  -0.062  1.00 5.66  ? 38  ILE B CG1 1 
ATOM   283  C CG2 . ILE B 2 13 ? 5.869   1.205   -0.454  1.00 7.59  ? 38  ILE B CG2 1 
ATOM   284  C CD1 . ILE B 2 13 ? 4.230   -1.377  -0.082  1.00 8.20  ? 38  ILE B CD1 1 
ATOM   285  N N   . LEU B 2 14 ? 9.133   1.981   0.093   1.00 8.05  ? 39  LEU B N   1 
ATOM   286  C CA  . LEU B 2 14 ? 9.743   3.272   0.389   1.00 8.71  ? 39  LEU B CA  1 
ATOM   287  C C   . LEU B 2 14 ? 8.822   4.461   0.194   1.00 9.37  ? 39  LEU B C   1 
ATOM   288  O O   . LEU B 2 14 ? 7.880   4.410   -0.598  1.00 8.70  ? 39  LEU B O   1 
ATOM   289  C CB  . LEU B 2 14 ? 10.974  3.492   -0.494  1.00 9.01  ? 39  LEU B CB  1 
ATOM   290  C CG  . LEU B 2 14 ? 12.128  2.495   -0.418  1.00 10.37 ? 39  LEU B CG  1 
ATOM   291  C CD1 . LEU B 2 14 ? 13.218  2.907   -1.403  1.00 11.07 ? 39  LEU B CD1 1 
ATOM   292  C CD2 . LEU B 2 14 ? 12.675  2.457   1.002   1.00 12.35 ? 39  LEU B CD2 1 
ATOM   293  N N   . PRO B 2 15 ? 9.069   5.550   0.938   1.00 9.80  ? 40  PRO B N   1 
ATOM   294  C CA  . PRO B 2 15 ? 8.210   6.719   0.751   1.00 9.92  ? 40  PRO B CA  1 
ATOM   295  C C   . PRO B 2 15 ? 8.449   7.155   -0.695  1.00 9.34  ? 40  PRO B C   1 
ATOM   296  O O   . PRO B 2 15 ? 9.584   7.086   -1.184  1.00 8.96  ? 40  PRO B O   1 
ATOM   297  C CB  . PRO B 2 15 ? 8.772   7.723   1.755   1.00 11.74 ? 40  PRO B CB  1 
ATOM   298  C CG  . PRO B 2 15 ? 9.260   6.834   2.872   1.00 10.20 ? 40  PRO B CG  1 
ATOM   299  C CD  . PRO B 2 15 ? 9.942   5.712   2.117   1.00 10.92 ? 40  PRO B CD  1 
ATOM   300  N N   . PHE B 2 16 ? 7.383   7.573   -1.373  1.00 8.17  ? 41  PHE B N   1 
ATOM   301  C CA  . PHE B 2 16 ? 7.444   8.030   -2.763  1.00 7.93  ? 41  PHE B CA  1 
ATOM   302  C C   . PHE B 2 16 ? 7.441   6.896   -3.784  1.00 6.47  ? 41  PHE B C   1 
ATOM   303  O O   . PHE B 2 16 ? 7.413   7.144   -4.988  1.00 7.16  ? 41  PHE B O   1 
ATOM   304  C CB  . PHE B 2 16 ? 8.674   8.922   -2.979  1.00 8.07  ? 41  PHE B CB  1 
ATOM   305  C CG  . PHE B 2 16 ? 8.790   10.039  -1.979  1.00 9.21  ? 41  PHE B CG  1 
ATOM   306  C CD1 . PHE B 2 16 ? 10.000  10.288  -1.335  1.00 9.85  ? 41  PHE B CD1 1 
ATOM   307  C CD2 . PHE B 2 16 ? 7.690   10.831  -1.669  1.00 10.74 ? 41  PHE B CD2 1 
ATOM   308  C CE1 . PHE B 2 16 ? 10.107  11.310  -0.391  1.00 11.89 ? 41  PHE B CE1 1 
ATOM   309  C CE2 . PHE B 2 16 ? 7.787   11.855  -0.726  1.00 11.19 ? 41  PHE B CE2 1 
ATOM   310  C CZ  . PHE B 2 16 ? 8.998   12.094  -0.087  1.00 11.36 ? 41  PHE B CZ  1 
ATOM   311  N N   . GLU B 2 17 ? 7.466   5.653   -3.314  1.00 6.10  ? 42  GLU B N   1 
ATOM   312  C CA  . GLU B 2 17 ? 7.436   4.522   -4.237  1.00 5.80  ? 42  GLU B CA  1 
ATOM   313  C C   . GLU B 2 17 ? 6.040   4.414   -4.842  1.00 6.67  ? 42  GLU B C   1 
ATOM   314  O O   . GLU B 2 17 ? 5.040   4.665   -4.171  1.00 7.13  ? 42  GLU B O   1 
ATOM   315  C CB  . GLU B 2 17 ? 7.795   3.214   -3.515  1.00 5.65  ? 42  GLU B CB  1 
ATOM   316  C CG  . GLU B 2 17 ? 7.783   1.983   -4.428  1.00 5.94  ? 42  GLU B CG  1 
ATOM   317  C CD  . GLU B 2 17 ? 8.392   0.751   -3.782  1.00 8.93  ? 42  GLU B CD  1 
ATOM   318  O OE1 . GLU B 2 17 ? 8.812   0.835   -2.609  1.00 9.46  ? 42  GLU B OE1 1 
ATOM   319  O OE2 . GLU B 2 17 ? 8.451   -0.304  -4.451  1.00 8.64  ? 42  GLU B OE2 1 
ATOM   320  N N   . GLN B 2 18 ? 5.975   4.063   -6.123  1.00 5.15  ? 43  GLN B N   1 
ATOM   321  C CA  . GLN B 2 18 ? 4.691   3.911   -6.789  1.00 5.64  ? 43  GLN B CA  1 
ATOM   322  C C   . GLN B 2 18 ? 3.989   2.682   -6.228  1.00 5.76  ? 43  GLN B C   1 
ATOM   323  O O   . GLN B 2 18 ? 4.627   1.664   -5.963  1.00 5.61  ? 43  GLN B O   1 
ATOM   324  C CB  . GLN B 2 18 ? 4.894   3.742   -8.297  1.00 5.72  ? 43  GLN B CB  1 
ATOM   325  C CG  . GLN B 2 18 ? 3.616   3.429   -9.060  1.00 5.39  ? 43  GLN B CG  1 
ATOM   326  C CD  . GLN B 2 18 ? 3.842   3.294   -10.550 1.00 6.93  ? 43  GLN B CD  1 
ATOM   327  O OE1 . GLN B 2 18 ? 3.974   4.287   -11.268 1.00 8.33  ? 43  GLN B OE1 1 
ATOM   328  N NE2 . GLN B 2 18 ? 3.895   2.057   -11.026 1.00 6.71  ? 43  GLN B NE2 1 
ATOM   329  N N   . VAL B 2 19 ? 2.680   2.788   -6.026  1.00 4.52  ? 44  VAL B N   1 
ATOM   330  C CA  . VAL B 2 19 ? 1.905   1.662   -5.526  1.00 6.30  ? 44  VAL B CA  1 
ATOM   331  C C   . VAL B 2 19 ? 0.546   1.638   -6.194  1.00 6.20  ? 44  VAL B C   1 
ATOM   332  O O   . VAL B 2 19 ? 0.011   2.674   -6.595  1.00 6.57  ? 44  VAL B O   1 
ATOM   333  C CB  . VAL B 2 19 ? 1.670   1.722   -3.990  1.00 5.53  ? 44  VAL B CB  1 
ATOM   334  C CG1 . VAL B 2 19 ? 3.000   1.689   -3.253  1.00 5.19  ? 44  VAL B CG1 1 
ATOM   335  C CG2 . VAL B 2 19 ? 0.873   2.967   -3.623  1.00 8.18  ? 44  VAL B CG2 1 
ATOM   336  N N   . ASP B 2 20 ? -0.004  0.441   -6.339  1.00 6.71  ? 45  ASP B N   1 
ATOM   337  C CA  . ASP B 2 20 ? -1.327  0.305   -6.912  1.00 5.79  ? 45  ASP B CA  1 
ATOM   338  C C   . ASP B 2 20 ? -2.265  0.119   -5.732  1.00 6.08  ? 45  ASP B C   1 
ATOM   339  O O   . ASP B 2 20 ? -1.876  -0.447  -4.710  1.00 5.51  ? 45  ASP B O   1 
ATOM   340  C CB  . ASP B 2 20 ? -1.406  -0.922  -7.819  1.00 4.67  ? 45  ASP B CB  1 
ATOM   341  C CG  . ASP B 2 20 ? -1.062  -0.611  -9.260  1.00 5.33  ? 45  ASP B CG  1 
ATOM   342  O OD1 . ASP B 2 20 ? -0.556  0.498   -9.533  1.00 7.17  ? 45  ASP B OD1 1 
ATOM   343  O OD2 . ASP B 2 20 ? -1.296  -1.485  -10.123 1.00 5.59  ? 45  ASP B OD2 1 
ATOM   344  N N   . ILE B 2 21 ? -3.484  0.625   -5.864  1.00 5.21  ? 46  ILE B N   1 
ATOM   345  C CA  . ILE B 2 21 ? -4.489  0.468   -4.823  1.00 5.25  ? 46  ILE B CA  1 
ATOM   346  C C   . ILE B 2 21 ? -5.650  -0.273  -5.472  1.00 5.45  ? 46  ILE B C   1 
ATOM   347  O O   . ILE B 2 21 ? -6.210  0.185   -6.470  1.00 4.36  ? 46  ILE B O   1 
ATOM   348  C CB  . ILE B 2 21 ? -5.009  1.827   -4.287  1.00 4.67  ? 46  ILE B CB  1 
ATOM   349  C CG1 . ILE B 2 21 ? -3.858  2.631   -3.682  1.00 7.02  ? 46  ILE B CG1 1 
ATOM   350  C CG2 . ILE B 2 21 ? -6.091  1.587   -3.230  1.00 7.42  ? 46  ILE B CG2 1 
ATOM   351  C CD1 . ILE B 2 21 ? -4.287  3.957   -3.077  1.00 8.14  ? 46  ILE B CD1 1 
ATOM   352  N N   . TYR B 2 22 ? -5.985  -1.436  -4.925  1.00 5.08  ? 47  TYR B N   1 
ATOM   353  C CA  . TYR B 2 22 ? -7.092  -2.233  -5.438  1.00 4.72  ? 47  TYR B CA  1 
ATOM   354  C C   . TYR B 2 22 ? -8.131  -2.202  -4.316  1.00 5.18  ? 47  TYR B C   1 
ATOM   355  O O   . TYR B 2 22 ? -7.888  -2.693  -3.212  1.00 5.96  ? 47  TYR B O   1 
ATOM   356  C CB  . TYR B 2 22 ? -6.617  -3.658  -5.742  1.00 3.96  ? 47  TYR B CB  1 
ATOM   357  C CG  . TYR B 2 22 ? -5.427  -3.723  -6.694  1.00 3.64  ? 47  TYR B CG  1 
ATOM   358  C CD1 . TYR B 2 22 ? -4.399  -4.644  -6.488  1.00 4.24  ? 47  TYR B CD1 1 
ATOM   359  C CD2 . TYR B 2 22 ? -5.320  -2.854  -7.785  1.00 3.22  ? 47  TYR B CD2 1 
ATOM   360  C CE1 . TYR B 2 22 ? -3.291  -4.696  -7.335  1.00 3.59  ? 47  TYR B CE1 1 
ATOM   361  C CE2 . TYR B 2 22 ? -4.211  -2.900  -8.643  1.00 4.57  ? 47  TYR B CE2 1 
ATOM   362  C CZ  . TYR B 2 22 ? -3.201  -3.823  -8.407  1.00 3.09  ? 47  TYR B CZ  1 
ATOM   363  O OH  . TYR B 2 22 ? -2.085  -3.862  -9.218  1.00 6.30  ? 47  TYR B OH  1 
ATOM   364  N N   . ASP B 2 23 ? -9.281  -1.602  -4.613  1.00 5.22  ? 48  ASP B N   1 
ATOM   365  C CA  . ASP B 2 23 ? -10.354 -1.414  -3.637  1.00 5.47  ? 48  ASP B CA  1 
ATOM   366  C C   . ASP B 2 23 ? -11.277 -2.623  -3.494  1.00 5.90  ? 48  ASP B C   1 
ATOM   367  O O   . ASP B 2 23 ? -12.030 -2.953  -4.404  1.00 6.72  ? 48  ASP B O   1 
ATOM   368  C CB  . ASP B 2 23 ? -11.155 -0.165  -4.036  1.00 4.80  ? 48  ASP B CB  1 
ATOM   369  C CG  . ASP B 2 23 ? -11.918 0.453   -2.878  1.00 4.76  ? 48  ASP B CG  1 
ATOM   370  O OD1 . ASP B 2 23 ? -12.742 -0.249  -2.263  1.00 5.50  ? 48  ASP B OD1 1 
ATOM   371  O OD2 . ASP B 2 23 ? -11.700 1.655   -2.588  1.00 6.68  ? 48  ASP B OD2 1 
ATOM   372  N N   . ILE B 2 24 ? -11.212 -3.274  -2.336  1.00 5.50  ? 49  ILE B N   1 
ATOM   373  C CA  . ILE B 2 24 ? -12.034 -4.448  -2.049  1.00 6.40  ? 49  ILE B CA  1 
ATOM   374  C C   . ILE B 2 24 ? -13.511 -4.092  -1.904  1.00 6.69  ? 49  ILE B C   1 
ATOM   375  O O   . ILE B 2 24 ? -14.388 -4.874  -2.264  1.00 6.55  ? 49  ILE B O   1 
ATOM   376  C CB  . ILE B 2 24 ? -11.560 -5.138  -0.746  1.00 5.79  ? 49  ILE B CB  1 
ATOM   377  C CG1 . ILE B 2 24 ? -10.196 -5.788  -0.978  1.00 8.05  ? 49  ILE B CG1 1 
ATOM   378  C CG2 . ILE B 2 24 ? -12.585 -6.177  -0.286  1.00 8.36  ? 49  ILE B CG2 1 
ATOM   379  C CD1 . ILE B 2 24 ? -9.505  -6.237  0.293   1.00 10.46 ? 49  ILE B CD1 1 
ATOM   380  N N   . THR B 2 25 ? -13.780 -2.904  -1.381  1.00 5.28  ? 50  THR B N   1 
ATOM   381  C CA  . THR B 2 25 ? -15.151 -2.467  -1.177  1.00 5.31  ? 50  THR B CA  1 
ATOM   382  C C   . THR B 2 25 ? -15.913 -2.158  -2.464  1.00 6.96  ? 50  THR B C   1 
ATOM   383  O O   . THR B 2 25 ? -17.058 -2.587  -2.624  1.00 8.04  ? 50  THR B O   1 
ATOM   384  C CB  . THR B 2 25 ? -15.191 -1.219  -0.270  1.00 5.68  ? 50  THR B CB  1 
ATOM   385  O OG1 . THR B 2 25 ? -14.667 -1.559  1.021   1.00 6.39  ? 50  THR B OG1 1 
ATOM   386  C CG2 . THR B 2 25 ? -16.616 -0.705  -0.116  1.00 5.91  ? 50  THR B CG2 1 
ATOM   387  N N   . ASN B 2 26 ? -15.284 -1.430  -3.384  1.00 6.18  ? 51  ASN B N   1 
ATOM   388  C CA  . ASN B 2 26 ? -15.969 -1.047  -4.619  1.00 7.02  ? 51  ASN B CA  1 
ATOM   389  C C   . ASN B 2 26 ? -15.338 -1.464  -5.947  1.00 5.97  ? 51  ASN B C   1 
ATOM   390  O O   . ASN B 2 26 ? -15.876 -1.147  -7.011  1.00 7.37  ? 51  ASN B O   1 
ATOM   391  C CB  . ASN B 2 26 ? -16.197 0.468   -4.627  1.00 7.46  ? 51  ASN B CB  1 
ATOM   392  C CG  . ASN B 2 26 ? -14.905 1.246   -4.572  1.00 6.42  ? 51  ASN B CG  1 
ATOM   393  O OD1 . ASN B 2 26 ? -13.931 0.885   -5.227  1.00 6.54  ? 51  ASN B OD1 1 
ATOM   394  N ND2 . ASN B 2 26 ? -14.891 2.327   -3.798  1.00 7.53  ? 51  ASN B ND2 1 
ATOM   395  N N   . GLY B 2 27 ? -14.202 -2.152  -5.898  1.00 6.84  ? 52  GLY B N   1 
ATOM   396  C CA  . GLY B 2 27 ? -13.565 -2.610  -7.122  1.00 5.85  ? 52  GLY B CA  1 
ATOM   397  C C   . GLY B 2 27 ? -12.664 -1.642  -7.873  1.00 5.57  ? 52  GLY B C   1 
ATOM   398  O O   . GLY B 2 27 ? -12.084 -2.011  -8.890  1.00 5.40  ? 52  GLY B O   1 
ATOM   399  N N   . ALA B 2 28 ? -12.534 -0.411  -7.391  1.00 4.79  ? 53  ALA B N   1 
ATOM   400  C CA  . ALA B 2 28 ? -11.680 0.561   -8.069  1.00 5.24  ? 53  ALA B CA  1 
ATOM   401  C C   . ALA B 2 28 ? -10.230 0.086   -8.049  1.00 3.52  ? 53  ALA B C   1 
ATOM   402  O O   . ALA B 2 28 ? -9.798  -0.582  -7.109  1.00 4.29  ? 53  ALA B O   1 
ATOM   403  C CB  . ALA B 2 28 ? -11.792 1.926   -7.390  1.00 5.96  ? 53  ALA B CB  1 
ATOM   404  N N   . ARG B 2 29 ? -9.488  0.424   -9.099  1.00 3.43  ? 54  ARG B N   1 
ATOM   405  C CA  . ARG B 2 29 ? -8.076  0.062   -9.212  1.00 3.91  ? 54  ARG B CA  1 
ATOM   406  C C   . ARG B 2 29 ? -7.353  1.290   -9.743  1.00 4.84  ? 54  ARG B C   1 
ATOM   407  O O   . ARG B 2 29 ? -7.748  1.856   -10.765 1.00 5.44  ? 54  ARG B O   1 
ATOM   408  C CB  . ARG B 2 29 ? -7.884  -1.111  -10.188 1.00 3.78  ? 54  ARG B CB  1 
ATOM   409  C CG  . ARG B 2 29 ? -8.705  -2.352  -9.860  1.00 4.60  ? 54  ARG B CG  1 
ATOM   410  C CD  . ARG B 2 29 ? -8.458  -3.486  -10.856 1.00 4.61  ? 54  ARG B CD  1 
ATOM   411  N NE  . ARG B 2 29 ? -7.189  -4.183  -10.635 1.00 4.22  ? 54  ARG B NE  1 
ATOM   412  C CZ  . ARG B 2 29 ? -6.994  -5.096  -9.688  1.00 4.21  ? 54  ARG B CZ  1 
ATOM   413  N NH1 . ARG B 2 29 ? -7.986  -5.427  -8.871  1.00 5.38  ? 54  ARG B NH1 1 
ATOM   414  N NH2 . ARG B 2 29 ? -5.809  -5.683  -9.560  1.00 5.45  ? 54  ARG B NH2 1 
ATOM   415  N N   . LEU B 2 30 ? -6.308  1.722   -9.047  1.00 4.92  ? 55  LEU B N   1 
ATOM   416  C CA  . LEU B 2 30 ? -5.568  2.895   -9.496  1.00 5.29  ? 55  LEU B CA  1 
ATOM   417  C C   . LEU B 2 30 ? -4.094  2.812   -9.134  1.00 5.85  ? 55  LEU B C   1 
ATOM   418  O O   . LEU B 2 30 ? -3.683  1.969   -8.339  1.00 4.33  ? 55  LEU B O   1 
ATOM   419  C CB  . LEU B 2 30 ? -6.188  4.170   -8.900  1.00 6.98  ? 55  LEU B CB  1 
ATOM   420  C CG  . LEU B 2 30 ? -6.244  4.350   -7.378  1.00 5.93  ? 55  LEU B CG  1 
ATOM   421  C CD1 . LEU B 2 30 ? -4.896  4.846   -6.861  1.00 6.84  ? 55  LEU B CD1 1 
ATOM   422  C CD2 . LEU B 2 30 ? -7.336  5.359   -7.022  1.00 6.41  ? 55  LEU B CD2 1 
ATOM   423  N N   . THR B 2 31 ? -3.307  3.692   -9.743  1.00 5.39  ? 56  THR B N   1 
ATOM   424  C CA  . THR B 2 31 ? -1.874  3.758   -9.494  1.00 5.89  ? 56  THR B CA  1 
ATOM   425  C C   . THR B 2 31 ? -1.581  5.138   -8.919  1.00 6.76  ? 56  THR B C   1 
ATOM   426  O O   . THR B 2 31 ? -2.090  6.139   -9.420  1.00 6.61  ? 56  THR B O   1 
ATOM   427  C CB  . THR B 2 31 ? -1.072  3.600   -10.798 1.00 5.18  ? 56  THR B CB  1 
ATOM   428  O OG1 . THR B 2 31 ? -1.330  2.312   -11.370 1.00 6.82  ? 56  THR B OG1 1 
ATOM   429  C CG2 . THR B 2 31 ? 0.425   3.749   -10.527 1.00 5.56  ? 56  THR B CG2 1 
ATOM   430  N N   . THR B 2 32 ? -0.776  5.180   -7.862  1.00 4.75  ? 57  THR B N   1 
ATOM   431  C CA  . THR B 2 32 ? -0.396  6.438   -7.229  1.00 5.34  ? 57  THR B CA  1 
ATOM   432  C C   . THR B 2 32 ? 0.931   6.173   -6.514  1.00 4.00  ? 57  THR B C   1 
ATOM   433  O O   . THR B 2 32 ? 1.687   5.302   -6.939  1.00 5.66  ? 57  THR B O   1 
ATOM   434  C CB  . THR B 2 32 ? -1.495  6.907   -6.236  1.00 5.23  ? 57  THR B CB  1 
ATOM   435  O OG1 . THR B 2 32 ? -1.170  8.208   -5.737  1.00 6.61  ? 57  THR B OG1 1 
ATOM   436  C CG2 . THR B 2 32 ? -1.642  5.932   -5.078  1.00 6.54  ? 57  THR B CG2 1 
ATOM   437  N N   . TYR B 2 33 ? 1.241   6.925   -5.465  1.00 5.51  ? 58  TYR B N   1 
ATOM   438  C CA  . TYR B 2 33 ? 2.478   6.677   -4.735  1.00 6.30  ? 58  TYR B CA  1 
ATOM   439  C C   . TYR B 2 33 ? 2.253   6.812   -3.240  1.00 6.76  ? 58  TYR B C   1 
ATOM   440  O O   . TYR B 2 33 ? 1.273   7.417   -2.800  1.00 6.17  ? 58  TYR B O   1 
ATOM   441  C CB  . TYR B 2 33 ? 3.599   7.619   -5.189  1.00 6.62  ? 58  TYR B CB  1 
ATOM   442  C CG  . TYR B 2 33 ? 3.285   9.081   -5.042  1.00 6.00  ? 58  TYR B CG  1 
ATOM   443  C CD1 . TYR B 2 33 ? 2.675   9.789   -6.077  1.00 6.76  ? 58  TYR B CD1 1 
ATOM   444  C CD2 . TYR B 2 33 ? 3.604   9.763   -3.871  1.00 5.56  ? 58  TYR B CD2 1 
ATOM   445  C CE1 . TYR B 2 33 ? 2.393   11.145  -5.946  1.00 6.47  ? 58  TYR B CE1 1 
ATOM   446  C CE2 . TYR B 2 33 ? 3.322   11.117  -3.728  1.00 5.61  ? 58  TYR B CE2 1 
ATOM   447  C CZ  . TYR B 2 33 ? 2.718   11.799  -4.769  1.00 7.43  ? 58  TYR B CZ  1 
ATOM   448  O OH  . TYR B 2 33 ? 2.438   13.136  -4.622  1.00 9.59  ? 58  TYR B OH  1 
ATOM   449  N N   . ALA B 2 34 ? 3.160   6.236   -2.461  1.00 6.98  ? 59  ALA B N   1 
ATOM   450  C CA  . ALA B 2 34 ? 3.048   6.270   -1.007  1.00 7.37  ? 59  ALA B CA  1 
ATOM   451  C C   . ALA B 2 34 ? 3.761   7.445   -0.351  1.00 8.94  ? 59  ALA B C   1 
ATOM   452  O O   . ALA B 2 34 ? 4.816   7.888   -0.808  1.00 9.42  ? 59  ALA B O   1 
ATOM   453  C CB  . ALA B 2 34 ? 3.575   4.966   -0.425  1.00 8.04  ? 59  ALA B CB  1 
ATOM   454  N N   . LEU B 2 35 ? 3.162   7.948   0.723   1.00 7.81  ? 60  LEU B N   1 
ATOM   455  C CA  . LEU B 2 35 ? 3.735   9.041   1.500   1.00 8.65  ? 60  LEU B CA  1 
ATOM   456  C C   . LEU B 2 35 ? 3.760   8.549   2.942   1.00 10.12 ? 60  LEU B C   1 
ATOM   457  O O   . LEU B 2 35 ? 2.824   7.888   3.395   1.00 7.26  ? 60  LEU B O   1 
ATOM   458  C CB  . LEU B 2 35 ? 2.875   10.301  1.391   1.00 9.13  ? 60  LEU B CB  1 
ATOM   459  C CG  . LEU B 2 35 ? 2.913   11.078  0.072   1.00 10.97 ? 60  LEU B CG  1 
ATOM   460  C CD1 . LEU B 2 35 ? 1.915   12.222  0.130   1.00 15.06 ? 60  LEU B CD1 1 
ATOM   461  C CD2 . LEU B 2 35 ? 4.318   11.616  -0.173  1.00 13.39 ? 60  LEU B CD2 1 
ATOM   462  N N   . PRO B 2 36 ? 4.835   8.853   3.680   1.00 10.40 ? 61  PRO B N   1 
ATOM   463  C CA  . PRO B 2 36 ? 4.938   8.415   5.074   1.00 11.10 ? 61  PRO B CA  1 
ATOM   464  C C   . PRO B 2 36 ? 3.988   9.131   6.031   1.00 11.09 ? 61  PRO B C   1 
ATOM   465  O O   . PRO B 2 36 ? 3.983   10.358  6.117   1.00 11.28 ? 61  PRO B O   1 
ATOM   466  C CB  . PRO B 2 36 ? 6.404   8.678   5.405   1.00 11.95 ? 61  PRO B CB  1 
ATOM   467  C CG  . PRO B 2 36 ? 6.696   9.911   4.603   1.00 13.21 ? 61  PRO B CG  1 
ATOM   468  C CD  . PRO B 2 36 ? 6.041   9.595   3.269   1.00 12.73 ? 61  PRO B CD  1 
ATOM   469  N N   . GLY B 2 37 ? 3.187   8.349   6.747   1.00 9.31  ? 62  GLY B N   1 
ATOM   470  C CA  . GLY B 2 37 ? 2.257   8.915   7.705   1.00 9.44  ? 62  GLY B CA  1 
ATOM   471  C C   . GLY B 2 37 ? 2.765   8.737   9.125   1.00 10.74 ? 62  GLY B C   1 
ATOM   472  O O   . GLY B 2 37 ? 3.686   7.955   9.367   1.00 10.06 ? 62  GLY B O   1 
ATOM   473  N N   . GLU B 2 38 ? 2.164   9.466   10.060  1.00 11.79 ? 63  GLU B N   1 
ATOM   474  C CA  . GLU B 2 38 ? 2.551   9.397   11.466  1.00 13.33 ? 63  GLU B CA  1 
ATOM   475  C C   . GLU B 2 38 ? 2.586   7.954   11.953  1.00 13.04 ? 63  GLU B C   1 
ATOM   476  O O   . GLU B 2 38 ? 1.610   7.216   11.814  1.00 11.42 ? 63  GLU B O   1 
ATOM   477  C CB  . GLU B 2 38 ? 1.573   10.213  12.318  1.00 15.70 ? 63  GLU B CB  1 
ATOM   478  C CG  . GLU B 2 38 ? 1.778   10.067  13.817  1.00 21.38 ? 63  GLU B CG  1 
ATOM   479  C CD  . GLU B 2 38 ? 0.807   10.906  14.623  1.00 25.06 ? 63  GLU B CD  1 
ATOM   480  O OE1 . GLU B 2 38 ? -0.412  10.826  14.359  1.00 28.22 ? 63  GLU B OE1 1 
ATOM   481  O OE2 . GLU B 2 38 ? 1.259   11.643  15.525  1.00 28.62 ? 63  GLU B OE2 1 
ATOM   482  N N   . ARG B 2 39 ? 3.715   7.559   12.529  1.00 12.54 ? 64  ARG B N   1 
ATOM   483  C CA  . ARG B 2 39 ? 3.886   6.200   13.026  1.00 12.68 ? 64  ARG B CA  1 
ATOM   484  C C   . ARG B 2 39 ? 2.907   5.819   14.135  1.00 12.75 ? 64  ARG B C   1 
ATOM   485  O O   . ARG B 2 39 ? 2.696   6.574   15.086  1.00 14.67 ? 64  ARG B O   1 
ATOM   486  C CB  . ARG B 2 39 ? 5.322   5.999   13.516  1.00 12.86 ? 64  ARG B CB  1 
ATOM   487  C CG  . ARG B 2 39 ? 6.370   6.016   12.408  1.00 11.13 ? 64  ARG B CG  1 
ATOM   488  C CD  . ARG B 2 39 ? 7.778   5.970   12.992  1.00 12.26 ? 64  ARG B CD  1 
ATOM   489  N NE  . ARG B 2 39 ? 8.817   5.928   11.966  1.00 14.60 ? 64  ARG B NE  1 
ATOM   490  C CZ  . ARG B 2 39 ? 9.063   4.874   11.194  1.00 12.68 ? 64  ARG B CZ  1 
ATOM   491  N NH1 . ARG B 2 39 ? 8.345   3.768   11.327  1.00 14.98 ? 64  ARG B NH1 1 
ATOM   492  N NH2 . ARG B 2 39 ? 10.035  4.923   10.292  1.00 16.19 ? 64  ARG B NH2 1 
ATOM   493  N N   . GLY B 2 40 ? 2.310   4.638   13.997  1.00 13.09 ? 65  GLY B N   1 
ATOM   494  C CA  . GLY B 2 40 ? 1.373   4.148   14.993  1.00 13.53 ? 65  GLY B CA  1 
ATOM   495  C C   . GLY B 2 40 ? -0.030  4.723   14.932  1.00 14.20 ? 65  GLY B C   1 
ATOM   496  O O   . GLY B 2 40 ? -0.906  4.303   15.689  1.00 15.26 ? 65  GLY B O   1 
ATOM   497  N N   . SER B 2 41 ? -0.250  5.679   14.034  1.00 12.77 ? 66  SER B N   1 
ATOM   498  C CA  . SER B 2 41 ? -1.556  6.312   13.888  1.00 12.77 ? 66  SER B CA  1 
ATOM   499  C C   . SER B 2 41 ? -2.526  5.416   13.127  1.00 11.97 ? 66  SER B C   1 
ATOM   500  O O   . SER B 2 41 ? -3.744  5.551   13.260  1.00 14.18 ? 66  SER B O   1 
ATOM   501  C CB  . SER B 2 41 ? -1.418  7.631   13.131  1.00 12.73 ? 66  SER B CB  1 
ATOM   502  O OG  . SER B 2 41 ? -1.010  7.393   11.793  1.00 13.34 ? 66  SER B OG  1 
ATOM   503  N N   . GLY B 2 42 ? -1.974  4.510   12.328  1.00 10.63 ? 67  GLY B N   1 
ATOM   504  C CA  . GLY B 2 42 ? -2.796  3.614   11.535  1.00 11.65 ? 67  GLY B CA  1 
ATOM   505  C C   . GLY B 2 42 ? -3.443  4.359   10.383  1.00 10.19 ? 67  GLY B C   1 
ATOM   506  O O   . GLY B 2 42 ? -4.434  3.907   9.808   1.00 11.50 ? 67  GLY B O   1 
ATOM   507  N N   . VAL B 2 43 ? -2.874  5.505   10.029  1.00 8.95  ? 68  VAL B N   1 
ATOM   508  C CA  . VAL B 2 43 ? -3.433  6.303   8.950   1.00 8.90  ? 68  VAL B CA  1 
ATOM   509  C C   . VAL B 2 43 ? -3.257  5.692   7.564   1.00 8.76  ? 68  VAL B C   1 
ATOM   510  O O   . VAL B 2 43 ? -2.212  5.127   7.238   1.00 7.89  ? 68  VAL B O   1 
ATOM   511  C CB  . VAL B 2 43 ? -2.823  7.729   8.928   1.00 8.97  ? 68  VAL B CB  1 
ATOM   512  C CG1 . VAL B 2 43 ? -1.323  7.655   8.670   1.00 9.64  ? 68  VAL B CG1 1 
ATOM   513  C CG2 . VAL B 2 43 ? -3.505  8.578   7.850   1.00 10.02 ? 68  VAL B CG2 1 
ATOM   514  N N   . ILE B 2 44 ? -4.319  5.794   6.774   1.00 7.05  ? 69  ILE B N   1 
ATOM   515  C CA  . ILE B 2 44 ? -4.339  5.356   5.383   1.00 7.16  ? 69  ILE B CA  1 
ATOM   516  C C   . ILE B 2 44 ? -5.171  6.477   4.767   1.00 8.09  ? 69  ILE B C   1 
ATOM   517  O O   . ILE B 2 44 ? -6.401  6.421   4.762   1.00 7.09  ? 69  ILE B O   1 
ATOM   518  C CB  . ILE B 2 44 ? -5.064  4.001   5.185   1.00 7.27  ? 69  ILE B CB  1 
ATOM   519  C CG1 . ILE B 2 44 ? -4.278  2.870   5.866   1.00 7.82  ? 69  ILE B CG1 1 
ATOM   520  C CG2 . ILE B 2 44 ? -5.191  3.706   3.692   1.00 7.08  ? 69  ILE B CG2 1 
ATOM   521  C CD1 . ILE B 2 44 ? -2.912  2.586   5.240   1.00 9.39  ? 69  ILE B CD1 1 
ATOM   522  N N   . GLY B 2 45 ? -4.490  7.514   4.287   1.00 7.43  ? 70  GLY B N   1 
ATOM   523  C CA  . GLY B 2 45 ? -5.191  8.655   3.723   1.00 6.81  ? 70  GLY B CA  1 
ATOM   524  C C   . GLY B 2 45 ? -5.083  8.808   2.221   1.00 7.79  ? 70  GLY B C   1 
ATOM   525  O O   . GLY B 2 45 ? -3.999  8.705   1.647   1.00 9.48  ? 70  GLY B O   1 
ATOM   526  N N   . ILE B 2 46 ? -6.221  9.067   1.586   1.00 7.76  ? 71  ILE B N   1 
ATOM   527  C CA  . ILE B 2 46 ? -6.273  9.233   0.140   1.00 7.22  ? 71  ILE B CA  1 
ATOM   528  C C   . ILE B 2 46 ? -6.344  10.714  -0.207  1.00 8.66  ? 71  ILE B C   1 
ATOM   529  O O   . ILE B 2 46 ? -7.363  11.367  0.017   1.00 8.41  ? 71  ILE B O   1 
ATOM   530  C CB  . ILE B 2 46 ? -7.505  8.520   -0.455  1.00 7.53  ? 71  ILE B CB  1 
ATOM   531  C CG1 . ILE B 2 46 ? -7.528  7.052   -0.017  1.00 7.67  ? 71  ILE B CG1 1 
ATOM   532  C CG2 . ILE B 2 46 ? -7.476  8.620   -1.976  1.00 6.80  ? 71  ILE B CG2 1 
ATOM   533  C CD1 . ILE B 2 46 ? -6.354  6.227   -0.519  1.00 8.42  ? 71  ILE B CD1 1 
ATOM   534  N N   . ASN B 2 47 ? -5.253  11.236  -0.755  1.00 9.51  ? 72  ASN B N   1 
ATOM   535  C CA  . ASN B 2 47 ? -5.171  12.641  -1.127  1.00 10.73 ? 72  ASN B CA  1 
ATOM   536  C C   . ASN B 2 47 ? -5.294  12.848  -2.627  1.00 9.81  ? 72  ASN B C   1 
ATOM   537  O O   . ASN B 2 47 ? -4.899  11.998  -3.421  1.00 10.71 ? 72  ASN B O   1 
ATOM   538  C CB  . ASN B 2 47 ? -3.837  13.224  -0.656  1.00 14.24 ? 72  ASN B CB  1 
ATOM   539  C CG  . ASN B 2 47 ? -3.650  13.104  0.836   1.00 17.78 ? 72  ASN B CG  1 
ATOM   540  O OD1 . ASN B 2 47 ? -4.422  13.668  1.612   1.00 19.88 ? 72  ASN B OD1 1 
ATOM   541  N ND2 . ASN B 2 47 ? -2.622  12.364  1.250   1.00 18.28 ? 72  ASN B ND2 1 
ATOM   542  N N   . GLY B 2 48 ? -5.850  13.988  -3.011  1.00 7.83  ? 73  GLY B N   1 
ATOM   543  C CA  . GLY B 2 48 ? -5.983  14.293  -4.419  1.00 6.28  ? 73  GLY B CA  1 
ATOM   544  C C   . GLY B 2 48 ? -7.117  13.606  -5.148  1.00 6.12  ? 73  GLY B C   1 
ATOM   545  O O   . GLY B 2 48 ? -8.078  13.130  -4.545  1.00 5.66  ? 73  GLY B O   1 
ATOM   546  N N   . ALA B 2 49 ? -6.980  13.549  -6.468  1.00 6.73  ? 74  ALA B N   1 
ATOM   547  C CA  . ALA B 2 49 ? -7.989  12.969  -7.344  1.00 5.22  ? 74  ALA B CA  1 
ATOM   548  C C   . ALA B 2 49 ? -8.449  11.562  -6.988  1.00 5.91  ? 74  ALA B C   1 
ATOM   549  O O   . ALA B 2 49 ? -9.587  11.200  -7.266  1.00 5.31  ? 74  ALA B O   1 
ATOM   550  C CB  . ALA B 2 49 ? -7.490  13.006  -8.791  1.00 5.40  ? 74  ALA B CB  1 
ATOM   551  N N   . ALA B 2 50 ? -7.573  10.771  -6.379  1.00 5.84  ? 75  ALA B N   1 
ATOM   552  C CA  . ALA B 2 50 ? -7.919  9.404   -6.008  1.00 6.14  ? 75  ALA B CA  1 
ATOM   553  C C   . ALA B 2 50 ? -9.107  9.362   -5.056  1.00 5.15  ? 75  ALA B C   1 
ATOM   554  O O   . ALA B 2 50 ? -9.781  8.338   -4.947  1.00 5.88  ? 75  ALA B O   1 
ATOM   555  C CB  . ALA B 2 50 ? -6.710  8.712   -5.370  1.00 5.60  ? 75  ALA B CB  1 
ATOM   556  N N   . ALA B 2 51 ? -9.366  10.477  -4.375  1.00 5.92  ? 76  ALA B N   1 
ATOM   557  C CA  . ALA B 2 51 ? -10.477 10.557  -3.430  1.00 5.99  ? 76  ALA B CA  1 
ATOM   558  C C   . ALA B 2 51 ? -11.828 10.348  -4.110  1.00 5.13  ? 76  ALA B C   1 
ATOM   559  O O   . ALA B 2 51 ? -12.833 10.091  -3.447  1.00 6.94  ? 76  ALA B O   1 
ATOM   560  C CB  . ALA B 2 51 ? -10.448 11.898  -2.706  1.00 6.08  ? 76  ALA B CB  1 
ATOM   561  N N   . HIS B 2 52 ? -11.855 10.468  -5.432  1.00 5.93  ? 77  HIS B N   1 
ATOM   562  C CA  . HIS B 2 52 ? -13.082 10.253  -6.194  1.00 6.26  ? 77  HIS B CA  1 
ATOM   563  C C   . HIS B 2 52 ? -13.431 8.771   -6.222  1.00 7.49  ? 77  HIS B C   1 
ATOM   564  O O   . HIS B 2 52 ? -14.602 8.406   -6.304  1.00 9.13  ? 77  HIS B O   1 
ATOM   565  C CB  . HIS B 2 52 ? -12.903 10.709  -7.644  1.00 6.69  ? 77  HIS B CB  1 
ATOM   566  C CG  . HIS B 2 52 ? -13.141 12.168  -7.864  1.00 6.89  ? 77  HIS B CG  1 
ATOM   567  N ND1 . HIS B 2 52 ? -14.405 12.707  -7.976  1.00 11.01 ? 77  HIS B ND1 1 
ATOM   568  C CD2 . HIS B 2 52 ? -12.278 13.201  -8.013  1.00 9.05  ? 77  HIS B CD2 1 
ATOM   569  C CE1 . HIS B 2 52 ? -14.309 14.007  -8.188  1.00 10.27 ? 77  HIS B CE1 1 
ATOM   570  N NE2 . HIS B 2 52 ? -13.029 14.333  -8.215  1.00 9.65  ? 77  HIS B NE2 1 
ATOM   571  N N   . LEU B 2 53 ? -12.407 7.924   -6.147  1.00 6.92  ? 78  LEU B N   1 
ATOM   572  C CA  . LEU B 2 53 ? -12.590 6.477   -6.241  1.00 6.57  ? 78  LEU B CA  1 
ATOM   573  C C   . LEU B 2 53 ? -12.464 5.668   -4.957  1.00 6.25  ? 78  LEU B C   1 
ATOM   574  O O   . LEU B 2 53 ? -13.142 4.653   -4.802  1.00 8.61  ? 78  LEU B O   1 
ATOM   575  C CB  . LEU B 2 53 ? -11.602 5.913   -7.266  1.00 6.97  ? 78  LEU B CB  1 
ATOM   576  C CG  . LEU B 2 53 ? -11.613 6.586   -8.644  1.00 6.56  ? 78  LEU B CG  1 
ATOM   577  C CD1 . LEU B 2 53 ? -10.482 6.021   -9.502  1.00 8.23  ? 78  LEU B CD1 1 
ATOM   578  C CD2 . LEU B 2 53 ? -12.967 6.376   -9.308  1.00 10.92 ? 78  LEU B CD2 1 
ATOM   579  N N   . VAL B 2 54 ? -11.595 6.109   -4.053  1.00 6.48  ? 79  VAL B N   1 
ATOM   580  C CA  . VAL B 2 54 ? -11.363 5.403   -2.796  1.00 7.42  ? 79  VAL B CA  1 
ATOM   581  C C   . VAL B 2 54 ? -11.856 6.255   -1.632  1.00 7.85  ? 79  VAL B C   1 
ATOM   582  O O   . VAL B 2 54 ? -11.329 7.338   -1.376  1.00 8.61  ? 79  VAL B O   1 
ATOM   583  C CB  . VAL B 2 54 ? -9.861  5.091   -2.626  1.00 7.04  ? 79  VAL B CB  1 
ATOM   584  C CG1 . VAL B 2 54 ? -9.625  4.329   -1.329  1.00 9.86  ? 79  VAL B CG1 1 
ATOM   585  C CG2 . VAL B 2 54 ? -9.368  4.282   -3.820  1.00 7.20  ? 79  VAL B CG2 1 
ATOM   586  N N   . LYS B 2 55 ? -12.859 5.746   -0.920  1.00 7.14  ? 80  LYS B N   1 
ATOM   587  C CA  . LYS B 2 55 ? -13.479 6.478   0.183   1.00 8.05  ? 80  LYS B CA  1 
ATOM   588  C C   . LYS B 2 55 ? -13.129 5.983   1.585   1.00 6.84  ? 80  LYS B C   1 
ATOM   589  O O   . LYS B 2 55 ? -12.730 4.833   1.775   1.00 5.87  ? 80  LYS B O   1 
ATOM   590  C CB  . LYS B 2 55 ? -15.002 6.412   0.039   1.00 10.03 ? 80  LYS B CB  1 
ATOM   591  C CG  . LYS B 2 55 ? -15.524 6.515   -1.385  1.00 12.59 ? 80  LYS B CG  1 
ATOM   592  C CD  . LYS B 2 55 ? -15.318 7.899   -1.964  1.00 14.42 ? 80  LYS B CD  1 
ATOM   593  C CE  . LYS B 2 55 ? -15.894 7.983   -3.366  1.00 18.61 ? 80  LYS B CE  1 
ATOM   594  N NZ  . LYS B 2 55 ? -17.334 7.601   -3.390  1.00 22.45 ? 80  LYS B NZ  1 
ATOM   595  N N   . PRO B 2 56 ? -13.270 6.863   2.592   1.00 7.31  ? 81  PRO B N   1 
ATOM   596  C CA  . PRO B 2 56 ? -12.977 6.476   3.973   1.00 8.02  ? 81  PRO B CA  1 
ATOM   597  C C   . PRO B 2 56 ? -13.887 5.293   4.307   1.00 7.30  ? 81  PRO B C   1 
ATOM   598  O O   . PRO B 2 56 ? -15.068 5.303   3.960   1.00 6.42  ? 81  PRO B O   1 
ATOM   599  C CB  . PRO B 2 56 ? -13.351 7.724   4.763   1.00 8.99  ? 81  PRO B CB  1 
ATOM   600  C CG  . PRO B 2 56 ? -13.001 8.832   3.816   1.00 8.69  ? 81  PRO B CG  1 
ATOM   601  C CD  . PRO B 2 56 ? -13.532 8.311   2.493   1.00 8.45  ? 81  PRO B CD  1 
ATOM   602  N N   . GLY B 2 57 ? -13.342 4.277   4.966   1.00 7.45  ? 82  GLY B N   1 
ATOM   603  C CA  . GLY B 2 57 ? -14.142 3.114   5.303   1.00 7.64  ? 82  GLY B CA  1 
ATOM   604  C C   . GLY B 2 57 ? -13.934 1.970   4.327   1.00 8.16  ? 82  GLY B C   1 
ATOM   605  O O   . GLY B 2 57 ? -14.297 0.832   4.611   1.00 9.76  ? 82  GLY B O   1 
ATOM   606  N N   . ASP B 2 58 ? -13.365 2.272   3.165   1.00 7.86  ? 83  ASP B N   1 
ATOM   607  C CA  . ASP B 2 58 ? -13.099 1.245   2.159   1.00 6.90  ? 83  ASP B CA  1 
ATOM   608  C C   . ASP B 2 58 ? -11.992 0.309   2.629   1.00 6.63  ? 83  ASP B C   1 
ATOM   609  O O   . ASP B 2 58 ? -11.082 0.724   3.345   1.00 7.11  ? 83  ASP B O   1 
ATOM   610  C CB  . ASP B 2 58 ? -12.613 1.874   0.845   1.00 5.58  ? 83  ASP B CB  1 
ATOM   611  C CG  . ASP B 2 58 ? -13.732 2.439   -0.005  1.00 6.16  ? 83  ASP B CG  1 
ATOM   612  O OD1 . ASP B 2 58 ? -14.895 2.477   0.446   1.00 6.44  ? 83  ASP B OD1 1 
ATOM   613  O OD2 . ASP B 2 58 ? -13.426 2.855   -1.143  1.00 6.92  ? 83  ASP B OD2 1 
ATOM   614  N N   . LEU B 2 59 ? -12.077 -0.953  2.221   1.00 6.26  ? 84  LEU B N   1 
ATOM   615  C CA  . LEU B 2 59 ? -11.034 -1.925  2.521   1.00 7.00  ? 84  LEU B CA  1 
ATOM   616  C C   . LEU B 2 59 ? -10.217 -1.932  1.231   1.00 6.34  ? 84  LEU B C   1 
ATOM   617  O O   . LEU B 2 59 ? -10.779 -2.017  0.134   1.00 7.21  ? 84  LEU B O   1 
ATOM   618  C CB  . LEU B 2 59 ? -11.627 -3.311  2.788   1.00 8.46  ? 84  LEU B CB  1 
ATOM   619  C CG  . LEU B 2 59 ? -12.306 -3.515  4.147   1.00 11.41 ? 84  LEU B CG  1 
ATOM   620  C CD1 . LEU B 2 59 ? -12.864 -4.927  4.228   1.00 11.45 ? 84  LEU B CD1 1 
ATOM   621  C CD2 . LEU B 2 59 ? -11.301 -3.272  5.271   1.00 12.80 ? 84  LEU B CD2 1 
ATOM   622  N N   . VAL B 2 60 ? -8.898  -1.826  1.353   1.00 6.84  ? 85  VAL B N   1 
ATOM   623  C CA  . VAL B 2 60 ? -8.041  -1.783  0.177   1.00 6.10  ? 85  VAL B CA  1 
ATOM   624  C C   . VAL B 2 60 ? -6.809  -2.666  0.287   1.00 6.54  ? 85  VAL B C   1 
ATOM   625  O O   . VAL B 2 60 ? -6.451  -3.140  1.364   1.00 6.57  ? 85  VAL B O   1 
ATOM   626  C CB  . VAL B 2 60 ? -7.559  -0.336  -0.100  1.00 6.48  ? 85  VAL B CB  1 
ATOM   627  C CG1 . VAL B 2 60 ? -8.750  0.578   -0.350  1.00 8.13  ? 85  VAL B CG1 1 
ATOM   628  C CG2 . VAL B 2 60 ? -6.746  0.174   1.081   1.00 7.83  ? 85  VAL B CG2 1 
ATOM   629  N N   . ILE B 2 61 ? -6.170  -2.877  -0.857  1.00 5.67  ? 86  ILE B N   1 
ATOM   630  C CA  . ILE B 2 61 ? -4.949  -3.660  -0.939  1.00 6.44  ? 86  ILE B CA  1 
ATOM   631  C C   . ILE B 2 61 ? -3.935  -2.744  -1.621  1.00 5.88  ? 86  ILE B C   1 
ATOM   632  O O   . ILE B 2 61 ? -4.204  -2.220  -2.702  1.00 6.71  ? 86  ILE B O   1 
ATOM   633  C CB  . ILE B 2 61 ? -5.142  -4.915  -1.814  1.00 6.05  ? 86  ILE B CB  1 
ATOM   634  C CG1 . ILE B 2 61 ? -6.336  -5.728  -1.306  1.00 9.15  ? 86  ILE B CG1 1 
ATOM   635  C CG2 . ILE B 2 61 ? -3.878  -5.765  -1.786  1.00 6.73  ? 86  ILE B CG2 1 
ATOM   636  C CD1 . ILE B 2 61 ? -6.772  -6.841  -2.240  1.00 9.32  ? 86  ILE B CD1 1 
ATOM   637  N N   . LEU B 2 62 ? -2.794  -2.521  -0.977  1.00 6.46  ? 87  LEU B N   1 
ATOM   638  C CA  . LEU B 2 62 ? -1.749  -1.678  -1.553  1.00 6.78  ? 87  LEU B CA  1 
ATOM   639  C C   . LEU B 2 62 ? -0.662  -2.625  -2.033  1.00 6.86  ? 87  LEU B C   1 
ATOM   640  O O   . LEU B 2 62 ? -0.141  -3.421  -1.253  1.00 8.85  ? 87  LEU B O   1 
ATOM   641  C CB  . LEU B 2 62 ? -1.187  -0.720  -0.499  1.00 8.70  ? 87  LEU B CB  1 
ATOM   642  C CG  . LEU B 2 62 ? -2.215  0.143   0.239   1.00 12.32 ? 87  LEU B CG  1 
ATOM   643  C CD1 . LEU B 2 62 ? -1.489  1.094   1.187   1.00 14.65 ? 87  LEU B CD1 1 
ATOM   644  C CD2 . LEU B 2 62 ? -3.052  0.925   -0.755  1.00 14.96 ? 87  LEU B CD2 1 
ATOM   645  N N   . VAL B 2 63 ? -0.323  -2.540  -3.315  1.00 5.40  ? 88  VAL B N   1 
ATOM   646  C CA  . VAL B 2 63 ? 0.672   -3.427  -3.897  1.00 5.59  ? 88  VAL B CA  1 
ATOM   647  C C   . VAL B 2 63 ? 1.794   -2.666  -4.593  1.00 5.42  ? 88  VAL B C   1 
ATOM   648  O O   . VAL B 2 63 ? 1.546   -1.724  -5.343  1.00 5.30  ? 88  VAL B O   1 
ATOM   649  C CB  . VAL B 2 63 ? 0.003   -4.377  -4.920  1.00 6.55  ? 88  VAL B CB  1 
ATOM   650  C CG1 . VAL B 2 63 ? 1.021   -5.355  -5.480  1.00 6.09  ? 88  VAL B CG1 1 
ATOM   651  C CG2 . VAL B 2 63 ? -1.151  -5.117  -4.258  1.00 7.91  ? 88  VAL B CG2 1 
ATOM   652  N N   . ALA B 2 64 ? 3.030   -3.086  -4.338  1.00 5.42  ? 89  ALA B N   1 
ATOM   653  C CA  . ALA B 2 64 ? 4.199   -2.465  -4.951  1.00 6.63  ? 89  ALA B CA  1 
ATOM   654  C C   . ALA B 2 64 ? 4.900   -3.484  -5.843  1.00 6.85  ? 89  ALA B C   1 
ATOM   655  O O   . ALA B 2 64 ? 5.082   -4.643  -5.453  1.00 6.93  ? 89  ALA B O   1 
ATOM   656  C CB  . ALA B 2 64 ? 5.153   -1.958  -3.868  1.00 6.71  ? 89  ALA B CB  1 
ATOM   657  N N   . TYR B 2 65 ? 5.283   -3.055  -7.042  1.00 5.80  ? 90  TYR B N   1 
ATOM   658  C CA  . TYR B 2 65 ? 5.968   -3.931  -7.990  1.00 6.06  ? 90  TYR B CA  1 
ATOM   659  C C   . TYR B 2 65 ? 7.358   -3.385  -8.283  1.00 7.64  ? 90  TYR B C   1 
ATOM   660  O O   . TYR B 2 65 ? 7.535   -2.175  -8.422  1.00 9.59  ? 90  TYR B O   1 
ATOM   661  C CB  . TYR B 2 65 ? 5.203   -4.015  -9.318  1.00 5.97  ? 90  TYR B CB  1 
ATOM   662  C CG  . TYR B 2 65 ? 3.770   -4.485  -9.224  1.00 5.83  ? 90  TYR B CG  1 
ATOM   663  C CD1 . TYR B 2 65 ? 2.726   -3.578  -9.016  1.00 7.12  ? 90  TYR B CD1 1 
ATOM   664  C CD2 . TYR B 2 65 ? 3.448   -5.834  -9.383  1.00 5.47  ? 90  TYR B CD2 1 
ATOM   665  C CE1 . TYR B 2 65 ? 1.396   -4.006  -8.978  1.00 7.69  ? 90  TYR B CE1 1 
ATOM   666  C CE2 . TYR B 2 65 ? 2.124   -6.269  -9.346  1.00 4.08  ? 90  TYR B CE2 1 
ATOM   667  C CZ  . TYR B 2 65 ? 1.106   -5.350  -9.146  1.00 5.05  ? 90  TYR B CZ  1 
ATOM   668  O OH  . TYR B 2 65 ? -0.202  -5.779  -9.130  1.00 7.21  ? 90  TYR B OH  1 
ATOM   669  N N   . GLY B 2 66 ? 8.338   -4.278  -8.385  1.00 8.43  ? 91  GLY B N   1 
ATOM   670  C CA  . GLY B 2 66 ? 9.697   -3.861  -8.684  1.00 8.68  ? 91  GLY B CA  1 
ATOM   671  C C   . GLY B 2 66 ? 10.179  -4.471  -9.985  1.00 9.59  ? 91  GLY B C   1 
ATOM   672  O O   . GLY B 2 66 ? 9.505   -5.327  -10.561 1.00 8.91  ? 91  GLY B O   1 
ATOM   673  N N   . VAL B 2 67 ? 11.339  -4.029  -10.458 1.00 8.99  ? 92  VAL B N   1 
ATOM   674  C CA  . VAL B 2 67 ? 11.914  -4.542  -11.699 1.00 10.32 ? 92  VAL B CA  1 
ATOM   675  C C   . VAL B 2 67 ? 13.119  -5.386  -11.301 1.00 10.56 ? 92  VAL B C   1 
ATOM   676  O O   . VAL B 2 67 ? 14.091  -4.872  -10.743 1.00 10.90 ? 92  VAL B O   1 
ATOM   677  C CB  . VAL B 2 67 ? 12.342  -3.388  -12.625 1.00 11.00 ? 92  VAL B CB  1 
ATOM   678  C CG1 . VAL B 2 67 ? 12.856  -3.940  -13.943 1.00 12.56 ? 92  VAL B CG1 1 
ATOM   679  C CG2 . VAL B 2 67 ? 11.155  -2.456  -12.865 1.00 10.54 ? 92  VAL B CG2 1 
ATOM   680  N N   . PHE B 2 68 ? 13.050  -6.680  -11.602 1.00 10.16 ? 93  PHE B N   1 
ATOM   681  C CA  . PHE B 2 68 ? 14.093  -7.624  -11.213 1.00 12.42 ? 93  PHE B CA  1 
ATOM   682  C C   . PHE B 2 68 ? 14.942  -8.267  -12.298 1.00 14.39 ? 93  PHE B C   1 
ATOM   683  O O   . PHE B 2 68 ? 14.494  -8.482  -13.426 1.00 14.22 ? 93  PHE B O   1 
ATOM   684  C CB  . PHE B 2 68 ? 13.473  -8.773  -10.411 1.00 10.16 ? 93  PHE B CB  1 
ATOM   685  C CG  . PHE B 2 68 ? 12.799  -8.349  -9.141  1.00 11.58 ? 93  PHE B CG  1 
ATOM   686  C CD1 . PHE B 2 68 ? 11.581  -7.679  -9.169  1.00 12.05 ? 93  PHE B CD1 1 
ATOM   687  C CD2 . PHE B 2 68 ? 13.371  -8.649  -7.912  1.00 11.96 ? 93  PHE B CD2 1 
ATOM   688  C CE1 . PHE B 2 68 ? 10.940  -7.319  -7.985  1.00 13.67 ? 93  PHE B CE1 1 
ATOM   689  C CE2 . PHE B 2 68 ? 12.741  -8.294  -6.724  1.00 11.89 ? 93  PHE B CE2 1 
ATOM   690  C CZ  . PHE B 2 68 ? 11.524  -7.628  -6.761  1.00 12.48 ? 93  PHE B CZ  1 
ATOM   691  N N   . ASP B 2 69 ? 16.174  -8.599  -11.922 1.00 17.69 ? 94  ASP B N   1 
ATOM   692  C CA  . ASP B 2 69 ? 17.089  -9.295  -12.815 1.00 21.37 ? 94  ASP B CA  1 
ATOM   693  C C   . ASP B 2 69 ? 16.585  -10.737 -12.770 1.00 22.32 ? 94  ASP B C   1 
ATOM   694  O O   . ASP B 2 69 ? 15.849  -11.105 -11.853 1.00 20.84 ? 94  ASP B O   1 
ATOM   695  C CB  . ASP B 2 69 ? 18.525  -9.238  -12.281 1.00 24.91 ? 94  ASP B CB  1 
ATOM   696  C CG  . ASP B 2 69 ? 19.088  -7.830  -12.260 1.00 28.13 ? 94  ASP B CG  1 
ATOM   697  O OD1 . ASP B 2 69 ? 19.251  -7.235  -13.346 1.00 30.45 ? 94  ASP B OD1 1 
ATOM   698  O OD2 . ASP B 2 69 ? 19.371  -7.319  -11.155 1.00 31.96 ? 94  ASP B OD2 1 
ATOM   699  N N   . GLU B 2 70 ? 16.981  -11.550 -13.742 1.00 24.59 ? 95  GLU B N   1 
ATOM   700  C CA  . GLU B 2 70 ? 16.541  -12.941 -13.797 1.00 26.69 ? 95  GLU B CA  1 
ATOM   701  C C   . GLU B 2 70 ? 16.778  -13.697 -12.489 1.00 26.65 ? 95  GLU B C   1 
ATOM   702  O O   . GLU B 2 70 ? 15.877  -14.360 -11.971 1.00 26.77 ? 95  GLU B O   1 
ATOM   703  C CB  . GLU B 2 70 ? 17.250  -13.667 -14.945 1.00 30.07 ? 95  GLU B CB  1 
ATOM   704  C CG  . GLU B 2 70 ? 16.783  -15.099 -15.168 1.00 34.55 ? 95  GLU B CG  1 
ATOM   705  C CD  . GLU B 2 70 ? 15.316  -15.188 -15.548 1.00 36.85 ? 95  GLU B CD  1 
ATOM   706  O OE1 . GLU B 2 70 ? 14.925  -14.572 -16.563 1.00 38.29 ? 95  GLU B OE1 1 
ATOM   707  O OE2 . GLU B 2 70 ? 14.556  -15.875 -14.833 1.00 37.75 ? 95  GLU B OE2 1 
ATOM   708  N N   . GLU B 2 71 ? 17.989  -13.585 -11.957 1.00 25.64 ? 96  GLU B N   1 
ATOM   709  C CA  . GLU B 2 71 ? 18.358  -14.272 -10.724 1.00 25.05 ? 96  GLU B CA  1 
ATOM   710  C C   . GLU B 2 71 ? 17.540  -13.846 -9.507  1.00 22.76 ? 96  GLU B C   1 
ATOM   711  O O   . GLU B 2 71 ? 16.956  -14.687 -8.820  1.00 21.11 ? 96  GLU B O   1 
ATOM   712  C CB  . GLU B 2 71 ? 19.849  -14.065 -10.444 1.00 27.70 ? 96  GLU B CB  1 
ATOM   713  C CG  . GLU B 2 71 ? 20.371  -14.820 -9.231  1.00 31.29 ? 96  GLU B CG  1 
ATOM   714  C CD  . GLU B 2 71 ? 21.877  -14.702 -9.073  1.00 34.01 ? 96  GLU B CD  1 
ATOM   715  O OE1 . GLU B 2 71 ? 22.377  -13.569 -8.909  1.00 35.62 ? 96  GLU B OE1 1 
ATOM   716  O OE2 . GLU B 2 71 ? 22.561  -15.746 -9.116  1.00 36.38 ? 96  GLU B OE2 1 
ATOM   717  N N   . GLU B 2 72 ? 17.493  -12.545 -9.239  1.00 21.19 ? 97  GLU B N   1 
ATOM   718  C CA  . GLU B 2 72 ? 16.751  -12.045 -8.088  1.00 19.15 ? 97  GLU B CA  1 
ATOM   719  C C   . GLU B 2 72 ? 15.257  -12.343 -8.181  1.00 17.79 ? 97  GLU B C   1 
ATOM   720  O O   . GLU B 2 72 ? 14.601  -12.569 -7.166  1.00 17.44 ? 97  GLU B O   1 
ATOM   721  C CB  . GLU B 2 72 ? 16.965  -10.535 -7.923  1.00 19.97 ? 97  GLU B CB  1 
ATOM   722  C CG  . GLU B 2 72 ? 16.365  -9.980  -6.634  1.00 23.40 ? 97  GLU B CG  1 
ATOM   723  C CD  . GLU B 2 72 ? 16.708  -8.518  -6.387  1.00 24.33 ? 97  GLU B CD  1 
ATOM   724  O OE1 . GLU B 2 72 ? 16.344  -8.002  -5.308  1.00 26.23 ? 97  GLU B OE1 1 
ATOM   725  O OE2 . GLU B 2 72 ? 17.338  -7.885  -7.260  1.00 25.15 ? 97  GLU B OE2 1 
ATOM   726  N N   . ALA B 2 73 ? 14.723  -12.349 -9.398  1.00 16.43 ? 98  ALA B N   1 
ATOM   727  C CA  . ALA B 2 73 ? 13.304  -12.619 -9.595  1.00 15.86 ? 98  ALA B CA  1 
ATOM   728  C C   . ALA B 2 73 ? 12.939  -14.038 -9.166  1.00 15.38 ? 98  ALA B C   1 
ATOM   729  O O   . ALA B 2 73 ? 11.893  -14.261 -8.560  1.00 15.31 ? 98  ALA B O   1 
ATOM   730  C CB  . ALA B 2 73 ? 12.928  -12.400 -11.058 1.00 16.30 ? 98  ALA B CB  1 
ATOM   731  N N   . ARG B 2 74 ? 13.811  -14.993 -9.475  1.00 16.67 ? 99  ARG B N   1 
ATOM   732  C CA  . ARG B 2 74 ? 13.565  -16.389 -9.128  1.00 18.92 ? 99  ARG B CA  1 
ATOM   733  C C   . ARG B 2 74 ? 13.711  -16.687 -7.640  1.00 18.98 ? 99  ARG B C   1 
ATOM   734  O O   . ARG B 2 74 ? 13.197  -17.692 -7.152  1.00 20.11 ? 99  ARG B O   1 
ATOM   735  C CB  . ARG B 2 74 ? 14.499  -17.299 -9.931  1.00 21.24 ? 99  ARG B CB  1 
ATOM   736  C CG  . ARG B 2 74 ? 14.170  -17.348 -11.413 1.00 24.55 ? 99  ARG B CG  1 
ATOM   737  C CD  . ARG B 2 74 ? 15.182  -18.174 -12.191 1.00 27.84 ? 99  ARG B CD  1 
ATOM   738  N NE  . ARG B 2 74 ? 14.777  -18.346 -13.583 1.00 31.62 ? 99  ARG B NE  1 
ATOM   739  C CZ  . ARG B 2 74 ? 13.720  -19.051 -13.972 1.00 32.79 ? 99  ARG B CZ  1 
ATOM   740  N NH1 . ARG B 2 74 ? 12.955  -19.655 -13.072 1.00 34.59 ? 99  ARG B NH1 1 
ATOM   741  N NH2 . ARG B 2 74 ? 13.422  -19.153 -15.259 1.00 34.07 ? 99  ARG B NH2 1 
ATOM   742  N N   . ASN B 2 75 ? 14.412  -15.817 -6.920  1.00 18.60 ? 100 ASN B N   1 
ATOM   743  C CA  . ASN B 2 75 ? 14.614  -16.013 -5.488  1.00 19.71 ? 100 ASN B CA  1 
ATOM   744  C C   . ASN B 2 75 ? 13.743  -15.085 -4.650  1.00 17.85 ? 100 ASN B C   1 
ATOM   745  O O   . ASN B 2 75 ? 13.784  -15.122 -3.422  1.00 17.97 ? 100 ASN B O   1 
ATOM   746  C CB  . ASN B 2 75 ? 16.085  -15.792 -5.130  1.00 21.84 ? 100 ASN B CB  1 
ATOM   747  C CG  . ASN B 2 75 ? 16.982  -16.906 -5.637  1.00 25.53 ? 100 ASN B CG  1 
ATOM   748  O OD1 . ASN B 2 75 ? 17.058  -17.161 -6.837  1.00 27.98 ? 100 ASN B OD1 1 
ATOM   749  N ND2 . ASN B 2 75 ? 17.665  -17.576 -4.717  1.00 27.98 ? 100 ASN B ND2 1 
ATOM   750  N N   . LEU B 2 76 ? 12.945  -14.263 -5.319  1.00 15.66 ? 101 LEU B N   1 
ATOM   751  C CA  . LEU B 2 76 ? 12.077  -13.312 -4.636  1.00 14.34 ? 101 LEU B CA  1 
ATOM   752  C C   . LEU B 2 76 ? 11.026  -13.920 -3.711  1.00 12.38 ? 101 LEU B C   1 
ATOM   753  O O   . LEU B 2 76 ? 10.312  -14.852 -4.079  1.00 12.74 ? 101 LEU B O   1 
ATOM   754  C CB  . LEU B 2 76 ? 11.366  -12.424 -5.661  1.00 13.78 ? 101 LEU B CB  1 
ATOM   755  C CG  . LEU B 2 76 ? 10.305  -11.470 -5.100  1.00 12.54 ? 101 LEU B CG  1 
ATOM   756  C CD1 . LEU B 2 76 ? 10.947  -10.482 -4.135  1.00 14.12 ? 101 LEU B CD1 1 
ATOM   757  C CD2 . LEU B 2 76 ? 9.628   -10.732 -6.245  1.00 14.29 ? 101 LEU B CD2 1 
ATOM   758  N N   . LYS B 2 77 ? 10.947  -13.368 -2.503  1.00 12.46 ? 102 LYS B N   1 
ATOM   759  C CA  . LYS B 2 77 ? 9.969   -13.780 -1.504  1.00 11.71 ? 102 LYS B CA  1 
ATOM   760  C C   . LYS B 2 77 ? 9.225   -12.503 -1.119  1.00 10.98 ? 102 LYS B C   1 
ATOM   761  O O   . LYS B 2 77 ? 9.686   -11.737 -0.275  1.00 12.95 ? 102 LYS B O   1 
ATOM   762  C CB  . LYS B 2 77 ? 10.661  -14.367 -0.271  1.00 15.25 ? 102 LYS B CB  1 
ATOM   763  C CG  . LYS B 2 77 ? 11.146  -15.795 -0.449  1.00 16.68 ? 102 LYS B CG  1 
ATOM   764  C CD  . LYS B 2 77 ? 11.808  -16.306 0.821   1.00 22.78 ? 102 LYS B CD  1 
ATOM   765  C CE  . LYS B 2 77 ? 11.986  -17.815 0.786   1.00 25.80 ? 102 LYS B CE  1 
ATOM   766  N NZ  . LYS B 2 77 ? 10.671  -18.522 0.781   1.00 29.47 ? 102 LYS B NZ  1 
ATOM   767  N N   . PRO B 2 78 ? 8.070   -12.246 -1.755  1.00 9.82  ? 103 PRO B N   1 
ATOM   768  C CA  . PRO B 2 78 ? 7.266   -11.052 -1.480  1.00 10.27 ? 103 PRO B CA  1 
ATOM   769  C C   . PRO B 2 78 ? 6.853   -10.922 -0.024  1.00 9.80  ? 103 PRO B C   1 
ATOM   770  O O   . PRO B 2 78 ? 6.606   -11.920 0.652   1.00 10.87 ? 103 PRO B O   1 
ATOM   771  C CB  . PRO B 2 78 ? 6.061   -11.227 -2.401  1.00 9.38  ? 103 PRO B CB  1 
ATOM   772  C CG  . PRO B 2 78 ? 6.625   -11.996 -3.544  1.00 9.88  ? 103 PRO B CG  1 
ATOM   773  C CD  . PRO B 2 78 ? 7.465   -13.035 -2.839  1.00 9.60  ? 103 PRO B CD  1 
ATOM   774  N N   . THR B 2 79 ? 6.773   -9.681  0.443   1.00 8.04  ? 104 THR B N   1 
ATOM   775  C CA  . THR B 2 79 ? 6.381   -9.390  1.812   1.00 7.56  ? 104 THR B CA  1 
ATOM   776  C C   . THR B 2 79 ? 4.904   -9.022  1.860   1.00 8.15  ? 104 THR B C   1 
ATOM   777  O O   . THR B 2 79 ? 4.443   -8.169  1.102   1.00 8.97  ? 104 THR B O   1 
ATOM   778  C CB  . THR B 2 79 ? 7.215   -8.224  2.379   1.00 7.79  ? 104 THR B CB  1 
ATOM   779  O OG1 . THR B 2 79 ? 8.597   -8.606  2.409   1.00 8.66  ? 104 THR B OG1 1 
ATOM   780  C CG2 . THR B 2 79 ? 6.753   -7.864  3.786   1.00 7.27  ? 104 THR B CG2 1 
ATOM   781  N N   . VAL B 2 80 ? 4.165   -9.685  2.742   1.00 7.15  ? 105 VAL B N   1 
ATOM   782  C CA  . VAL B 2 80 ? 2.740   -9.426  2.903   1.00 8.06  ? 105 VAL B CA  1 
ATOM   783  C C   . VAL B 2 80 ? 2.445   -8.984  4.330   1.00 8.15  ? 105 VAL B C   1 
ATOM   784  O O   . VAL B 2 80 ? 2.678   -9.728  5.281   1.00 9.38  ? 105 VAL B O   1 
ATOM   785  C CB  . VAL B 2 80 ? 1.900   -10.683 2.590   1.00 7.80  ? 105 VAL B CB  1 
ATOM   786  C CG1 . VAL B 2 80 ? 0.425   -10.397 2.833   1.00 8.02  ? 105 VAL B CG1 1 
ATOM   787  C CG2 . VAL B 2 80 ? 2.123   -11.114 1.146   1.00 8.84  ? 105 VAL B CG2 1 
ATOM   788  N N   . VAL B 2 81 ? 1.937   -7.764  4.475   1.00 7.40  ? 106 VAL B N   1 
ATOM   789  C CA  . VAL B 2 81 ? 1.598   -7.232  5.787   1.00 8.02  ? 106 VAL B CA  1 
ATOM   790  C C   . VAL B 2 81 ? 0.096   -7.350  6.022   1.00 8.73  ? 106 VAL B C   1 
ATOM   791  O O   . VAL B 2 81 ? -0.701  -6.793  5.269   1.00 8.73  ? 106 VAL B O   1 
ATOM   792  C CB  . VAL B 2 81 ? 1.990   -5.747  5.908   1.00 7.53  ? 106 VAL B CB  1 
ATOM   793  C CG1 . VAL B 2 81 ? 1.650   -5.230  7.300   1.00 9.23  ? 106 VAL B CG1 1 
ATOM   794  C CG2 . VAL B 2 81 ? 3.472   -5.578  5.621   1.00 9.39  ? 106 VAL B CG2 1 
ATOM   795  N N   . LEU B 2 82 ? -0.288  -8.090  7.057   1.00 8.49  ? 107 LEU B N   1 
ATOM   796  C CA  . LEU B 2 82 ? -1.699  -8.252  7.395   1.00 8.77  ? 107 LEU B CA  1 
ATOM   797  C C   . LEU B 2 82 ? -1.998  -7.316  8.558   1.00 9.11  ? 107 LEU B C   1 
ATOM   798  O O   . LEU B 2 82 ? -1.238  -7.261  9.528   1.00 8.90  ? 107 LEU B O   1 
ATOM   799  C CB  . LEU B 2 82 ? -1.996  -9.700  7.792   1.00 8.71  ? 107 LEU B CB  1 
ATOM   800  C CG  . LEU B 2 82 ? -1.643  -10.759 6.743   1.00 10.05 ? 107 LEU B CG  1 
ATOM   801  C CD1 . LEU B 2 82 ? -2.010  -12.139 7.263   1.00 10.84 ? 107 LEU B CD1 1 
ATOM   802  C CD2 . LEU B 2 82 ? -2.386  -10.466 5.447   1.00 10.61 ? 107 LEU B CD2 1 
ATOM   803  N N   . VAL B 2 83 ? -3.101  -6.578  8.464   1.00 8.22  ? 108 VAL B N   1 
ATOM   804  C CA  . VAL B 2 83 ? -3.466  -5.620  9.506   1.00 9.92  ? 108 VAL B CA  1 
ATOM   805  C C   . VAL B 2 83 ? -4.909  -5.776  9.980   1.00 9.47  ? 108 VAL B C   1 
ATOM   806  O O   . VAL B 2 83 ? -5.720  -6.431  9.321   1.00 11.36 ? 108 VAL B O   1 
ATOM   807  C CB  . VAL B 2 83 ? -3.285  -4.166  9.004   1.00 9.44  ? 108 VAL B CB  1 
ATOM   808  C CG1 . VAL B 2 83 ? -1.858  -3.954  8.506   1.00 9.17  ? 108 VAL B CG1 1 
ATOM   809  C CG2 . VAL B 2 83 ? -4.291  -3.867  7.896   1.00 9.32  ? 108 VAL B CG2 1 
ATOM   810  N N   . ASP B 2 84 ? -5.221  -5.175  11.128  1.00 9.52  ? 109 ASP B N   1 
ATOM   811  C CA  . ASP B 2 84 ? -6.573  -5.245  11.670  1.00 10.71 ? 109 ASP B CA  1 
ATOM   812  C C   . ASP B 2 84 ? -7.403  -4.048  11.212  1.00 11.82 ? 109 ASP B C   1 
ATOM   813  O O   . ASP B 2 84 ? -6.967  -3.284  10.347  1.00 9.91  ? 109 ASP B O   1 
ATOM   814  C CB  . ASP B 2 84 ? -6.559  -5.339  13.208  1.00 12.46 ? 109 ASP B CB  1 
ATOM   815  C CG  . ASP B 2 84 ? -5.889  -4.151  13.876  1.00 14.69 ? 109 ASP B CG  1 
ATOM   816  O OD1 . ASP B 2 84 ? -5.923  -3.039  13.315  1.00 13.96 ? 109 ASP B OD1 1 
ATOM   817  O OD2 . ASP B 2 84 ? -5.343  -4.334  14.988  1.00 18.02 ? 109 ASP B OD2 1 
ATOM   818  N N   . GLU B 2 85 ? -8.593  -3.882  11.785  1.00 12.00 ? 110 GLU B N   1 
ATOM   819  C CA  . GLU B 2 85 ? -9.478  -2.792  11.384  1.00 13.45 ? 110 GLU B CA  1 
ATOM   820  C C   . GLU B 2 85 ? -8.969  -1.396  11.730  1.00 13.36 ? 110 GLU B C   1 
ATOM   821  O O   . GLU B 2 85 ? -9.539  -0.399  11.287  1.00 13.25 ? 110 GLU B O   1 
ATOM   822  C CB  . GLU B 2 85 ? -10.879 -2.994  11.973  1.00 18.26 ? 110 GLU B CB  1 
ATOM   823  C CG  . GLU B 2 85 ? -11.016 -2.677  13.453  1.00 22.02 ? 110 GLU B CG  1 
ATOM   824  C CD  . GLU B 2 85 ? -10.071 -3.486  14.318  1.00 24.49 ? 110 GLU B CD  1 
ATOM   825  O OE1 . GLU B 2 85 ? -10.005 -4.722  14.140  1.00 26.11 ? 110 GLU B OE1 1 
ATOM   826  O OE2 . GLU B 2 85 ? -9.402  -2.882  15.184  1.00 29.33 ? 110 GLU B OE2 1 
ATOM   827  N N   . ARG B 2 86 ? -7.905  -1.322  12.522  1.00 11.96 ? 111 ARG B N   1 
ATOM   828  C CA  . ARG B 2 86 ? -7.319  -0.040  12.893  1.00 12.96 ? 111 ARG B CA  1 
ATOM   829  C C   . ARG B 2 86 ? -5.948  0.124   12.236  1.00 11.11 ? 111 ARG B C   1 
ATOM   830  O O   . ARG B 2 86 ? -5.180  1.029   12.563  1.00 11.20 ? 111 ARG B O   1 
ATOM   831  C CB  . ARG B 2 86 ? -7.208  0.072   14.416  1.00 15.68 ? 111 ARG B CB  1 
ATOM   832  C CG  . ARG B 2 86 ? -8.560  0.223   15.113  1.00 19.64 ? 111 ARG B CG  1 
ATOM   833  C CD  . ARG B 2 86 ? -9.279  1.484   14.645  1.00 21.17 ? 111 ARG B CD  1 
ATOM   834  N NE  . ARG B 2 86 ? -10.588 1.655   15.273  1.00 24.64 ? 111 ARG B NE  1 
ATOM   835  C CZ  . ARG B 2 86 ? -11.395 2.686   15.040  1.00 26.23 ? 111 ARG B CZ  1 
ATOM   836  N NH1 . ARG B 2 86 ? -11.025 3.640   14.194  1.00 27.61 ? 111 ARG B NH1 1 
ATOM   837  N NH2 . ARG B 2 86 ? -12.574 2.766   15.648  1.00 23.39 ? 111 ARG B NH2 1 
ATOM   838  N N   . ASN B 2 87 ? -5.662  -0.770  11.294  1.00 10.24 ? 112 ASN B N   1 
ATOM   839  C CA  . ASN B 2 87 ? -4.415  -0.762  10.544  1.00 8.99  ? 112 ASN B CA  1 
ATOM   840  C C   . ASN B 2 87 ? -3.170  -1.040  11.377  1.00 9.65  ? 112 ASN B C   1 
ATOM   841  O O   . ASN B 2 87 ? -2.085  -0.539  11.078  1.00 9.92  ? 112 ASN B O   1 
ATOM   842  C CB  . ASN B 2 87 ? -4.279  0.560   9.785   1.00 7.65  ? 112 ASN B CB  1 
ATOM   843  C CG  . ASN B 2 87 ? -5.411  0.768   8.796   1.00 9.25  ? 112 ASN B CG  1 
ATOM   844  O OD1 . ASN B 2 87 ? -5.937  1.873   8.654   1.00 11.12 ? 112 ASN B OD1 1 
ATOM   845  N ND2 . ASN B 2 87 ? -5.792  -0.300  8.107   1.00 6.19  ? 112 ASN B ND2 1 
ATOM   846  N N   . ARG B 2 88 ? -3.341  -1.837  12.429  1.00 9.90  ? 113 ARG B N   1 
ATOM   847  C CA  . ARG B 2 88 ? -2.228  -2.244  13.277  1.00 12.20 ? 113 ARG B CA  1 
ATOM   848  C C   . ARG B 2 88 ? -1.761  -3.586  12.721  1.00 11.60 ? 113 ARG B C   1 
ATOM   849  O O   . ARG B 2 88 ? -2.577  -4.395  12.288  1.00 13.30 ? 113 ARG B O   1 
ATOM   850  C CB  . ARG B 2 88 ? -2.684  -2.409  14.729  1.00 15.39 ? 113 ARG B CB  1 
ATOM   851  C CG  . ARG B 2 88 ? -2.520  -1.164  15.588  1.00 22.13 ? 113 ARG B CG  1 
ATOM   852  C CD  . ARG B 2 88 ? -3.291  0.026   15.047  1.00 26.99 ? 113 ARG B CD  1 
ATOM   853  N NE  . ARG B 2 88 ? -3.112  1.199   15.901  1.00 32.22 ? 113 ARG B NE  1 
ATOM   854  C CZ  . ARG B 2 88 ? -3.663  2.386   15.670  1.00 33.36 ? 113 ARG B CZ  1 
ATOM   855  N NH1 . ARG B 2 88 ? -4.434  2.568   14.606  1.00 34.90 ? 113 ARG B NH1 1 
ATOM   856  N NH2 . ARG B 2 88 ? -3.441  3.395   16.504  1.00 33.13 ? 113 ARG B NH2 1 
ATOM   857  N N   . ILE B 2 89 ? -0.455  -3.823  12.729  1.00 10.80 ? 114 ILE B N   1 
ATOM   858  C CA  . ILE B 2 89 ? 0.088   -5.064  12.189  1.00 11.20 ? 114 ILE B CA  1 
ATOM   859  C C   . ILE B 2 89 ? -0.261  -6.311  12.996  1.00 12.35 ? 114 ILE B C   1 
ATOM   860  O O   . ILE B 2 89 ? -0.026  -6.374  14.205  1.00 13.24 ? 114 ILE B O   1 
ATOM   861  C CB  . ILE B 2 89 ? 1.620   -4.978  12.052  1.00 11.85 ? 114 ILE B CB  1 
ATOM   862  C CG1 . ILE B 2 89 ? 1.991   -3.799  11.148  1.00 13.23 ? 114 ILE B CG1 1 
ATOM   863  C CG2 . ILE B 2 89 ? 2.166   -6.273  11.455  1.00 12.80 ? 114 ILE B CG2 1 
ATOM   864  C CD1 . ILE B 2 89 ? 3.478   -3.515  11.088  1.00 15.16 ? 114 ILE B CD1 1 
ATOM   865  N N   . LEU B 2 90 ? -0.827  -7.302  12.314  1.00 11.32 ? 115 LEU B N   1 
ATOM   866  C CA  . LEU B 2 90 ? -1.196  -8.559  12.950  1.00 12.30 ? 115 LEU B CA  1 
ATOM   867  C C   . LEU B 2 90 ? -0.133  -9.607  12.655  1.00 12.48 ? 115 LEU B C   1 
ATOM   868  O O   . LEU B 2 90 ? 0.198   -10.431 13.509  1.00 13.03 ? 115 LEU B O   1 
ATOM   869  C CB  . LEU B 2 90 ? -2.544  -9.055  12.417  1.00 14.17 ? 115 LEU B CB  1 
ATOM   870  C CG  . LEU B 2 90 ? -3.788  -8.226  12.736  1.00 15.93 ? 115 LEU B CG  1 
ATOM   871  C CD1 . LEU B 2 90 ? -4.984  -8.790  11.976  1.00 14.96 ? 115 LEU B CD1 1 
ATOM   872  C CD2 . LEU B 2 90 ? -4.048  -8.244  14.237  1.00 17.67 ? 115 LEU B CD2 1 
ATOM   873  N N   . GLU B 2 91 ? 0.407   -9.561  11.441  1.00 10.89 ? 116 GLU B N   1 
ATOM   874  C CA  . GLU B 2 91 ? 1.406   -10.526 11.014  1.00 11.85 ? 116 GLU B CA  1 
ATOM   875  C C   . GLU B 2 91 ? 2.059   -10.095 9.701   1.00 11.26 ? 116 GLU B C   1 
ATOM   876  O O   . GLU B 2 91 ? 1.459   -9.373  8.906   1.00 10.18 ? 116 GLU B O   1 
ATOM   877  C CB  . GLU B 2 91 ? 0.727   -11.891 10.837  1.00 15.69 ? 116 GLU B CB  1 
ATOM   878  C CG  . GLU B 2 91 ? 1.572   -12.965 10.180  1.00 21.18 ? 116 GLU B CG  1 
ATOM   879  C CD  . GLU B 2 91 ? 0.773   -14.223 9.870   1.00 22.66 ? 116 GLU B CD  1 
ATOM   880  O OE1 . GLU B 2 91 ? 1.364   -15.187 9.343   1.00 27.03 ? 116 GLU B OE1 1 
ATOM   881  O OE2 . GLU B 2 91 ? -0.446  -14.244 10.150  1.00 24.10 ? 116 GLU B OE2 1 
ATOM   882  N N   . VAL B 2 92 ? 3.296   -10.523 9.488   1.00 10.52 ? 117 VAL B N   1 
ATOM   883  C CA  . VAL B 2 92 ? 4.005   -10.217 8.253   1.00 9.38  ? 117 VAL B CA  1 
ATOM   884  C C   . VAL B 2 92 ? 4.497   -11.541 7.689   1.00 12.04 ? 117 VAL B C   1 
ATOM   885  O O   . VAL B 2 92 ? 5.209   -12.286 8.364   1.00 11.62 ? 117 VAL B O   1 
ATOM   886  C CB  . VAL B 2 92 ? 5.220   -9.289  8.487   1.00 9.18  ? 117 VAL B CB  1 
ATOM   887  C CG1 . VAL B 2 92 ? 5.888   -8.976  7.150   1.00 9.78  ? 117 VAL B CG1 1 
ATOM   888  C CG2 . VAL B 2 92 ? 4.778   -8.006  9.164   1.00 9.63  ? 117 VAL B CG2 1 
ATOM   889  N N   . ARG B 2 93 ? 4.096   -11.842 6.458   1.00 11.78 ? 118 ARG B N   1 
ATOM   890  C CA  . ARG B 2 93 ? 4.494   -13.083 5.802   1.00 15.01 ? 118 ARG B CA  1 
ATOM   891  C C   . ARG B 2 93 ? 5.589   -12.829 4.773   1.00 16.69 ? 118 ARG B C   1 
ATOM   892  O O   . ARG B 2 93 ? 5.623   -11.778 4.133   1.00 15.31 ? 118 ARG B O   1 
ATOM   893  C CB  . ARG B 2 93 ? 3.288   -13.726 5.115   1.00 16.09 ? 118 ARG B CB  1 
ATOM   894  C CG  . ARG B 2 93 ? 2.155   -14.077 6.062   1.00 20.54 ? 118 ARG B CG  1 
ATOM   895  C CD  . ARG B 2 93 ? 1.006   -14.759 5.333   1.00 23.63 ? 118 ARG B CD  1 
ATOM   896  N NE  . ARG B 2 93 ? -0.078  -15.105 6.249   1.00 27.23 ? 118 ARG B NE  1 
ATOM   897  C CZ  . ARG B 2 93 ? -1.211  -15.693 5.880   1.00 28.24 ? 118 ARG B CZ  1 
ATOM   898  N NH1 . ARG B 2 93 ? -1.417  -16.005 4.607   1.00 29.28 ? 118 ARG B NH1 1 
ATOM   899  N NH2 . ARG B 2 93 ? -2.141  -15.968 6.784   1.00 28.87 ? 118 ARG B NH2 1 
ATOM   900  N N   . LYS B 2 94 ? 6.480   -13.805 4.617   1.00 20.66 ? 119 LYS B N   1 
ATOM   901  C CA  . LYS B 2 94 ? 7.583   -13.705 3.667   1.00 23.51 ? 119 LYS B CA  1 
ATOM   902  C C   . LYS B 2 94 ? 7.482   -14.763 2.568   1.00 25.07 ? 119 LYS B C   1 
ATOM   903  O O   . LYS B 2 94 ? 7.596   -15.960 2.833   1.00 25.93 ? 119 LYS B O   1 
ATOM   904  C CB  . LYS B 2 94 ? 8.919   -13.853 4.397   1.00 24.01 ? 119 LYS B CB  1 
ATOM   905  C CG  . LYS B 2 94 ? 9.254   -12.706 5.343   1.00 23.71 ? 119 LYS B CG  1 
ATOM   906  C CD  . LYS B 2 94 ? 9.510   -11.417 4.574   1.00 22.88 ? 119 LYS B CD  1 
ATOM   907  C CE  . LYS B 2 94 ? 9.898   -10.275 5.504   1.00 19.11 ? 119 LYS B CE  1 
ATOM   908  N NZ  . LYS B 2 94 ? 10.186  -9.019  4.748   1.00 15.53 ? 119 LYS B NZ  1 
ATOM   909  N N   . GLY B 2 95 ? 7.269   -14.303 1.338   1.00 25.95 ? 120 GLY B N   1 
ATOM   910  C CA  . GLY B 2 95 ? 7.157   -15.193 0.194   1.00 26.99 ? 120 GLY B CA  1 
ATOM   911  C C   . GLY B 2 95 ? 6.078   -16.254 0.304   1.00 28.04 ? 120 GLY B C   1 
ATOM   912  O O   . GLY B 2 95 ? 6.323   -17.398 -0.135  1.00 29.10 ? 120 GLY B O   1 
HETATM 913  C C   . PYR C 3 .  ? -1.691  9.744   -1.589  1.00 14.50 ? 25  PYR B C   1 
HETATM 914  O O   . PYR C 3 .  ? -2.393  10.246  -0.741  1.00 19.16 ? 25  PYR B O   1 
HETATM 915  C CA  . PYR C 3 .  ? -0.921  10.623  -2.512  1.00 18.25 ? 25  PYR B CA  1 
HETATM 916  O O3  . PYR C 3 .  ? -0.993  11.830  -2.411  1.00 19.52 ? 25  PYR B O3  1 
HETATM 917  C CB  . PYR C 3 .  ? -0.054  10.018  -3.572  1.00 16.18 ? 25  PYR B CB  1 
HETATM 918  O OXT . FUM D 4 .  ? -3.005  9.937   -6.996  1.00 8.75  ? 501 FUM B OXT 1 
HETATM 919  C C   . FUM D 4 .  ? -3.625  10.999  -6.918  1.00 10.40 ? 501 FUM B C   1 
HETATM 920  O O   . FUM D 4 .  ? -4.814  11.018  -7.153  1.00 8.42  ? 501 FUM B O   1 
HETATM 921  C C4  . FUM D 4 .  ? -2.945  12.269  -6.551  1.00 11.31 ? 501 FUM B C4  1 
HETATM 922  C C5  . FUM D 4 .  ? -1.624  12.331  -6.297  1.00 14.71 ? 501 FUM B C5  1 
HETATM 923  C C6  . FUM D 4 .  ? -0.986  13.623  -5.924  1.00 16.82 ? 501 FUM B C6  1 
HETATM 924  O O7  . FUM D 4 .  ? -1.647  14.647  -5.832  1.00 21.72 ? 501 FUM B O7  1 
HETATM 925  O O8  . FUM D 4 .  ? 0.208   13.667  -5.711  1.00 18.59 ? 501 FUM B O8  1 
HETATM 926  O O   . HOH E 5 .  ? -8.399  -3.041  8.028   1.00 8.28  ? 25  HOH A O   1 
HETATM 927  O O   . HOH E 5 .  ? -5.157  -7.893  6.726   1.00 13.37 ? 26  HOH A O   1 
HETATM 928  O O   . HOH E 5 .  ? -9.605  -9.677  0.666   1.00 12.84 ? 27  HOH A O   1 
HETATM 929  O O   . HOH E 5 .  ? 2.056   17.364  -3.408  1.00 19.88 ? 28  HOH A O   1 
HETATM 930  O O   . HOH E 5 .  ? -11.651 12.295  5.593   1.00 14.89 ? 29  HOH A O   1 
HETATM 931  O O   . HOH E 5 .  ? -12.122 15.150  0.165   1.00 18.20 ? 30  HOH A O   1 
HETATM 932  O O   . HOH E 5 .  ? -14.870 18.876  -5.445  1.00 19.45 ? 31  HOH A O   1 
HETATM 933  O O   . HOH E 5 .  ? -9.470  8.981   10.802  1.00 21.39 ? 32  HOH A O   1 
HETATM 934  O O   . HOH E 5 .  ? -6.612  8.998   9.862   1.00 23.89 ? 33  HOH A O   1 
HETATM 935  O O   . HOH E 5 .  ? -11.599 10.789  8.035   1.00 18.83 ? 34  HOH A O   1 
HETATM 936  O O   . HOH E 5 .  ? -12.536 -7.266  7.460   1.00 28.11 ? 35  HOH A O   1 
HETATM 937  O O   . HOH E 5 .  ? -3.649  11.861  4.362   1.00 23.34 ? 36  HOH A O   1 
HETATM 938  O O   . HOH E 5 .  ? -7.330  13.808  5.176   1.00 33.43 ? 37  HOH A O   1 
HETATM 939  O O   . HOH E 5 .  ? 0.632   14.164  -1.808  1.00 31.24 ? 38  HOH A O   1 
HETATM 940  O O   . HOH E 5 .  ? -3.976  20.447  2.319   1.00 30.24 ? 39  HOH A O   1 
HETATM 941  O O   . HOH E 5 .  ? -9.847  -7.696  7.592   1.00 30.27 ? 40  HOH A O   1 
HETATM 942  O O   . HOH E 5 .  ? 18.427  -8.335  -19.204 1.00 34.32 ? 41  HOH A O   1 
HETATM 943  O O   . HOH E 5 .  ? -11.049 18.135  0.212   1.00 30.68 ? 42  HOH A O   1 
HETATM 944  O O   . HOH E 5 .  ? -9.583  14.459  6.349   1.00 27.87 ? 43  HOH A O   1 
HETATM 945  O O   . HOH E 5 .  ? -6.309  -10.281 6.950   1.00 19.32 ? 44  HOH A O   1 
HETATM 946  O O   . HOH E 5 .  ? -14.022 17.853  -1.012  1.00 34.68 ? 45  HOH A O   1 
HETATM 947  O O   . HOH E 5 .  ? -7.671  20.631  2.601   1.00 33.08 ? 46  HOH A O   1 
HETATM 948  O O   . HOH E 5 .  ? -4.803  -12.070 9.499   1.00 38.65 ? 47  HOH A O   1 
HETATM 949  O O   . HOH F 5 .  ? -5.530  -2.849  -12.516 1.00 6.21  ? 502 HOH B O   1 
HETATM 950  O O   . HOH F 5 .  ? -9.020  9.577   -9.462  1.00 5.61  ? 503 HOH B O   1 
HETATM 951  O O   . HOH F 5 .  ? -17.130 6.934   3.153   1.00 10.42 ? 504 HOH B O   1 
HETATM 952  O O   . HOH F 5 .  ? -16.506 3.410   2.432   1.00 12.56 ? 505 HOH B O   1 
HETATM 953  O O   . HOH F 5 .  ? 8.836   -0.223  -7.222  1.00 10.12 ? 506 HOH B O   1 
HETATM 954  O O   . HOH F 5 .  ? 7.045   -1.769  11.423  1.00 18.12 ? 507 HOH B O   1 
HETATM 955  O O   . HOH F 5 .  ? -16.018 -0.881  3.204   1.00 15.36 ? 508 HOH B O   1 
HETATM 956  O O   . HOH F 5 .  ? -3.468  -1.096  -11.896 1.00 12.11 ? 509 HOH B O   1 
HETATM 957  O O   . HOH F 5 .  ? -16.863 2.784   -1.553  1.00 10.38 ? 510 HOH B O   1 
HETATM 958  O O   . HOH F 5 .  ? -15.200 4.214   -6.806  1.00 14.77 ? 511 HOH B O   1 
HETATM 959  O O   . HOH F 5 .  ? 9.363   -7.027  6.607   1.00 12.50 ? 512 HOH B O   1 
HETATM 960  O O   . HOH F 5 .  ? 2.329   0.128   -9.328  1.00 13.68 ? 513 HOH B O   1 
HETATM 961  O O   . HOH F 5 .  ? -12.449 0.016   10.903  1.00 14.39 ? 514 HOH B O   1 
HETATM 962  O O   . HOH F 5 .  ? 4.513   -0.420  -7.727  1.00 13.30 ? 515 HOH B O   1 
HETATM 963  O O   . HOH F 5 .  ? -12.623 9.707   -0.692  1.00 13.19 ? 516 HOH B O   1 
HETATM 964  O O   . HOH F 5 .  ? 9.869   -6.097  1.723   1.00 19.80 ? 517 HOH B O   1 
HETATM 965  O O   . HOH F 5 .  ? 12.280  7.078   -0.337  1.00 16.50 ? 518 HOH B O   1 
HETATM 966  O O   . HOH F 5 .  ? 12.980  -8.997  4.161   1.00 17.41 ? 519 HOH B O   1 
HETATM 967  O O   . HOH F 5 .  ? 10.141  2.199   3.944   1.00 15.51 ? 520 HOH B O   1 
HETATM 968  O O   . HOH F 5 .  ? -3.816  1.420   -12.497 1.00 20.27 ? 521 HOH B O   1 
HETATM 969  O O   . HOH F 5 .  ? 4.092   4.539   -14.201 1.00 15.50 ? 522 HOH B O   1 
HETATM 970  O O   . HOH F 5 .  ? 11.887  -1.364  6.113   1.00 21.55 ? 523 HOH B O   1 
HETATM 971  O O   . HOH F 5 .  ? -0.029  11.161  9.193   1.00 16.26 ? 524 HOH B O   1 
HETATM 972  O O   . HOH F 5 .  ? -11.072 1.800   -11.223 1.00 17.60 ? 525 HOH B O   1 
HETATM 973  O O   . HOH F 5 .  ? 5.722   -0.361  -10.267 1.00 14.20 ? 526 HOH B O   1 
HETATM 974  O O   . HOH F 5 .  ? 11.088  -4.846  6.546   1.00 16.82 ? 527 HOH B O   1 
HETATM 975  O O   . HOH F 5 .  ? 1.915   0.488   14.203  1.00 19.97 ? 528 HOH B O   1 
HETATM 976  O O   . HOH F 5 .  ? 1.455   -2.321  14.433  1.00 19.38 ? 529 HOH B O   1 
HETATM 977  O O   . HOH F 5 .  ? -6.058  12.184  3.455   1.00 22.50 ? 530 HOH B O   1 
HETATM 978  O O   . HOH F 5 .  ? -12.087 -0.910  -11.495 1.00 16.81 ? 531 HOH B O   1 
HETATM 979  O O   . HOH F 5 .  ? 17.193  -7.064  -9.678  1.00 19.69 ? 532 HOH B O   1 
HETATM 980  O O   . HOH F 5 .  ? 0.385   -1.096  -12.343 1.00 16.91 ? 533 HOH B O   1 
HETATM 981  O O   . HOH F 5 .  ? 2.420   -7.742  15.132  1.00 16.71 ? 534 HOH B O   1 
HETATM 982  O O   . HOH F 5 .  ? -0.336  0.944   12.656  1.00 14.91 ? 535 HOH B O   1 
HETATM 983  O O   . HOH F 5 .  ? -6.998  4.098   -12.425 1.00 16.74 ? 536 HOH B O   1 
HETATM 984  O O   . HOH F 5 .  ? 2.062   1.402   -13.499 1.00 27.23 ? 537 HOH B O   1 
HETATM 985  O O   . HOH F 5 .  ? 13.245  -11.701 -1.488  1.00 18.62 ? 538 HOH B O   1 
HETATM 986  O O   . HOH F 5 .  ? -8.912  4.357   12.280  1.00 20.57 ? 539 HOH B O   1 
HETATM 987  O O   . HOH F 5 .  ? 5.781   9.333   12.899  1.00 22.34 ? 540 HOH B O   1 
HETATM 988  O O   . HOH F 5 .  ? 10.745  -18.415 -9.230  1.00 25.00 ? 541 HOH B O   1 
HETATM 989  O O   . HOH F 5 .  ? 4.212   3.224   16.531  1.00 21.75 ? 542 HOH B O   1 
HETATM 990  O O   . HOH F 5 .  ? -18.220 4.637   -3.074  1.00 21.84 ? 543 HOH B O   1 
HETATM 991  O O   . HOH F 5 .  ? -4.138  -5.905  16.926  1.00 32.48 ? 544 HOH B O   1 
HETATM 992  O O   . HOH F 5 .  ? -18.240 -4.822  -1.496  1.00 34.72 ? 545 HOH B O   1 
HETATM 993  O O   . HOH F 5 .  ? 16.530  -4.774  -12.214 1.00 32.43 ? 546 HOH B O   1 
HETATM 994  O O   . HOH F 5 .  ? -0.775  2.537   -14.012 1.00 23.21 ? 547 HOH B O   1 
HETATM 995  O O   . HOH F 5 .  ? 3.917   12.562  4.275   1.00 23.48 ? 548 HOH B O   1 
HETATM 996  O O   . HOH F 5 .  ? 6.861   -15.643 7.221   1.00 25.69 ? 549 HOH B O   1 
HETATM 997  O O   . HOH F 5 .  ? 9.530   3.757   5.932   1.00 27.89 ? 550 HOH B O   1 
HETATM 998  O O   . HOH F 5 .  ? -10.479 0.323   18.300  1.00 28.06 ? 551 HOH B O   1 
HETATM 999  O O   . HOH F 5 .  ? 15.347  -12.503 -4.547  1.00 29.67 ? 552 HOH B O   1 
HETATM 1000 O O   . HOH F 5 .  ? 18.104  -10.911 -16.120 1.00 32.96 ? 553 HOH B O   1 
HETATM 1001 O O   . HOH F 5 .  ? -16.088 -2.058  -9.679  1.00 32.58 ? 554 HOH B O   1 
HETATM 1002 O O   . HOH F 5 .  ? 3.140   16.005  1.155   1.00 35.12 ? 555 HOH B O   1 
HETATM 1003 O O   . HOH F 5 .  ? -19.333 6.436   -1.294  1.00 45.86 ? 556 HOH B O   1 
HETATM 1004 O O   . HOH F 5 .  ? -18.683 -1.170  -7.146  1.00 32.41 ? 557 HOH B O   1 
HETATM 1005 O O   . HOH F 5 .  ? 4.991   -14.810 9.474   1.00 27.16 ? 558 HOH B O   1 
HETATM 1006 O O   . HOH F 5 .  ? 4.163   8.287   16.350  1.00 25.08 ? 559 HOH B O   1 
HETATM 1007 O O   . HOH F 5 .  ? 8.545   0.637   12.245  1.00 31.62 ? 560 HOH B O   1 
HETATM 1008 O O   . HOH F 5 .  ? -16.726 11.230  -8.335  1.00 26.06 ? 561 HOH B O   1 
HETATM 1009 O O   . HOH F 5 .  ? 7.404   -18.982 -2.071  1.00 41.39 ? 562 HOH B O   1 
HETATM 1010 O O   . HOH F 5 .  ? 21.904  -6.307  -12.241 1.00 49.86 ? 563 HOH B O   1 
HETATM 1011 O O   . HOH F 5 .  ? 11.422  -18.980 -5.688  1.00 40.31 ? 564 HOH B O   1 
HETATM 1012 O O   . HOH F 5 .  ? 6.417   8.926   9.662   1.00 20.52 ? 565 HOH B O   1 
HETATM 1013 O O   . HOH F 5 .  ? 19.569  -19.951 -5.178  1.00 45.38 ? 566 HOH B O   1 
HETATM 1014 O O   . HOH F 5 .  ? 9.588   -17.127 -5.656  1.00 29.44 ? 567 HOH B O   1 
HETATM 1015 O O   . HOH F 5 .  ? 20.750  -11.737 -7.485  1.00 36.08 ? 568 HOH B O   1 
HETATM 1016 O O   . HOH F 5 .  ? 11.847  8.053   6.616   1.00 38.15 ? 569 HOH B O   1 
HETATM 1017 O O   . HOH F 5 .  ? 22.653  -15.257 -5.889  1.00 38.72 ? 570 HOH B O   1 
HETATM 1018 O O   . HOH F 5 .  ? 0.693   7.911   16.717  1.00 33.50 ? 571 HOH B O   1 
HETATM 1019 O O   . HOH F 5 .  ? -15.635 1.783   -7.878  1.00 25.35 ? 572 HOH B O   1 
HETATM 1020 O O   . HOH F 5 .  ? 14.565  -1.851  6.318   1.00 16.71 ? 573 HOH B O   1 
HETATM 1021 O O   . HOH F 5 .  ? -18.028 1.179   2.665   1.00 15.87 ? 574 HOH B O   1 
HETATM 1022 O O   . HOH F 5 .  ? -18.512 5.091   1.498   1.00 17.34 ? 575 HOH B O   1 
HETATM 1023 O O   . HOH F 5 .  ? 6.408   15.267  -1.867  1.00 23.96 ? 576 HOH B O   1 
HETATM 1024 O O   . HOH F 5 .  ? 4.453   -5.953  14.763  1.00 19.05 ? 577 HOH B O   1 
HETATM 1025 O O   . HOH F 5 .  ? 3.957   -3.341  15.148  1.00 25.98 ? 578 HOH B O   1 
HETATM 1026 O O   . HOH F 5 .  ? 11.964  -0.221  3.775   1.00 22.32 ? 579 HOH B O   1 
HETATM 1027 O O   . HOH F 5 .  ? 5.438   -1.552  13.812  1.00 21.13 ? 580 HOH B O   1 
HETATM 1028 O O   . HOH F 5 .  ? -3.820  9.388   -3.648  1.00 23.88 ? 581 HOH B O   1 
HETATM 1029 O O   . HOH F 5 .  ? 0.954   12.920  3.896   1.00 27.90 ? 582 HOH B O   1 
HETATM 1030 O O   . HOH F 5 .  ? -17.685 3.727   -5.832  1.00 27.27 ? 583 HOH B O   1 
HETATM 1031 O O   . HOH F 5 .  ? 5.852   15.047  1.044   1.00 27.52 ? 584 HOH B O   1 
HETATM 1032 O O   . HOH F 5 .  ? -8.839  1.209   -13.250 1.00 29.16 ? 585 HOH B O   1 
HETATM 1033 O O   . HOH F 5 .  ? -14.237 11.107  0.892   1.00 25.44 ? 586 HOH B O   1 
HETATM 1034 O O   . HOH F 5 .  ? -12.834 0.079   15.962  1.00 26.40 ? 587 HOH B O   1 
HETATM 1035 O O   . HOH F 5 .  ? 21.274  -10.108 -16.051 1.00 34.12 ? 588 HOH B O   1 
HETATM 1036 O O   . HOH F 5 .  ? -2.414  10.697  11.135  1.00 32.86 ? 589 HOH B O   1 
HETATM 1037 O O   . HOH F 5 .  ? 4.176   -13.533 1.087   1.00 33.09 ? 590 HOH B O   1 
HETATM 1038 O O   . HOH F 5 .  ? -6.769  -2.270  16.953  1.00 35.90 ? 591 HOH B O   1 
HETATM 1039 O O   . HOH F 5 .  ? -14.808 -1.011  -11.694 1.00 40.61 ? 592 HOH B O   1 
HETATM 1040 O O   . HOH F 5 .  ? -6.143  3.696   12.842  1.00 29.67 ? 593 HOH B O   1 
HETATM 1041 O O   . HOH F 5 .  ? -14.246 1.382   -10.243 1.00 37.41 ? 594 HOH B O   1 
HETATM 1042 O O   . HOH F 5 .  ? -17.560 9.789   -5.836  1.00 39.30 ? 595 HOH B O   1 
HETATM 1043 O O   . HOH F 5 .  ? -7.140  6.301   12.309  1.00 40.29 ? 596 HOH B O   1 
HETATM 1044 O O   . HOH F 5 .  ? 4.447   -19.471 -3.485  1.00 38.01 ? 597 HOH B O   1 
HETATM 1045 O O   . HOH F 5 .  ? 3.604   14.799  -2.760  1.00 16.28 ? 598 HOH B O   1 
HETATM 1046 O O   . HOH F 5 .  ? 6.229   -20.255 -5.666  1.00 35.63 ? 599 HOH B O   1 
HETATM 1047 O O   . HOH F 5 .  ? 6.434   -1.111  -13.358 1.00 34.72 ? 600 HOH B O   1 
# 
loop_
_pdbx_poly_seq_scheme.asym_id 
_pdbx_poly_seq_scheme.entity_id 
_pdbx_poly_seq_scheme.seq_id 
_pdbx_poly_seq_scheme.mon_id 
_pdbx_poly_seq_scheme.ndb_seq_num 
_pdbx_poly_seq_scheme.pdb_seq_num 
_pdbx_poly_seq_scheme.auth_seq_num 
_pdbx_poly_seq_scheme.pdb_mon_id 
_pdbx_poly_seq_scheme.auth_mon_id 
_pdbx_poly_seq_scheme.pdb_strand_id 
_pdbx_poly_seq_scheme.pdb_ins_code 
_pdbx_poly_seq_scheme.hetero 
A 1 1  MET 1  1   1   MET MET A . n 
A 1 2  LYS 2  2   2   LYS LYS A . n 
A 1 3  ARG 3  3   3   ARG ARG A . n 
A 1 4  VAL 4  4   4   VAL VAL A . n 
A 1 5  MET 5  5   5   MET MET A . n 
A 1 6  PHE 6  6   6   PHE PHE A . n 
A 1 7  HIS 7  7   7   HIS HIS A . n 
A 1 8  ALA 8  8   8   ALA ALA A . n 
A 1 9  LYS 9  9   9   LYS LYS A . n 
A 1 10 ILE 10 10  10  ILE ILE A . n 
A 1 11 HIS 11 11  11  HIS HIS A . n 
A 1 12 ARG 12 12  12  ARG ARG A . n 
A 1 13 ALA 13 13  13  ALA ALA A . n 
A 1 14 THR 14 14  14  THR THR A . n 
A 1 15 VAL 15 15  15  VAL VAL A . n 
A 1 16 THR 16 16  16  THR THR A . n 
A 1 17 GLN 17 17  17  GLN GLN A . n 
A 1 18 ALA 18 18  18  ALA ALA A . n 
A 1 19 ASP 19 19  19  ASP ASP A . n 
A 1 20 LEU 20 20  20  LEU LEU A . n 
A 1 21 HIS 21 21  21  HIS HIS A . n 
A 1 22 TYR 22 22  22  TYR TYR A . n 
A 1 23 VAL 23 23  23  VAL VAL A . n 
A 1 24 GLY 24 24  ?   ?   ?   A . n 
B 2 1  VAL 1  26  26  VAL VAL B . n 
B 2 2  THR 2  27  27  THR THR B . n 
B 2 3  VAL 3  28  28  VAL VAL B . n 
B 2 4  ASP 4  29  29  ASP ASP B . n 
B 2 5  GLN 5  30  30  GLN GLN B . n 
B 2 6  ASP 6  31  31  ASP ASP B . n 
B 2 7  LEU 7  32  32  LEU LEU B . n 
B 2 8  LEU 8  33  33  LEU LEU B . n 
B 2 9  ASP 9  34  34  ASP ASP B . n 
B 2 10 ALA 10 35  35  ALA ALA B . n 
B 2 11 ALA 11 36  36  ALA ALA B . n 
B 2 12 GLY 12 37  37  GLY GLY B . n 
B 2 13 ILE 13 38  38  ILE ILE B . n 
B 2 14 LEU 14 39  39  LEU LEU B . n 
B 2 15 PRO 15 40  40  PRO PRO B . n 
B 2 16 PHE 16 41  41  PHE PHE B . n 
B 2 17 GLU 17 42  42  GLU GLU B . n 
B 2 18 GLN 18 43  43  GLN GLN B . n 
B 2 19 VAL 19 44  44  VAL VAL B . n 
B 2 20 ASP 20 45  45  ASP ASP B . n 
B 2 21 ILE 21 46  46  ILE ILE B . n 
B 2 22 TYR 22 47  47  TYR TYR B . n 
B 2 23 ASP 23 48  48  ASP ASP B . n 
B 2 24 ILE 24 49  49  ILE ILE B . n 
B 2 25 THR 25 50  50  THR THR B . n 
B 2 26 ASN 26 51  51  ASN ASN B . n 
B 2 27 GLY 27 52  52  GLY GLY B . n 
B 2 28 ALA 28 53  53  ALA ALA B . n 
B 2 29 ARG 29 54  54  ARG ARG B . n 
B 2 30 LEU 30 55  55  LEU LEU B . n 
B 2 31 THR 31 56  56  THR THR B . n 
B 2 32 THR 32 57  57  THR THR B . n 
B 2 33 TYR 33 58  58  TYR TYR B . n 
B 2 34 ALA 34 59  59  ALA ALA B . n 
B 2 35 LEU 35 60  60  LEU LEU B . n 
B 2 36 PRO 36 61  61  PRO PRO B . n 
B 2 37 GLY 37 62  62  GLY GLY B . n 
B 2 38 GLU 38 63  63  GLU GLU B . n 
B 2 39 ARG 39 64  64  ARG ARG B . n 
B 2 40 GLY 40 65  65  GLY GLY B . n 
B 2 41 SER 41 66  66  SER SER B . n 
B 2 42 GLY 42 67  67  GLY GLY B . n 
B 2 43 VAL 43 68  68  VAL VAL B . n 
B 2 44 ILE 44 69  69  ILE ILE B . n 
B 2 45 GLY 45 70  70  GLY GLY B . n 
B 2 46 ILE 46 71  71  ILE ILE B . n 
B 2 47 ASN 47 72  72  ASN ASN B . n 
B 2 48 GLY 48 73  73  GLY GLY B . n 
B 2 49 ALA 49 74  74  ALA ALA B . n 
B 2 50 ALA 50 75  75  ALA ALA B . n 
B 2 51 ALA 51 76  76  ALA ALA B . n 
B 2 52 HIS 52 77  77  HIS HIS B . n 
B 2 53 LEU 53 78  78  LEU LEU B . n 
B 2 54 VAL 54 79  79  VAL VAL B . n 
B 2 55 LYS 55 80  80  LYS LYS B . n 
B 2 56 PRO 56 81  81  PRO PRO B . n 
B 2 57 GLY 57 82  82  GLY GLY B . n 
B 2 58 ASP 58 83  83  ASP ASP B . n 
B 2 59 LEU 59 84  84  LEU LEU B . n 
B 2 60 VAL 60 85  85  VAL VAL B . n 
B 2 61 ILE 61 86  86  ILE ILE B . n 
B 2 62 LEU 62 87  87  LEU LEU B . n 
B 2 63 VAL 63 88  88  VAL VAL B . n 
B 2 64 ALA 64 89  89  ALA ALA B . n 
B 2 65 TYR 65 90  90  TYR TYR B . n 
B 2 66 GLY 66 91  91  GLY GLY B . n 
B 2 67 VAL 67 92  92  VAL VAL B . n 
B 2 68 PHE 68 93  93  PHE PHE B . n 
B 2 69 ASP 69 94  94  ASP ASP B . n 
B 2 70 GLU 70 95  95  GLU GLU B . n 
B 2 71 GLU 71 96  96  GLU GLU B . n 
B 2 72 GLU 72 97  97  GLU GLU B . n 
B 2 73 ALA 73 98  98  ALA ALA B . n 
B 2 74 ARG 74 99  99  ARG ARG B . n 
B 2 75 ASN 75 100 100 ASN ASN B . n 
B 2 76 LEU 76 101 101 LEU LEU B . n 
B 2 77 LYS 77 102 102 LYS LYS B . n 
B 2 78 PRO 78 103 103 PRO PRO B . n 
B 2 79 THR 79 104 104 THR THR B . n 
B 2 80 VAL 80 105 105 VAL VAL B . n 
B 2 81 VAL 81 106 106 VAL VAL B . n 
B 2 82 LEU 82 107 107 LEU LEU B . n 
B 2 83 VAL 83 108 108 VAL VAL B . n 
B 2 84 ASP 84 109 109 ASP ASP B . n 
B 2 85 GLU 85 110 110 GLU GLU B . n 
B 2 86 ARG 86 111 111 ARG ARG B . n 
B 2 87 ASN 87 112 112 ASN ASN B . n 
B 2 88 ARG 88 113 113 ARG ARG B . n 
B 2 89 ILE 89 114 114 ILE ILE B . n 
B 2 90 LEU 90 115 115 LEU LEU B . n 
B 2 91 GLU 91 116 116 GLU GLU B . n 
B 2 92 VAL 92 117 117 VAL VAL B . n 
B 2 93 ARG 93 118 118 ARG ARG B . n 
B 2 94 LYS 94 119 119 LYS LYS B . n 
B 2 95 GLY 95 120 120 GLY GLY B . n 
# 
loop_
_pdbx_nonpoly_scheme.asym_id 
_pdbx_nonpoly_scheme.entity_id 
_pdbx_nonpoly_scheme.mon_id 
_pdbx_nonpoly_scheme.ndb_seq_num 
_pdbx_nonpoly_scheme.pdb_seq_num 
_pdbx_nonpoly_scheme.auth_seq_num 
_pdbx_nonpoly_scheme.pdb_mon_id 
_pdbx_nonpoly_scheme.auth_mon_id 
_pdbx_nonpoly_scheme.pdb_strand_id 
_pdbx_nonpoly_scheme.pdb_ins_code 
C 3 PYR 1  25  25  PYR PVL B . 
D 4 FUM 1  501 501 FUM FMR B . 
E 5 HOH 1  25  2   HOH HOH A . 
E 5 HOH 2  26  10  HOH HOH A . 
E 5 HOH 3  27  12  HOH HOH A . 
E 5 HOH 4  28  28  HOH HOH A . 
E 5 HOH 5  29  29  HOH HOH A . 
E 5 HOH 6  30  35  HOH HOH A . 
E 5 HOH 7  31  41  HOH HOH A . 
E 5 HOH 8  32  42  HOH HOH A . 
E 5 HOH 9  33  44  HOH HOH A . 
E 5 HOH 10 34  45  HOH HOH A . 
E 5 HOH 11 35  49  HOH HOH A . 
E 5 HOH 12 36  55  HOH HOH A . 
E 5 HOH 13 37  64  HOH HOH A . 
E 5 HOH 14 38  68  HOH HOH A . 
E 5 HOH 15 39  75  HOH HOH A . 
E 5 HOH 16 40  78  HOH HOH A . 
E 5 HOH 17 41  81  HOH HOH A . 
E 5 HOH 18 42  89  HOH HOH A . 
E 5 HOH 19 43  90  HOH HOH A . 
E 5 HOH 20 44  94  HOH HOH A . 
E 5 HOH 21 45  107 HOH HOH A . 
E 5 HOH 22 46  109 HOH HOH A . 
E 5 HOH 23 47  116 HOH HOH A . 
F 5 HOH 1  502 1   HOH HOH B . 
F 5 HOH 2  503 3   HOH HOH B . 
F 5 HOH 3  504 4   HOH HOH B . 
F 5 HOH 4  505 5   HOH HOH B . 
F 5 HOH 5  506 6   HOH HOH B . 
F 5 HOH 6  507 7   HOH HOH B . 
F 5 HOH 7  508 8   HOH HOH B . 
F 5 HOH 8  509 9   HOH HOH B . 
F 5 HOH 9  510 11  HOH HOH B . 
F 5 HOH 10 511 13  HOH HOH B . 
F 5 HOH 11 512 14  HOH HOH B . 
F 5 HOH 12 513 15  HOH HOH B . 
F 5 HOH 13 514 16  HOH HOH B . 
F 5 HOH 14 515 17  HOH HOH B . 
F 5 HOH 15 516 18  HOH HOH B . 
F 5 HOH 16 517 19  HOH HOH B . 
F 5 HOH 17 518 20  HOH HOH B . 
F 5 HOH 18 519 21  HOH HOH B . 
F 5 HOH 19 520 22  HOH HOH B . 
F 5 HOH 20 521 23  HOH HOH B . 
F 5 HOH 21 522 24  HOH HOH B . 
F 5 HOH 22 523 25  HOH HOH B . 
F 5 HOH 23 524 26  HOH HOH B . 
F 5 HOH 24 525 27  HOH HOH B . 
F 5 HOH 25 526 30  HOH HOH B . 
F 5 HOH 26 527 31  HOH HOH B . 
F 5 HOH 27 528 32  HOH HOH B . 
F 5 HOH 28 529 33  HOH HOH B . 
F 5 HOH 29 530 34  HOH HOH B . 
F 5 HOH 30 531 36  HOH HOH B . 
F 5 HOH 31 532 37  HOH HOH B . 
F 5 HOH 32 533 38  HOH HOH B . 
F 5 HOH 33 534 39  HOH HOH B . 
F 5 HOH 34 535 40  HOH HOH B . 
F 5 HOH 35 536 43  HOH HOH B . 
F 5 HOH 36 537 46  HOH HOH B . 
F 5 HOH 37 538 47  HOH HOH B . 
F 5 HOH 38 539 48  HOH HOH B . 
F 5 HOH 39 540 50  HOH HOH B . 
F 5 HOH 40 541 51  HOH HOH B . 
F 5 HOH 41 542 52  HOH HOH B . 
F 5 HOH 42 543 53  HOH HOH B . 
F 5 HOH 43 544 54  HOH HOH B . 
F 5 HOH 44 545 56  HOH HOH B . 
F 5 HOH 45 546 57  HOH HOH B . 
F 5 HOH 46 547 58  HOH HOH B . 
F 5 HOH 47 548 59  HOH HOH B . 
F 5 HOH 48 549 60  HOH HOH B . 
F 5 HOH 49 550 61  HOH HOH B . 
F 5 HOH 50 551 62  HOH HOH B . 
F 5 HOH 51 552 63  HOH HOH B . 
F 5 HOH 52 553 65  HOH HOH B . 
F 5 HOH 53 554 66  HOH HOH B . 
F 5 HOH 54 555 67  HOH HOH B . 
F 5 HOH 55 556 69  HOH HOH B . 
F 5 HOH 56 557 70  HOH HOH B . 
F 5 HOH 57 558 71  HOH HOH B . 
F 5 HOH 58 559 72  HOH HOH B . 
F 5 HOH 59 560 73  HOH HOH B . 
F 5 HOH 60 561 74  HOH HOH B . 
F 5 HOH 61 562 76  HOH HOH B . 
F 5 HOH 62 563 77  HOH HOH B . 
F 5 HOH 63 564 79  HOH HOH B . 
F 5 HOH 64 565 80  HOH HOH B . 
F 5 HOH 65 566 82  HOH HOH B . 
F 5 HOH 66 567 83  HOH HOH B . 
F 5 HOH 67 568 84  HOH HOH B . 
F 5 HOH 68 569 85  HOH HOH B . 
F 5 HOH 69 570 86  HOH HOH B . 
F 5 HOH 70 571 87  HOH HOH B . 
F 5 HOH 71 572 88  HOH HOH B . 
F 5 HOH 72 573 91  HOH HOH B . 
F 5 HOH 73 574 92  HOH HOH B . 
F 5 HOH 74 575 93  HOH HOH B . 
F 5 HOH 75 576 95  HOH HOH B . 
F 5 HOH 76 577 96  HOH HOH B . 
F 5 HOH 77 578 97  HOH HOH B . 
F 5 HOH 78 579 98  HOH HOH B . 
F 5 HOH 79 580 99  HOH HOH B . 
F 5 HOH 80 581 100 HOH HOH B . 
F 5 HOH 81 582 101 HOH HOH B . 
F 5 HOH 82 583 102 HOH HOH B . 
F 5 HOH 83 584 103 HOH HOH B . 
F 5 HOH 84 585 104 HOH HOH B . 
F 5 HOH 85 586 105 HOH HOH B . 
F 5 HOH 86 587 106 HOH HOH B . 
F 5 HOH 87 588 108 HOH HOH B . 
F 5 HOH 88 589 110 HOH HOH B . 
F 5 HOH 89 590 111 HOH HOH B . 
F 5 HOH 90 591 112 HOH HOH B . 
F 5 HOH 91 592 113 HOH HOH B . 
F 5 HOH 92 593 114 HOH HOH B . 
F 5 HOH 93 594 115 HOH HOH B . 
F 5 HOH 94 595 117 HOH HOH B . 
F 5 HOH 95 596 118 HOH HOH B . 
F 5 HOH 96 597 119 HOH HOH B . 
F 5 HOH 97 598 120 HOH HOH B . 
F 5 HOH 98 599 121 HOH HOH B . 
F 5 HOH 99 600 122 HOH HOH B . 
# 
_pdbx_struct_assembly.id                   1 
_pdbx_struct_assembly.details              author_and_software_defined_assembly 
_pdbx_struct_assembly.method_details       PISA,PQS 
_pdbx_struct_assembly.oligomeric_details   octameric 
_pdbx_struct_assembly.oligomeric_count     8 
# 
_pdbx_struct_assembly_gen.assembly_id       1 
_pdbx_struct_assembly_gen.oper_expression   1,2,3,4 
_pdbx_struct_assembly_gen.asym_id_list      A,B,C,D,E,F 
# 
loop_
_pdbx_struct_assembly_prop.biol_id 
_pdbx_struct_assembly_prop.type 
_pdbx_struct_assembly_prop.value 
_pdbx_struct_assembly_prop.details 
1 'ABSA (A^2)' 25060 ? 
1 MORE         -127  ? 
1 'SSA (A^2)'  16260 ? 
# 
loop_
_pdbx_struct_oper_list.id 
_pdbx_struct_oper_list.type 
_pdbx_struct_oper_list.name 
_pdbx_struct_oper_list.symmetry_operation 
_pdbx_struct_oper_list.matrix[1][1] 
_pdbx_struct_oper_list.matrix[1][2] 
_pdbx_struct_oper_list.matrix[1][3] 
_pdbx_struct_oper_list.vector[1] 
_pdbx_struct_oper_list.matrix[2][1] 
_pdbx_struct_oper_list.matrix[2][2] 
_pdbx_struct_oper_list.matrix[2][3] 
_pdbx_struct_oper_list.vector[2] 
_pdbx_struct_oper_list.matrix[3][1] 
_pdbx_struct_oper_list.matrix[3][2] 
_pdbx_struct_oper_list.matrix[3][3] 
_pdbx_struct_oper_list.vector[3] 
1 'identity operation'         1_555 x,y,z      1.0000000000 0.0000000000  0.0000000000  0.0000000000  0.0000000000  1.0000000000  0.0000000000  0.0000000000   0.0000000000  0.0000000000  1.0000000000  0.0000000000   
2 'crystal symmetry operation' 2_755 -x+2,-y,z  0.9659846101 -0.2585489189 0.0051175826  0.3150039422  -0.2585489189 -0.9659979315 -0.0006730192 1.7508556346   0.0051175826  -0.0006730192 -0.9999866786 -32.5565965563 
3 'crystal symmetry operation' 3_645 -y+1,x-1,z 0.9829923050 -0.1318552919 -0.1278292230 -1.9627336849 -0.1266936270 0.0170010343  -0.9917961936 -15.2642551361 0.1329468056  0.9911231744  0.0000066607  -17.1667860345 
4 'crystal symmetry operation' 4_665 y+1,-x+1,z 0.9829923050 -0.1266936270 0.1329468056  2.2777376271  -0.1318552919 0.0170010343  0.9911231744  17.0151107707  -0.1278292230 -0.9917961936 0.0000066607  -15.3898105218 
# 
loop_
_pdbx_audit_revision_history.ordinal 
_pdbx_audit_revision_history.data_content_type 
_pdbx_audit_revision_history.major_revision 
_pdbx_audit_revision_history.minor_revision 
_pdbx_audit_revision_history.revision_date 
1 'Structure model' 1 0 2008-02-19 
2 'Structure model' 1 1 2011-07-13 
3 'Structure model' 1 2 2012-02-15 
4 'Structure model' 1 3 2023-10-25 
5 'Structure model' 2 0 2023-11-15 
# 
_pdbx_audit_revision_details.ordinal             1 
_pdbx_audit_revision_details.revision_ordinal    1 
_pdbx_audit_revision_details.data_content_type   'Structure model' 
_pdbx_audit_revision_details.provider            repository 
_pdbx_audit_revision_details.type                'Initial release' 
_pdbx_audit_revision_details.description         ? 
_pdbx_audit_revision_details.details             ? 
# 
loop_
_pdbx_audit_revision_group.ordinal 
_pdbx_audit_revision_group.revision_ordinal 
_pdbx_audit_revision_group.data_content_type 
_pdbx_audit_revision_group.group 
1  2 'Structure model' 'Derived calculations'      
2  2 'Structure model' 'Source and taxonomy'       
3  2 'Structure model' 'Version format compliance' 
4  3 'Structure model' 'Non-polymer description'   
5  4 'Structure model' 'Data collection'           
6  4 'Structure model' 'Database references'       
7  4 'Structure model' 'Derived calculations'      
8  4 'Structure model' 'Refinement description'    
9  5 'Structure model' 'Atomic model'              
10 5 'Structure model' 'Data collection'           
11 5 'Structure model' 'Derived calculations'      
# 
loop_
_pdbx_audit_revision_category.ordinal 
_pdbx_audit_revision_category.revision_ordinal 
_pdbx_audit_revision_category.data_content_type 
_pdbx_audit_revision_category.category 
1  4 'Structure model' chem_comp_atom                
2  4 'Structure model' chem_comp_bond                
3  4 'Structure model' database_2                    
4  4 'Structure model' pdbx_initial_refinement_model 
5  4 'Structure model' struct_conn                   
6  4 'Structure model' struct_site                   
7  5 'Structure model' atom_site                     
8  5 'Structure model' chem_comp_atom                
9  5 'Structure model' chem_comp_bond                
10 5 'Structure model' struct_conn                   
# 
loop_
_pdbx_audit_revision_item.ordinal 
_pdbx_audit_revision_item.revision_ordinal 
_pdbx_audit_revision_item.data_content_type 
_pdbx_audit_revision_item.item 
1  4 'Structure model' '_database_2.pdbx_DOI'                
2  4 'Structure model' '_database_2.pdbx_database_accession' 
3  4 'Structure model' '_struct_conn.pdbx_leaving_atom_flag' 
4  4 'Structure model' '_struct_site.pdbx_auth_asym_id'      
5  4 'Structure model' '_struct_site.pdbx_auth_comp_id'      
6  4 'Structure model' '_struct_site.pdbx_auth_seq_id'       
7  5 'Structure model' '_atom_site.auth_atom_id'             
8  5 'Structure model' '_atom_site.label_atom_id'            
9  5 'Structure model' '_chem_comp_atom.atom_id'             
10 5 'Structure model' '_chem_comp_bond.atom_id_1'           
11 5 'Structure model' '_chem_comp_bond.atom_id_2'           
12 5 'Structure model' '_struct_conn.ptnr1_label_atom_id'    
# 
loop_
_software.name 
_software.classification 
_software.version 
_software.citation_id 
_software.pdbx_ordinal 
CNS          refinement        1.1 ? 1 
CrystalClear 'data collection' .   ? 2 
CrystalClear 'data reduction'  .   ? 3 
CrystalClear 'data scaling'    .   ? 4 
AMoRE        phasing           .   ? 5 
# 
_pdbx_entry_details.sequence_details         
;25TH RESIDUE IN CHAIN B, SER WAS MODIFIED WITH PYR.
REFER TO MOD_RES OF FEATURES IN DATABASE, PAND_THET8.
;
_pdbx_entry_details.entry_id                 2EEO 
_pdbx_entry_details.nonpolymer_details       ? 
_pdbx_entry_details.compound_details         ? 
_pdbx_entry_details.source_details           ? 
_pdbx_entry_details.has_ligand_of_interest   ? 
# 
loop_
_pdbx_validate_torsion.id 
_pdbx_validate_torsion.PDB_model_num 
_pdbx_validate_torsion.auth_comp_id 
_pdbx_validate_torsion.auth_asym_id 
_pdbx_validate_torsion.auth_seq_id 
_pdbx_validate_torsion.PDB_ins_code 
_pdbx_validate_torsion.label_alt_id 
_pdbx_validate_torsion.phi 
_pdbx_validate_torsion.psi 
1 1 TYR A 22 ? ? -68.85  -179.58 
2 1 PHE B 41 ? ? 81.61   -3.92   
3 1 THR B 57 ? ? -155.87 -154.01 
# 
_pdbx_unobs_or_zero_occ_residues.id               1 
_pdbx_unobs_or_zero_occ_residues.PDB_model_num    1 
_pdbx_unobs_or_zero_occ_residues.polymer_flag     Y 
_pdbx_unobs_or_zero_occ_residues.occupancy_flag   1 
_pdbx_unobs_or_zero_occ_residues.auth_asym_id     A 
_pdbx_unobs_or_zero_occ_residues.auth_comp_id     GLY 
_pdbx_unobs_or_zero_occ_residues.auth_seq_id      24 
_pdbx_unobs_or_zero_occ_residues.PDB_ins_code     ? 
_pdbx_unobs_or_zero_occ_residues.label_asym_id    A 
_pdbx_unobs_or_zero_occ_residues.label_comp_id    GLY 
_pdbx_unobs_or_zero_occ_residues.label_seq_id     24 
# 
loop_
_chem_comp_atom.comp_id 
_chem_comp_atom.atom_id 
_chem_comp_atom.type_symbol 
_chem_comp_atom.pdbx_aromatic_flag 
_chem_comp_atom.pdbx_stereo_config 
_chem_comp_atom.pdbx_ordinal 
ALA N    N N N 1   
ALA CA   C N S 2   
ALA C    C N N 3   
ALA O    O N N 4   
ALA CB   C N N 5   
ALA OXT  O N N 6   
ALA H    H N N 7   
ALA H2   H N N 8   
ALA HA   H N N 9   
ALA HB1  H N N 10  
ALA HB2  H N N 11  
ALA HB3  H N N 12  
ALA HXT  H N N 13  
ARG N    N N N 14  
ARG CA   C N S 15  
ARG C    C N N 16  
ARG O    O N N 17  
ARG CB   C N N 18  
ARG CG   C N N 19  
ARG CD   C N N 20  
ARG NE   N N N 21  
ARG CZ   C N N 22  
ARG NH1  N N N 23  
ARG NH2  N N N 24  
ARG OXT  O N N 25  
ARG H    H N N 26  
ARG H2   H N N 27  
ARG HA   H N N 28  
ARG HB2  H N N 29  
ARG HB3  H N N 30  
ARG HG2  H N N 31  
ARG HG3  H N N 32  
ARG HD2  H N N 33  
ARG HD3  H N N 34  
ARG HE   H N N 35  
ARG HH11 H N N 36  
ARG HH12 H N N 37  
ARG HH21 H N N 38  
ARG HH22 H N N 39  
ARG HXT  H N N 40  
ASN N    N N N 41  
ASN CA   C N S 42  
ASN C    C N N 43  
ASN O    O N N 44  
ASN CB   C N N 45  
ASN CG   C N N 46  
ASN OD1  O N N 47  
ASN ND2  N N N 48  
ASN OXT  O N N 49  
ASN H    H N N 50  
ASN H2   H N N 51  
ASN HA   H N N 52  
ASN HB2  H N N 53  
ASN HB3  H N N 54  
ASN HD21 H N N 55  
ASN HD22 H N N 56  
ASN HXT  H N N 57  
ASP N    N N N 58  
ASP CA   C N S 59  
ASP C    C N N 60  
ASP O    O N N 61  
ASP CB   C N N 62  
ASP CG   C N N 63  
ASP OD1  O N N 64  
ASP OD2  O N N 65  
ASP OXT  O N N 66  
ASP H    H N N 67  
ASP H2   H N N 68  
ASP HA   H N N 69  
ASP HB2  H N N 70  
ASP HB3  H N N 71  
ASP HD2  H N N 72  
ASP HXT  H N N 73  
FUM OXT  O N N 74  
FUM C    C N N 75  
FUM O    O N N 76  
FUM C4   C N N 77  
FUM C5   C N N 78  
FUM C6   C N N 79  
FUM O7   O N N 80  
FUM O8   O N N 81  
FUM HXT  H N N 82  
FUM H4   H N N 83  
FUM H5   H N N 84  
FUM HO8  H N N 85  
GLN N    N N N 86  
GLN CA   C N S 87  
GLN C    C N N 88  
GLN O    O N N 89  
GLN CB   C N N 90  
GLN CG   C N N 91  
GLN CD   C N N 92  
GLN OE1  O N N 93  
GLN NE2  N N N 94  
GLN OXT  O N N 95  
GLN H    H N N 96  
GLN H2   H N N 97  
GLN HA   H N N 98  
GLN HB2  H N N 99  
GLN HB3  H N N 100 
GLN HG2  H N N 101 
GLN HG3  H N N 102 
GLN HE21 H N N 103 
GLN HE22 H N N 104 
GLN HXT  H N N 105 
GLU N    N N N 106 
GLU CA   C N S 107 
GLU C    C N N 108 
GLU O    O N N 109 
GLU CB   C N N 110 
GLU CG   C N N 111 
GLU CD   C N N 112 
GLU OE1  O N N 113 
GLU OE2  O N N 114 
GLU OXT  O N N 115 
GLU H    H N N 116 
GLU H2   H N N 117 
GLU HA   H N N 118 
GLU HB2  H N N 119 
GLU HB3  H N N 120 
GLU HG2  H N N 121 
GLU HG3  H N N 122 
GLU HE2  H N N 123 
GLU HXT  H N N 124 
GLY N    N N N 125 
GLY CA   C N N 126 
GLY C    C N N 127 
GLY O    O N N 128 
GLY OXT  O N N 129 
GLY H    H N N 130 
GLY H2   H N N 131 
GLY HA2  H N N 132 
GLY HA3  H N N 133 
GLY HXT  H N N 134 
HIS N    N N N 135 
HIS CA   C N S 136 
HIS C    C N N 137 
HIS O    O N N 138 
HIS CB   C N N 139 
HIS CG   C Y N 140 
HIS ND1  N Y N 141 
HIS CD2  C Y N 142 
HIS CE1  C Y N 143 
HIS NE2  N Y N 144 
HIS OXT  O N N 145 
HIS H    H N N 146 
HIS H2   H N N 147 
HIS HA   H N N 148 
HIS HB2  H N N 149 
HIS HB3  H N N 150 
HIS HD1  H N N 151 
HIS HD2  H N N 152 
HIS HE1  H N N 153 
HIS HE2  H N N 154 
HIS HXT  H N N 155 
HOH O    O N N 156 
HOH H1   H N N 157 
HOH H2   H N N 158 
ILE N    N N N 159 
ILE CA   C N S 160 
ILE C    C N N 161 
ILE O    O N N 162 
ILE CB   C N S 163 
ILE CG1  C N N 164 
ILE CG2  C N N 165 
ILE CD1  C N N 166 
ILE OXT  O N N 167 
ILE H    H N N 168 
ILE H2   H N N 169 
ILE HA   H N N 170 
ILE HB   H N N 171 
ILE HG12 H N N 172 
ILE HG13 H N N 173 
ILE HG21 H N N 174 
ILE HG22 H N N 175 
ILE HG23 H N N 176 
ILE HD11 H N N 177 
ILE HD12 H N N 178 
ILE HD13 H N N 179 
ILE HXT  H N N 180 
LEU N    N N N 181 
LEU CA   C N S 182 
LEU C    C N N 183 
LEU O    O N N 184 
LEU CB   C N N 185 
LEU CG   C N N 186 
LEU CD1  C N N 187 
LEU CD2  C N N 188 
LEU OXT  O N N 189 
LEU H    H N N 190 
LEU H2   H N N 191 
LEU HA   H N N 192 
LEU HB2  H N N 193 
LEU HB3  H N N 194 
LEU HG   H N N 195 
LEU HD11 H N N 196 
LEU HD12 H N N 197 
LEU HD13 H N N 198 
LEU HD21 H N N 199 
LEU HD22 H N N 200 
LEU HD23 H N N 201 
LEU HXT  H N N 202 
LYS N    N N N 203 
LYS CA   C N S 204 
LYS C    C N N 205 
LYS O    O N N 206 
LYS CB   C N N 207 
LYS CG   C N N 208 
LYS CD   C N N 209 
LYS CE   C N N 210 
LYS NZ   N N N 211 
LYS OXT  O N N 212 
LYS H    H N N 213 
LYS H2   H N N 214 
LYS HA   H N N 215 
LYS HB2  H N N 216 
LYS HB3  H N N 217 
LYS HG2  H N N 218 
LYS HG3  H N N 219 
LYS HD2  H N N 220 
LYS HD3  H N N 221 
LYS HE2  H N N 222 
LYS HE3  H N N 223 
LYS HZ1  H N N 224 
LYS HZ2  H N N 225 
LYS HZ3  H N N 226 
LYS HXT  H N N 227 
MET N    N N N 228 
MET CA   C N S 229 
MET C    C N N 230 
MET O    O N N 231 
MET CB   C N N 232 
MET CG   C N N 233 
MET SD   S N N 234 
MET CE   C N N 235 
MET OXT  O N N 236 
MET H    H N N 237 
MET H2   H N N 238 
MET HA   H N N 239 
MET HB2  H N N 240 
MET HB3  H N N 241 
MET HG2  H N N 242 
MET HG3  H N N 243 
MET HE1  H N N 244 
MET HE2  H N N 245 
MET HE3  H N N 246 
MET HXT  H N N 247 
PHE N    N N N 248 
PHE CA   C N S 249 
PHE C    C N N 250 
PHE O    O N N 251 
PHE CB   C N N 252 
PHE CG   C Y N 253 
PHE CD1  C Y N 254 
PHE CD2  C Y N 255 
PHE CE1  C Y N 256 
PHE CE2  C Y N 257 
PHE CZ   C Y N 258 
PHE OXT  O N N 259 
PHE H    H N N 260 
PHE H2   H N N 261 
PHE HA   H N N 262 
PHE HB2  H N N 263 
PHE HB3  H N N 264 
PHE HD1  H N N 265 
PHE HD2  H N N 266 
PHE HE1  H N N 267 
PHE HE2  H N N 268 
PHE HZ   H N N 269 
PHE HXT  H N N 270 
PRO N    N N N 271 
PRO CA   C N S 272 
PRO C    C N N 273 
PRO O    O N N 274 
PRO CB   C N N 275 
PRO CG   C N N 276 
PRO CD   C N N 277 
PRO OXT  O N N 278 
PRO H    H N N 279 
PRO HA   H N N 280 
PRO HB2  H N N 281 
PRO HB3  H N N 282 
PRO HG2  H N N 283 
PRO HG3  H N N 284 
PRO HD2  H N N 285 
PRO HD3  H N N 286 
PRO HXT  H N N 287 
PYR C    C N N 288 
PYR O    O N N 289 
PYR OXT  O N N 290 
PYR CA   C N N 291 
PYR O3   O N N 292 
PYR CB   C N N 293 
PYR HXT  H N N 294 
PYR HB1  H N N 295 
PYR HB2  H N N 296 
PYR HB3  H N N 297 
SER N    N N N 298 
SER CA   C N S 299 
SER C    C N N 300 
SER O    O N N 301 
SER CB   C N N 302 
SER OG   O N N 303 
SER OXT  O N N 304 
SER H    H N N 305 
SER H2   H N N 306 
SER HA   H N N 307 
SER HB2  H N N 308 
SER HB3  H N N 309 
SER HG   H N N 310 
SER HXT  H N N 311 
THR N    N N N 312 
THR CA   C N S 313 
THR C    C N N 314 
THR O    O N N 315 
THR CB   C N R 316 
THR OG1  O N N 317 
THR CG2  C N N 318 
THR OXT  O N N 319 
THR H    H N N 320 
THR H2   H N N 321 
THR HA   H N N 322 
THR HB   H N N 323 
THR HG1  H N N 324 
THR HG21 H N N 325 
THR HG22 H N N 326 
THR HG23 H N N 327 
THR HXT  H N N 328 
TYR N    N N N 329 
TYR CA   C N S 330 
TYR C    C N N 331 
TYR O    O N N 332 
TYR CB   C N N 333 
TYR CG   C Y N 334 
TYR CD1  C Y N 335 
TYR CD2  C Y N 336 
TYR CE1  C Y N 337 
TYR CE2  C Y N 338 
TYR CZ   C Y N 339 
TYR OH   O N N 340 
TYR OXT  O N N 341 
TYR H    H N N 342 
TYR H2   H N N 343 
TYR HA   H N N 344 
TYR HB2  H N N 345 
TYR HB3  H N N 346 
TYR HD1  H N N 347 
TYR HD2  H N N 348 
TYR HE1  H N N 349 
TYR HE2  H N N 350 
TYR HH   H N N 351 
TYR HXT  H N N 352 
VAL N    N N N 353 
VAL CA   C N S 354 
VAL C    C N N 355 
VAL O    O N N 356 
VAL CB   C N N 357 
VAL CG1  C N N 358 
VAL CG2  C N N 359 
VAL OXT  O N N 360 
VAL H    H N N 361 
VAL H2   H N N 362 
VAL HA   H N N 363 
VAL HB   H N N 364 
VAL HG11 H N N 365 
VAL HG12 H N N 366 
VAL HG13 H N N 367 
VAL HG21 H N N 368 
VAL HG22 H N N 369 
VAL HG23 H N N 370 
VAL HXT  H N N 371 
# 
loop_
_chem_comp_bond.comp_id 
_chem_comp_bond.atom_id_1 
_chem_comp_bond.atom_id_2 
_chem_comp_bond.value_order 
_chem_comp_bond.pdbx_aromatic_flag 
_chem_comp_bond.pdbx_stereo_config 
_chem_comp_bond.pdbx_ordinal 
ALA N   CA   sing N N 1   
ALA N   H    sing N N 2   
ALA N   H2   sing N N 3   
ALA CA  C    sing N N 4   
ALA CA  CB   sing N N 5   
ALA CA  HA   sing N N 6   
ALA C   O    doub N N 7   
ALA C   OXT  sing N N 8   
ALA CB  HB1  sing N N 9   
ALA CB  HB2  sing N N 10  
ALA CB  HB3  sing N N 11  
ALA OXT HXT  sing N N 12  
ARG N   CA   sing N N 13  
ARG N   H    sing N N 14  
ARG N   H2   sing N N 15  
ARG CA  C    sing N N 16  
ARG CA  CB   sing N N 17  
ARG CA  HA   sing N N 18  
ARG C   O    doub N N 19  
ARG C   OXT  sing N N 20  
ARG CB  CG   sing N N 21  
ARG CB  HB2  sing N N 22  
ARG CB  HB3  sing N N 23  
ARG CG  CD   sing N N 24  
ARG CG  HG2  sing N N 25  
ARG CG  HG3  sing N N 26  
ARG CD  NE   sing N N 27  
ARG CD  HD2  sing N N 28  
ARG CD  HD3  sing N N 29  
ARG NE  CZ   sing N N 30  
ARG NE  HE   sing N N 31  
ARG CZ  NH1  sing N N 32  
ARG CZ  NH2  doub N N 33  
ARG NH1 HH11 sing N N 34  
ARG NH1 HH12 sing N N 35  
ARG NH2 HH21 sing N N 36  
ARG NH2 HH22 sing N N 37  
ARG OXT HXT  sing N N 38  
ASN N   CA   sing N N 39  
ASN N   H    sing N N 40  
ASN N   H2   sing N N 41  
ASN CA  C    sing N N 42  
ASN CA  CB   sing N N 43  
ASN CA  HA   sing N N 44  
ASN C   O    doub N N 45  
ASN C   OXT  sing N N 46  
ASN CB  CG   sing N N 47  
ASN CB  HB2  sing N N 48  
ASN CB  HB3  sing N N 49  
ASN CG  OD1  doub N N 50  
ASN CG  ND2  sing N N 51  
ASN ND2 HD21 sing N N 52  
ASN ND2 HD22 sing N N 53  
ASN OXT HXT  sing N N 54  
ASP N   CA   sing N N 55  
ASP N   H    sing N N 56  
ASP N   H2   sing N N 57  
ASP CA  C    sing N N 58  
ASP CA  CB   sing N N 59  
ASP CA  HA   sing N N 60  
ASP C   O    doub N N 61  
ASP C   OXT  sing N N 62  
ASP CB  CG   sing N N 63  
ASP CB  HB2  sing N N 64  
ASP CB  HB3  sing N N 65  
ASP CG  OD1  doub N N 66  
ASP CG  OD2  sing N N 67  
ASP OD2 HD2  sing N N 68  
ASP OXT HXT  sing N N 69  
FUM OXT C    sing N N 70  
FUM OXT HXT  sing N N 71  
FUM C   O    doub N N 72  
FUM C   C4   sing N N 73  
FUM C4  C5   doub N E 74  
FUM C4  H4   sing N N 75  
FUM C5  C6   sing N N 76  
FUM C5  H5   sing N N 77  
FUM C6  O7   doub N N 78  
FUM C6  O8   sing N N 79  
FUM O8  HO8  sing N N 80  
GLN N   CA   sing N N 81  
GLN N   H    sing N N 82  
GLN N   H2   sing N N 83  
GLN CA  C    sing N N 84  
GLN CA  CB   sing N N 85  
GLN CA  HA   sing N N 86  
GLN C   O    doub N N 87  
GLN C   OXT  sing N N 88  
GLN CB  CG   sing N N 89  
GLN CB  HB2  sing N N 90  
GLN CB  HB3  sing N N 91  
GLN CG  CD   sing N N 92  
GLN CG  HG2  sing N N 93  
GLN CG  HG3  sing N N 94  
GLN CD  OE1  doub N N 95  
GLN CD  NE2  sing N N 96  
GLN NE2 HE21 sing N N 97  
GLN NE2 HE22 sing N N 98  
GLN OXT HXT  sing N N 99  
GLU N   CA   sing N N 100 
GLU N   H    sing N N 101 
GLU N   H2   sing N N 102 
GLU CA  C    sing N N 103 
GLU CA  CB   sing N N 104 
GLU CA  HA   sing N N 105 
GLU C   O    doub N N 106 
GLU C   OXT  sing N N 107 
GLU CB  CG   sing N N 108 
GLU CB  HB2  sing N N 109 
GLU CB  HB3  sing N N 110 
GLU CG  CD   sing N N 111 
GLU CG  HG2  sing N N 112 
GLU CG  HG3  sing N N 113 
GLU CD  OE1  doub N N 114 
GLU CD  OE2  sing N N 115 
GLU OE2 HE2  sing N N 116 
GLU OXT HXT  sing N N 117 
GLY N   CA   sing N N 118 
GLY N   H    sing N N 119 
GLY N   H2   sing N N 120 
GLY CA  C    sing N N 121 
GLY CA  HA2  sing N N 122 
GLY CA  HA3  sing N N 123 
GLY C   O    doub N N 124 
GLY C   OXT  sing N N 125 
GLY OXT HXT  sing N N 126 
HIS N   CA   sing N N 127 
HIS N   H    sing N N 128 
HIS N   H2   sing N N 129 
HIS CA  C    sing N N 130 
HIS CA  CB   sing N N 131 
HIS CA  HA   sing N N 132 
HIS C   O    doub N N 133 
HIS C   OXT  sing N N 134 
HIS CB  CG   sing N N 135 
HIS CB  HB2  sing N N 136 
HIS CB  HB3  sing N N 137 
HIS CG  ND1  sing Y N 138 
HIS CG  CD2  doub Y N 139 
HIS ND1 CE1  doub Y N 140 
HIS ND1 HD1  sing N N 141 
HIS CD2 NE2  sing Y N 142 
HIS CD2 HD2  sing N N 143 
HIS CE1 NE2  sing Y N 144 
HIS CE1 HE1  sing N N 145 
HIS NE2 HE2  sing N N 146 
HIS OXT HXT  sing N N 147 
HOH O   H1   sing N N 148 
HOH O   H2   sing N N 149 
ILE N   CA   sing N N 150 
ILE N   H    sing N N 151 
ILE N   H2   sing N N 152 
ILE CA  C    sing N N 153 
ILE CA  CB   sing N N 154 
ILE CA  HA   sing N N 155 
ILE C   O    doub N N 156 
ILE C   OXT  sing N N 157 
ILE CB  CG1  sing N N 158 
ILE CB  CG2  sing N N 159 
ILE CB  HB   sing N N 160 
ILE CG1 CD1  sing N N 161 
ILE CG1 HG12 sing N N 162 
ILE CG1 HG13 sing N N 163 
ILE CG2 HG21 sing N N 164 
ILE CG2 HG22 sing N N 165 
ILE CG2 HG23 sing N N 166 
ILE CD1 HD11 sing N N 167 
ILE CD1 HD12 sing N N 168 
ILE CD1 HD13 sing N N 169 
ILE OXT HXT  sing N N 170 
LEU N   CA   sing N N 171 
LEU N   H    sing N N 172 
LEU N   H2   sing N N 173 
LEU CA  C    sing N N 174 
LEU CA  CB   sing N N 175 
LEU CA  HA   sing N N 176 
LEU C   O    doub N N 177 
LEU C   OXT  sing N N 178 
LEU CB  CG   sing N N 179 
LEU CB  HB2  sing N N 180 
LEU CB  HB3  sing N N 181 
LEU CG  CD1  sing N N 182 
LEU CG  CD2  sing N N 183 
LEU CG  HG   sing N N 184 
LEU CD1 HD11 sing N N 185 
LEU CD1 HD12 sing N N 186 
LEU CD1 HD13 sing N N 187 
LEU CD2 HD21 sing N N 188 
LEU CD2 HD22 sing N N 189 
LEU CD2 HD23 sing N N 190 
LEU OXT HXT  sing N N 191 
LYS N   CA   sing N N 192 
LYS N   H    sing N N 193 
LYS N   H2   sing N N 194 
LYS CA  C    sing N N 195 
LYS CA  CB   sing N N 196 
LYS CA  HA   sing N N 197 
LYS C   O    doub N N 198 
LYS C   OXT  sing N N 199 
LYS CB  CG   sing N N 200 
LYS CB  HB2  sing N N 201 
LYS CB  HB3  sing N N 202 
LYS CG  CD   sing N N 203 
LYS CG  HG2  sing N N 204 
LYS CG  HG3  sing N N 205 
LYS CD  CE   sing N N 206 
LYS CD  HD2  sing N N 207 
LYS CD  HD3  sing N N 208 
LYS CE  NZ   sing N N 209 
LYS CE  HE2  sing N N 210 
LYS CE  HE3  sing N N 211 
LYS NZ  HZ1  sing N N 212 
LYS NZ  HZ2  sing N N 213 
LYS NZ  HZ3  sing N N 214 
LYS OXT HXT  sing N N 215 
MET N   CA   sing N N 216 
MET N   H    sing N N 217 
MET N   H2   sing N N 218 
MET CA  C    sing N N 219 
MET CA  CB   sing N N 220 
MET CA  HA   sing N N 221 
MET C   O    doub N N 222 
MET C   OXT  sing N N 223 
MET CB  CG   sing N N 224 
MET CB  HB2  sing N N 225 
MET CB  HB3  sing N N 226 
MET CG  SD   sing N N 227 
MET CG  HG2  sing N N 228 
MET CG  HG3  sing N N 229 
MET SD  CE   sing N N 230 
MET CE  HE1  sing N N 231 
MET CE  HE2  sing N N 232 
MET CE  HE3  sing N N 233 
MET OXT HXT  sing N N 234 
PHE N   CA   sing N N 235 
PHE N   H    sing N N 236 
PHE N   H2   sing N N 237 
PHE CA  C    sing N N 238 
PHE CA  CB   sing N N 239 
PHE CA  HA   sing N N 240 
PHE C   O    doub N N 241 
PHE C   OXT  sing N N 242 
PHE CB  CG   sing N N 243 
PHE CB  HB2  sing N N 244 
PHE CB  HB3  sing N N 245 
PHE CG  CD1  doub Y N 246 
PHE CG  CD2  sing Y N 247 
PHE CD1 CE1  sing Y N 248 
PHE CD1 HD1  sing N N 249 
PHE CD2 CE2  doub Y N 250 
PHE CD2 HD2  sing N N 251 
PHE CE1 CZ   doub Y N 252 
PHE CE1 HE1  sing N N 253 
PHE CE2 CZ   sing Y N 254 
PHE CE2 HE2  sing N N 255 
PHE CZ  HZ   sing N N 256 
PHE OXT HXT  sing N N 257 
PRO N   CA   sing N N 258 
PRO N   CD   sing N N 259 
PRO N   H    sing N N 260 
PRO CA  C    sing N N 261 
PRO CA  CB   sing N N 262 
PRO CA  HA   sing N N 263 
PRO C   O    doub N N 264 
PRO C   OXT  sing N N 265 
PRO CB  CG   sing N N 266 
PRO CB  HB2  sing N N 267 
PRO CB  HB3  sing N N 268 
PRO CG  CD   sing N N 269 
PRO CG  HG2  sing N N 270 
PRO CG  HG3  sing N N 271 
PRO CD  HD2  sing N N 272 
PRO CD  HD3  sing N N 273 
PRO OXT HXT  sing N N 274 
PYR C   O    doub N N 275 
PYR C   OXT  sing N N 276 
PYR C   CA   sing N N 277 
PYR OXT HXT  sing N N 278 
PYR CA  O3   doub N N 279 
PYR CA  CB   sing N N 280 
PYR CB  HB1  sing N N 281 
PYR CB  HB2  sing N N 282 
PYR CB  HB3  sing N N 283 
SER N   CA   sing N N 284 
SER N   H    sing N N 285 
SER N   H2   sing N N 286 
SER CA  C    sing N N 287 
SER CA  CB   sing N N 288 
SER CA  HA   sing N N 289 
SER C   O    doub N N 290 
SER C   OXT  sing N N 291 
SER CB  OG   sing N N 292 
SER CB  HB2  sing N N 293 
SER CB  HB3  sing N N 294 
SER OG  HG   sing N N 295 
SER OXT HXT  sing N N 296 
THR N   CA   sing N N 297 
THR N   H    sing N N 298 
THR N   H2   sing N N 299 
THR CA  C    sing N N 300 
THR CA  CB   sing N N 301 
THR CA  HA   sing N N 302 
THR C   O    doub N N 303 
THR C   OXT  sing N N 304 
THR CB  OG1  sing N N 305 
THR CB  CG2  sing N N 306 
THR CB  HB   sing N N 307 
THR OG1 HG1  sing N N 308 
THR CG2 HG21 sing N N 309 
THR CG2 HG22 sing N N 310 
THR CG2 HG23 sing N N 311 
THR OXT HXT  sing N N 312 
TYR N   CA   sing N N 313 
TYR N   H    sing N N 314 
TYR N   H2   sing N N 315 
TYR CA  C    sing N N 316 
TYR CA  CB   sing N N 317 
TYR CA  HA   sing N N 318 
TYR C   O    doub N N 319 
TYR C   OXT  sing N N 320 
TYR CB  CG   sing N N 321 
TYR CB  HB2  sing N N 322 
TYR CB  HB3  sing N N 323 
TYR CG  CD1  doub Y N 324 
TYR CG  CD2  sing Y N 325 
TYR CD1 CE1  sing Y N 326 
TYR CD1 HD1  sing N N 327 
TYR CD2 CE2  doub Y N 328 
TYR CD2 HD2  sing N N 329 
TYR CE1 CZ   doub Y N 330 
TYR CE1 HE1  sing N N 331 
TYR CE2 CZ   sing Y N 332 
TYR CE2 HE2  sing N N 333 
TYR CZ  OH   sing N N 334 
TYR OH  HH   sing N N 335 
TYR OXT HXT  sing N N 336 
VAL N   CA   sing N N 337 
VAL N   H    sing N N 338 
VAL N   H2   sing N N 339 
VAL CA  C    sing N N 340 
VAL CA  CB   sing N N 341 
VAL CA  HA   sing N N 342 
VAL C   O    doub N N 343 
VAL C   OXT  sing N N 344 
VAL CB  CG1  sing N N 345 
VAL CB  CG2  sing N N 346 
VAL CB  HB   sing N N 347 
VAL CG1 HG11 sing N N 348 
VAL CG1 HG12 sing N N 349 
VAL CG1 HG13 sing N N 350 
VAL CG2 HG21 sing N N 351 
VAL CG2 HG22 sing N N 352 
VAL CG2 HG23 sing N N 353 
VAL OXT HXT  sing N N 354 
# 
loop_
_pdbx_entity_nonpoly.entity_id 
_pdbx_entity_nonpoly.name 
_pdbx_entity_nonpoly.comp_id 
3 'PYRUVIC ACID' PYR 
4 'FUMARIC ACID' FUM 
5 water          HOH 
# 
_pdbx_initial_refinement_model.id               1 
_pdbx_initial_refinement_model.entity_id_list   ? 
_pdbx_initial_refinement_model.type             'experimental model' 
_pdbx_initial_refinement_model.source_name      PDB 
_pdbx_initial_refinement_model.accession_code   1VC3 
_pdbx_initial_refinement_model.details          'PDB ID: 1VC3' 
# 
